data_2CUT
# 
_entry.id   2CUT 
# 
_audit_conform.dict_name       mmcif_pdbx.dic 
_audit_conform.dict_version    5.399 
_audit_conform.dict_location   http://mmcif.pdb.org/dictionaries/ascii/mmcif_pdbx.dic 
# 
loop_
_database_2.database_id 
_database_2.database_code 
_database_2.pdbx_database_accession 
_database_2.pdbx_DOI 
PDB   2CUT         pdb_00002cut 10.2210/pdb2cut/pdb 
WWPDB D_1000177963 ?            ?                   
# 
loop_
_pdbx_audit_revision_history.ordinal 
_pdbx_audit_revision_history.data_content_type 
_pdbx_audit_revision_history.major_revision 
_pdbx_audit_revision_history.minor_revision 
_pdbx_audit_revision_history.revision_date 
1 'Structure model' 1 0 1994-08-31 
2 'Structure model' 1 1 2008-03-03 
3 'Structure model' 1 2 2011-07-13 
4 'Structure model' 1 3 2017-11-29 
5 'Structure model' 1 4 2024-11-20 
# 
_pdbx_audit_revision_details.ordinal             1 
_pdbx_audit_revision_details.revision_ordinal    1 
_pdbx_audit_revision_details.data_content_type   'Structure model' 
_pdbx_audit_revision_details.provider            repository 
_pdbx_audit_revision_details.type                'Initial release' 
_pdbx_audit_revision_details.description         ? 
_pdbx_audit_revision_details.details             ? 
# 
loop_
_pdbx_audit_revision_group.ordinal 
_pdbx_audit_revision_group.revision_ordinal 
_pdbx_audit_revision_group.data_content_type 
_pdbx_audit_revision_group.group 
1 2 'Structure model' 'Version format compliance' 
2 3 'Structure model' 'Version format compliance' 
3 4 'Structure model' 'Derived calculations'      
4 4 'Structure model' Other                       
5 5 'Structure model' 'Data collection'           
6 5 'Structure model' 'Database references'       
7 5 'Structure model' 'Derived calculations'      
8 5 'Structure model' 'Structure summary'         
# 
loop_
_pdbx_audit_revision_category.ordinal 
_pdbx_audit_revision_category.revision_ordinal 
_pdbx_audit_revision_category.data_content_type 
_pdbx_audit_revision_category.category 
1  4 'Structure model' pdbx_database_status      
2  4 'Structure model' struct_conf               
3  4 'Structure model' struct_conf_type          
4  5 'Structure model' chem_comp_atom            
5  5 'Structure model' chem_comp_bond            
6  5 'Structure model' database_2                
7  5 'Structure model' pdbx_entry_details        
8  5 'Structure model' pdbx_modification_feature 
9  5 'Structure model' struct_conn               
10 5 'Structure model' struct_ref_seq_dif        
11 5 'Structure model' struct_site               
# 
loop_
_pdbx_audit_revision_item.ordinal 
_pdbx_audit_revision_item.revision_ordinal 
_pdbx_audit_revision_item.data_content_type 
_pdbx_audit_revision_item.item 
1 4 'Structure model' '_pdbx_database_status.process_site'           
2 5 'Structure model' '_database_2.pdbx_DOI'                         
3 5 'Structure model' '_database_2.pdbx_database_accession'          
4 5 'Structure model' '_pdbx_entry_details.has_protein_modification' 
5 5 'Structure model' '_struct_conn.pdbx_leaving_atom_flag'          
6 5 'Structure model' '_struct_ref_seq_dif.details'                  
7 5 'Structure model' '_struct_site.pdbx_auth_asym_id'               
8 5 'Structure model' '_struct_site.pdbx_auth_comp_id'               
9 5 'Structure model' '_struct_site.pdbx_auth_seq_id'                
# 
_pdbx_database_status.status_code                     REL 
_pdbx_database_status.entry_id                        2CUT 
_pdbx_database_status.recvd_initial_deposition_date   1994-06-03 
_pdbx_database_status.deposit_site                    ? 
_pdbx_database_status.process_site                    BNL 
_pdbx_database_status.SG_entry                        . 
_pdbx_database_status.status_code_sf                  ? 
_pdbx_database_status.status_code_mr                  ? 
_pdbx_database_status.pdb_format_compatible           Y 
_pdbx_database_status.status_code_cs                  ? 
_pdbx_database_status.methods_development_category    ? 
_pdbx_database_status.status_code_nmr_data            ? 
# 
loop_
_audit_author.name 
_audit_author.pdbx_ordinal 
'Martinez, C.'  1 
'Cambillau, C.' 2 
# 
_citation.id                        primary 
_citation.title                     'Cutinase, a lipolytic enzyme with a preformed oxyanion hole.' 
_citation.journal_abbrev            Biochemistry 
_citation.journal_volume            33 
_citation.page_first                83 
_citation.page_last                 89 
_citation.year                      1994 
_citation.journal_id_ASTM           BICHAW 
_citation.country                   US 
_citation.journal_id_ISSN           0006-2960 
_citation.journal_id_CSD            0033 
_citation.book_publisher            ? 
_citation.pdbx_database_id_PubMed   8286366 
_citation.pdbx_database_id_DOI      10.1021/bi00167a011 
# 
loop_
_citation_author.citation_id 
_citation_author.name 
_citation_author.ordinal 
_citation_author.identifier_ORCID 
primary 'Martinez, C.'      1 ? 
primary 'Nicolas, A.'       2 ? 
primary 'van Tilbeurgh, H.' 3 ? 
primary 'Egloff, M.P.'      4 ? 
primary 'Cudrey, C.'        5 ? 
primary 'Verger, R.'        6 ? 
primary 'Cambillau, C.'     7 ? 
# 
loop_
_entity.id 
_entity.type 
_entity.src_method 
_entity.pdbx_description 
_entity.formula_weight 
_entity.pdbx_number_of_molecules 
_entity.pdbx_ec 
_entity.pdbx_mutation 
_entity.pdbx_fragment 
_entity.details 
1 polymer     man CUTINASE              20584.129 1   3.1.1.- ? ? ? 
2 non-polymer syn 'DIETHYL PHOSPHONATE' 138.102   1   ?       ? ? ? 
3 water       nat water                 18.015    119 ?       ? ? ? 
# 
_entity_poly.entity_id                      1 
_entity_poly.type                           'polypeptide(L)' 
_entity_poly.nstd_linkage                   no 
_entity_poly.nstd_monomer                   no 
_entity_poly.pdbx_seq_one_letter_code       
;LGRTTRDDLINGNSASCADVIFIYARGSTETGNLGTLGPSIASNLESAFGKDGVWIQGVGGAYRATLGDNALPRGTSSAA
IREMLGLFQQANTKCPDATLIAGGYSQGAALAAASIEDLDSAIRDKIAGTVLFGYTKNLQNRGRIPNYPADRTKVFCNTG
DLVCTGSLIVAAPHLAYGPDARGPAPEFLIEKVRAVRG
;
_entity_poly.pdbx_seq_one_letter_code_can   
;LGRTTRDDLINGNSASCADVIFIYARGSTETGNLGTLGPSIASNLESAFGKDGVWIQGVGGAYRATLGDNALPRGTSSAA
IREMLGLFQQANTKCPDATLIAGGYSQGAALAAASIEDLDSAIRDKIAGTVLFGYTKNLQNRGRIPNYPADRTKVFCNTG
DLVCTGSLIVAAPHLAYGPDARGPAPEFLIEKVRAVRG
;
_entity_poly.pdbx_strand_id                 A 
_entity_poly.pdbx_target_identifier         ? 
# 
loop_
_pdbx_entity_nonpoly.entity_id 
_pdbx_entity_nonpoly.name 
_pdbx_entity_nonpoly.comp_id 
2 'DIETHYL PHOSPHONATE' DEP 
3 water                 HOH 
# 
loop_
_entity_poly_seq.entity_id 
_entity_poly_seq.num 
_entity_poly_seq.mon_id 
_entity_poly_seq.hetero 
1 1   LEU n 
1 2   GLY n 
1 3   ARG n 
1 4   THR n 
1 5   THR n 
1 6   ARG n 
1 7   ASP n 
1 8   ASP n 
1 9   LEU n 
1 10  ILE n 
1 11  ASN n 
1 12  GLY n 
1 13  ASN n 
1 14  SER n 
1 15  ALA n 
1 16  SER n 
1 17  CYS n 
1 18  ALA n 
1 19  ASP n 
1 20  VAL n 
1 21  ILE n 
1 22  PHE n 
1 23  ILE n 
1 24  TYR n 
1 25  ALA n 
1 26  ARG n 
1 27  GLY n 
1 28  SER n 
1 29  THR n 
1 30  GLU n 
1 31  THR n 
1 32  GLY n 
1 33  ASN n 
1 34  LEU n 
1 35  GLY n 
1 36  THR n 
1 37  LEU n 
1 38  GLY n 
1 39  PRO n 
1 40  SER n 
1 41  ILE n 
1 42  ALA n 
1 43  SER n 
1 44  ASN n 
1 45  LEU n 
1 46  GLU n 
1 47  SER n 
1 48  ALA n 
1 49  PHE n 
1 50  GLY n 
1 51  LYS n 
1 52  ASP n 
1 53  GLY n 
1 54  VAL n 
1 55  TRP n 
1 56  ILE n 
1 57  GLN n 
1 58  GLY n 
1 59  VAL n 
1 60  GLY n 
1 61  GLY n 
1 62  ALA n 
1 63  TYR n 
1 64  ARG n 
1 65  ALA n 
1 66  THR n 
1 67  LEU n 
1 68  GLY n 
1 69  ASP n 
1 70  ASN n 
1 71  ALA n 
1 72  LEU n 
1 73  PRO n 
1 74  ARG n 
1 75  GLY n 
1 76  THR n 
1 77  SER n 
1 78  SER n 
1 79  ALA n 
1 80  ALA n 
1 81  ILE n 
1 82  ARG n 
1 83  GLU n 
1 84  MET n 
1 85  LEU n 
1 86  GLY n 
1 87  LEU n 
1 88  PHE n 
1 89  GLN n 
1 90  GLN n 
1 91  ALA n 
1 92  ASN n 
1 93  THR n 
1 94  LYS n 
1 95  CYS n 
1 96  PRO n 
1 97  ASP n 
1 98  ALA n 
1 99  THR n 
1 100 LEU n 
1 101 ILE n 
1 102 ALA n 
1 103 GLY n 
1 104 GLY n 
1 105 TYR n 
1 106 SER n 
1 107 GLN n 
1 108 GLY n 
1 109 ALA n 
1 110 ALA n 
1 111 LEU n 
1 112 ALA n 
1 113 ALA n 
1 114 ALA n 
1 115 SER n 
1 116 ILE n 
1 117 GLU n 
1 118 ASP n 
1 119 LEU n 
1 120 ASP n 
1 121 SER n 
1 122 ALA n 
1 123 ILE n 
1 124 ARG n 
1 125 ASP n 
1 126 LYS n 
1 127 ILE n 
1 128 ALA n 
1 129 GLY n 
1 130 THR n 
1 131 VAL n 
1 132 LEU n 
1 133 PHE n 
1 134 GLY n 
1 135 TYR n 
1 136 THR n 
1 137 LYS n 
1 138 ASN n 
1 139 LEU n 
1 140 GLN n 
1 141 ASN n 
1 142 ARG n 
1 143 GLY n 
1 144 ARG n 
1 145 ILE n 
1 146 PRO n 
1 147 ASN n 
1 148 TYR n 
1 149 PRO n 
1 150 ALA n 
1 151 ASP n 
1 152 ARG n 
1 153 THR n 
1 154 LYS n 
1 155 VAL n 
1 156 PHE n 
1 157 CYS n 
1 158 ASN n 
1 159 THR n 
1 160 GLY n 
1 161 ASP n 
1 162 LEU n 
1 163 VAL n 
1 164 CYS n 
1 165 THR n 
1 166 GLY n 
1 167 SER n 
1 168 LEU n 
1 169 ILE n 
1 170 VAL n 
1 171 ALA n 
1 172 ALA n 
1 173 PRO n 
1 174 HIS n 
1 175 LEU n 
1 176 ALA n 
1 177 TYR n 
1 178 GLY n 
1 179 PRO n 
1 180 ASP n 
1 181 ALA n 
1 182 ARG n 
1 183 GLY n 
1 184 PRO n 
1 185 ALA n 
1 186 PRO n 
1 187 GLU n 
1 188 PHE n 
1 189 LEU n 
1 190 ILE n 
1 191 GLU n 
1 192 LYS n 
1 193 VAL n 
1 194 ARG n 
1 195 ALA n 
1 196 VAL n 
1 197 ARG n 
1 198 GLY n 
# 
_entity_src_gen.entity_id                          1 
_entity_src_gen.pdbx_src_id                        1 
_entity_src_gen.pdbx_alt_source_flag               sample 
_entity_src_gen.pdbx_seq_type                      ? 
_entity_src_gen.pdbx_beg_seq_num                   ? 
_entity_src_gen.pdbx_end_seq_num                   ? 
_entity_src_gen.gene_src_common_name               ? 
_entity_src_gen.gene_src_genus                     Fusarium 
_entity_src_gen.pdbx_gene_src_gene                 ? 
_entity_src_gen.gene_src_species                   ? 
_entity_src_gen.gene_src_strain                    ? 
_entity_src_gen.gene_src_tissue                    ? 
_entity_src_gen.gene_src_tissue_fraction           ? 
_entity_src_gen.gene_src_details                   ? 
_entity_src_gen.pdbx_gene_src_fragment             ? 
_entity_src_gen.pdbx_gene_src_scientific_name      'Fusarium solani' 
_entity_src_gen.pdbx_gene_src_ncbi_taxonomy_id     70791 
_entity_src_gen.pdbx_gene_src_variant              ? 
_entity_src_gen.pdbx_gene_src_cell_line            ? 
_entity_src_gen.pdbx_gene_src_atcc                 ? 
_entity_src_gen.pdbx_gene_src_organ                ? 
_entity_src_gen.pdbx_gene_src_organelle            ? 
_entity_src_gen.pdbx_gene_src_cell                 ? 
_entity_src_gen.pdbx_gene_src_cellular_location    ? 
_entity_src_gen.host_org_common_name               ? 
_entity_src_gen.pdbx_host_org_scientific_name      ? 
_entity_src_gen.pdbx_host_org_ncbi_taxonomy_id     ? 
_entity_src_gen.host_org_genus                     ? 
_entity_src_gen.pdbx_host_org_gene                 ? 
_entity_src_gen.pdbx_host_org_organ                ? 
_entity_src_gen.host_org_species                   ? 
_entity_src_gen.pdbx_host_org_tissue               ? 
_entity_src_gen.pdbx_host_org_tissue_fraction      ? 
_entity_src_gen.pdbx_host_org_strain               ? 
_entity_src_gen.pdbx_host_org_variant              ? 
_entity_src_gen.pdbx_host_org_cell_line            ? 
_entity_src_gen.pdbx_host_org_atcc                 ? 
_entity_src_gen.pdbx_host_org_culture_collection   ? 
_entity_src_gen.pdbx_host_org_cell                 ? 
_entity_src_gen.pdbx_host_org_organelle            ? 
_entity_src_gen.pdbx_host_org_cellular_location    ? 
_entity_src_gen.pdbx_host_org_vector_type          ? 
_entity_src_gen.pdbx_host_org_vector               ? 
_entity_src_gen.host_org_details                   ? 
_entity_src_gen.expression_system_id               ? 
_entity_src_gen.plasmid_name                       ? 
_entity_src_gen.plasmid_details                    ? 
_entity_src_gen.pdbx_description                   ? 
# 
loop_
_chem_comp.id 
_chem_comp.type 
_chem_comp.mon_nstd_flag 
_chem_comp.name 
_chem_comp.pdbx_synonyms 
_chem_comp.formula 
_chem_comp.formula_weight 
ALA 'L-peptide linking' y ALANINE               ? 'C3 H7 N O2'     89.093  
ARG 'L-peptide linking' y ARGININE              ? 'C6 H15 N4 O2 1' 175.209 
ASN 'L-peptide linking' y ASPARAGINE            ? 'C4 H8 N2 O3'    132.118 
ASP 'L-peptide linking' y 'ASPARTIC ACID'       ? 'C4 H7 N O4'     133.103 
CYS 'L-peptide linking' y CYSTEINE              ? 'C3 H7 N O2 S'   121.158 
DEP non-polymer         . 'DIETHYL PHOSPHONATE' ? 'C4 H11 O3 P'    138.102 
GLN 'L-peptide linking' y GLUTAMINE             ? 'C5 H10 N2 O3'   146.144 
GLU 'L-peptide linking' y 'GLUTAMIC ACID'       ? 'C5 H9 N O4'     147.129 
GLY 'peptide linking'   y GLYCINE               ? 'C2 H5 N O2'     75.067  
HIS 'L-peptide linking' y HISTIDINE             ? 'C6 H10 N3 O2 1' 156.162 
HOH non-polymer         . WATER                 ? 'H2 O'           18.015  
ILE 'L-peptide linking' y ISOLEUCINE            ? 'C6 H13 N O2'    131.173 
LEU 'L-peptide linking' y LEUCINE               ? 'C6 H13 N O2'    131.173 
LYS 'L-peptide linking' y LYSINE                ? 'C6 H15 N2 O2 1' 147.195 
MET 'L-peptide linking' y METHIONINE            ? 'C5 H11 N O2 S'  149.211 
PHE 'L-peptide linking' y PHENYLALANINE         ? 'C9 H11 N O2'    165.189 
PRO 'L-peptide linking' y PROLINE               ? 'C5 H9 N O2'     115.130 
SER 'L-peptide linking' y SERINE                ? 'C3 H7 N O3'     105.093 
THR 'L-peptide linking' y THREONINE             ? 'C4 H9 N O3'     119.119 
TRP 'L-peptide linking' y TRYPTOPHAN            ? 'C11 H12 N2 O2'  204.225 
TYR 'L-peptide linking' y TYROSINE              ? 'C9 H11 N O3'    181.189 
VAL 'L-peptide linking' y VALINE                ? 'C5 H11 N O2'    117.146 
# 
loop_
_pdbx_poly_seq_scheme.asym_id 
_pdbx_poly_seq_scheme.entity_id 
_pdbx_poly_seq_scheme.seq_id 
_pdbx_poly_seq_scheme.mon_id 
_pdbx_poly_seq_scheme.ndb_seq_num 
_pdbx_poly_seq_scheme.pdb_seq_num 
_pdbx_poly_seq_scheme.auth_seq_num 
_pdbx_poly_seq_scheme.pdb_mon_id 
_pdbx_poly_seq_scheme.auth_mon_id 
_pdbx_poly_seq_scheme.pdb_strand_id 
_pdbx_poly_seq_scheme.pdb_ins_code 
_pdbx_poly_seq_scheme.hetero 
A 1 1   LEU 1   15  15  LEU LEU A . n 
A 1 2   GLY 2   16  16  GLY GLY A . n 
A 1 3   ARG 3   17  17  ARG ARG A . n 
A 1 4   THR 4   18  18  THR THR A . n 
A 1 5   THR 5   19  19  THR THR A . n 
A 1 6   ARG 6   20  20  ARG ARG A . n 
A 1 7   ASP 7   21  21  ASP ASP A . n 
A 1 8   ASP 8   22  22  ASP ASP A . n 
A 1 9   LEU 9   23  23  LEU LEU A . n 
A 1 10  ILE 10  24  24  ILE ILE A . n 
A 1 11  ASN 11  25  25  ASN ASN A . n 
A 1 12  GLY 12  26  26  GLY GLY A . n 
A 1 13  ASN 13  27  27  ASN ASN A . n 
A 1 14  SER 14  28  28  SER SER A . n 
A 1 15  ALA 15  29  29  ALA ALA A . n 
A 1 16  SER 16  30  30  SER SER A . n 
A 1 17  CYS 17  31  31  CYS CYS A . n 
A 1 18  ALA 18  32  32  ALA ALA A . n 
A 1 19  ASP 19  33  33  ASP ASP A . n 
A 1 20  VAL 20  34  34  VAL VAL A . n 
A 1 21  ILE 21  35  35  ILE ILE A . n 
A 1 22  PHE 22  36  36  PHE PHE A . n 
A 1 23  ILE 23  37  37  ILE ILE A . n 
A 1 24  TYR 24  38  38  TYR TYR A . n 
A 1 25  ALA 25  39  39  ALA ALA A . n 
A 1 26  ARG 26  40  40  ARG ARG A . n 
A 1 27  GLY 27  41  41  GLY GLY A . n 
A 1 28  SER 28  42  42  SER SER A . n 
A 1 29  THR 29  43  43  THR THR A . n 
A 1 30  GLU 30  44  44  GLU GLU A . n 
A 1 31  THR 31  45  45  THR THR A . n 
A 1 32  GLY 32  46  46  GLY GLY A . n 
A 1 33  ASN 33  47  47  ASN ASN A . n 
A 1 34  LEU 34  48  48  LEU LEU A . n 
A 1 35  GLY 35  49  49  GLY GLY A . n 
A 1 36  THR 36  50  50  THR THR A . n 
A 1 37  LEU 37  51  51  LEU LEU A . n 
A 1 38  GLY 38  52  52  GLY GLY A . n 
A 1 39  PRO 39  53  53  PRO PRO A . n 
A 1 40  SER 40  54  54  SER SER A . n 
A 1 41  ILE 41  55  55  ILE ILE A . n 
A 1 42  ALA 42  56  56  ALA ALA A . n 
A 1 43  SER 43  57  57  SER SER A . n 
A 1 44  ASN 44  58  58  ASN ASN A . n 
A 1 45  LEU 45  59  59  LEU LEU A . n 
A 1 46  GLU 46  60  60  GLU GLU A . n 
A 1 47  SER 47  61  61  SER SER A . n 
A 1 48  ALA 48  62  62  ALA ALA A . n 
A 1 49  PHE 49  63  63  PHE PHE A . n 
A 1 50  GLY 50  64  64  GLY GLY A . n 
A 1 51  LYS 51  65  65  LYS LYS A . n 
A 1 52  ASP 52  66  66  ASP ASP A . n 
A 1 53  GLY 53  67  67  GLY GLY A . n 
A 1 54  VAL 54  68  68  VAL VAL A . n 
A 1 55  TRP 55  69  69  TRP TRP A . n 
A 1 56  ILE 56  70  70  ILE ILE A . n 
A 1 57  GLN 57  71  71  GLN GLN A . n 
A 1 58  GLY 58  72  72  GLY GLY A . n 
A 1 59  VAL 59  73  73  VAL VAL A . n 
A 1 60  GLY 60  74  74  GLY GLY A . n 
A 1 61  GLY 61  75  75  GLY GLY A . n 
A 1 62  ALA 62  76  76  ALA ALA A . n 
A 1 63  TYR 63  77  77  TYR TYR A . n 
A 1 64  ARG 64  78  78  ARG ARG A . n 
A 1 65  ALA 65  79  79  ALA ALA A . n 
A 1 66  THR 66  80  80  THR THR A . n 
A 1 67  LEU 67  81  81  LEU LEU A . n 
A 1 68  GLY 68  82  82  GLY GLY A . n 
A 1 69  ASP 69  83  83  ASP ASP A . n 
A 1 70  ASN 70  84  84  ASN ASN A . n 
A 1 71  ALA 71  85  85  ALA ALA A . n 
A 1 72  LEU 72  86  86  LEU LEU A . n 
A 1 73  PRO 73  87  87  PRO PRO A . n 
A 1 74  ARG 74  88  88  ARG ARG A . n 
A 1 75  GLY 75  89  89  GLY GLY A . n 
A 1 76  THR 76  90  90  THR THR A . n 
A 1 77  SER 77  91  91  SER SER A . n 
A 1 78  SER 78  92  92  SER SER A . n 
A 1 79  ALA 79  93  93  ALA ALA A . n 
A 1 80  ALA 80  94  94  ALA ALA A . n 
A 1 81  ILE 81  95  95  ILE ILE A . n 
A 1 82  ARG 82  96  96  ARG ARG A . n 
A 1 83  GLU 83  97  97  GLU GLU A . n 
A 1 84  MET 84  98  98  MET MET A . n 
A 1 85  LEU 85  99  99  LEU LEU A . n 
A 1 86  GLY 86  100 100 GLY GLY A . n 
A 1 87  LEU 87  101 101 LEU LEU A . n 
A 1 88  PHE 88  102 102 PHE PHE A . n 
A 1 89  GLN 89  103 103 GLN GLN A . n 
A 1 90  GLN 90  104 104 GLN GLN A . n 
A 1 91  ALA 91  105 105 ALA ALA A . n 
A 1 92  ASN 92  106 106 ASN ASN A . n 
A 1 93  THR 93  107 107 THR THR A . n 
A 1 94  LYS 94  108 108 LYS LYS A . n 
A 1 95  CYS 95  109 109 CYS CYS A . n 
A 1 96  PRO 96  110 110 PRO PRO A . n 
A 1 97  ASP 97  111 111 ASP ASP A . n 
A 1 98  ALA 98  112 112 ALA ALA A . n 
A 1 99  THR 99  113 113 THR THR A . n 
A 1 100 LEU 100 114 114 LEU LEU A . n 
A 1 101 ILE 101 115 115 ILE ILE A . n 
A 1 102 ALA 102 116 116 ALA ALA A . n 
A 1 103 GLY 103 117 117 GLY GLY A . n 
A 1 104 GLY 104 118 118 GLY GLY A . n 
A 1 105 TYR 105 119 119 TYR TYR A . n 
A 1 106 SER 106 120 120 SER SER A . n 
A 1 107 GLN 107 121 121 GLN GLN A . n 
A 1 108 GLY 108 122 122 GLY GLY A . n 
A 1 109 ALA 109 123 123 ALA ALA A . n 
A 1 110 ALA 110 124 124 ALA ALA A . n 
A 1 111 LEU 111 125 125 LEU LEU A . n 
A 1 112 ALA 112 126 126 ALA ALA A . n 
A 1 113 ALA 113 127 127 ALA ALA A . n 
A 1 114 ALA 114 128 128 ALA ALA A . n 
A 1 115 SER 115 129 129 SER SER A . n 
A 1 116 ILE 116 130 130 ILE ILE A . n 
A 1 117 GLU 117 131 131 GLU GLU A . n 
A 1 118 ASP 118 132 132 ASP ASP A . n 
A 1 119 LEU 119 133 133 LEU LEU A . n 
A 1 120 ASP 120 134 134 ASP ASP A . n 
A 1 121 SER 121 135 135 SER SER A . n 
A 1 122 ALA 122 136 136 ALA ALA A . n 
A 1 123 ILE 123 137 137 ILE ILE A . n 
A 1 124 ARG 124 138 138 ARG ARG A . n 
A 1 125 ASP 125 139 139 ASP ASP A . n 
A 1 126 LYS 126 140 140 LYS LYS A . n 
A 1 127 ILE 127 141 141 ILE ILE A . n 
A 1 128 ALA 128 142 142 ALA ALA A . n 
A 1 129 GLY 129 143 143 GLY GLY A . n 
A 1 130 THR 130 144 144 THR THR A . n 
A 1 131 VAL 131 145 145 VAL VAL A . n 
A 1 132 LEU 132 146 146 LEU LEU A . n 
A 1 133 PHE 133 147 147 PHE PHE A . n 
A 1 134 GLY 134 148 148 GLY GLY A . n 
A 1 135 TYR 135 149 149 TYR TYR A . n 
A 1 136 THR 136 150 150 THR THR A . n 
A 1 137 LYS 137 151 151 LYS LYS A . n 
A 1 138 ASN 138 152 152 ASN ASN A . n 
A 1 139 LEU 139 153 153 LEU LEU A . n 
A 1 140 GLN 140 154 154 GLN GLN A . n 
A 1 141 ASN 141 155 155 ASN ASN A . n 
A 1 142 ARG 142 156 156 ARG ARG A . n 
A 1 143 GLY 143 157 157 GLY GLY A . n 
A 1 144 ARG 144 158 158 ARG ARG A . n 
A 1 145 ILE 145 159 159 ILE ILE A . n 
A 1 146 PRO 146 160 160 PRO PRO A . n 
A 1 147 ASN 147 161 161 ASN ASN A . n 
A 1 148 TYR 148 162 162 TYR TYR A . n 
A 1 149 PRO 149 163 163 PRO PRO A . n 
A 1 150 ALA 150 164 164 ALA ALA A . n 
A 1 151 ASP 151 165 165 ASP ASP A . n 
A 1 152 ARG 152 166 166 ARG ARG A . n 
A 1 153 THR 153 167 167 THR THR A . n 
A 1 154 LYS 154 168 168 LYS LYS A . n 
A 1 155 VAL 155 169 169 VAL VAL A . n 
A 1 156 PHE 156 170 170 PHE PHE A . n 
A 1 157 CYS 157 171 171 CYS CYS A . n 
A 1 158 ASN 158 172 172 ASN ASN A . n 
A 1 159 THR 159 173 173 THR THR A . n 
A 1 160 GLY 160 174 174 GLY GLY A . n 
A 1 161 ASP 161 175 175 ASP ASP A . n 
A 1 162 LEU 162 176 176 LEU LEU A . n 
A 1 163 VAL 163 177 177 VAL VAL A . n 
A 1 164 CYS 164 178 178 CYS CYS A . n 
A 1 165 THR 165 179 179 THR THR A . n 
A 1 166 GLY 166 180 180 GLY GLY A . n 
A 1 167 SER 167 181 181 SER SER A . n 
A 1 168 LEU 168 182 182 LEU LEU A . n 
A 1 169 ILE 169 183 183 ILE ILE A . n 
A 1 170 VAL 170 184 184 VAL VAL A . n 
A 1 171 ALA 171 185 185 ALA ALA A . n 
A 1 172 ALA 172 186 186 ALA ALA A . n 
A 1 173 PRO 173 187 187 PRO PRO A . n 
A 1 174 HIS 174 188 188 HIS HIS A . n 
A 1 175 LEU 175 189 189 LEU LEU A . n 
A 1 176 ALA 176 190 190 ALA ALA A . n 
A 1 177 TYR 177 191 191 TYR TYR A . n 
A 1 178 GLY 178 192 192 GLY GLY A . n 
A 1 179 PRO 179 193 193 PRO PRO A . n 
A 1 180 ASP 180 194 194 ASP ASP A . n 
A 1 181 ALA 181 195 195 ALA ALA A . n 
A 1 182 ARG 182 196 196 ARG ARG A . n 
A 1 183 GLY 183 197 197 GLY GLY A . n 
A 1 184 PRO 184 198 198 PRO PRO A . n 
A 1 185 ALA 185 199 199 ALA ALA A . n 
A 1 186 PRO 186 200 200 PRO PRO A . n 
A 1 187 GLU 187 201 201 GLU GLU A . n 
A 1 188 PHE 188 202 202 PHE PHE A . n 
A 1 189 LEU 189 203 203 LEU LEU A . n 
A 1 190 ILE 190 204 204 ILE ILE A . n 
A 1 191 GLU 191 205 205 GLU GLU A . n 
A 1 192 LYS 192 206 206 LYS LYS A . n 
A 1 193 VAL 193 207 207 VAL VAL A . n 
A 1 194 ARG 194 208 208 ARG ARG A . n 
A 1 195 ALA 195 209 209 ALA ALA A . n 
A 1 196 VAL 196 210 210 VAL VAL A . n 
A 1 197 ARG 197 211 211 ARG ARG A . n 
A 1 198 GLY 198 212 212 GLY GLY A . n 
# 
loop_
_pdbx_nonpoly_scheme.asym_id 
_pdbx_nonpoly_scheme.entity_id 
_pdbx_nonpoly_scheme.mon_id 
_pdbx_nonpoly_scheme.ndb_seq_num 
_pdbx_nonpoly_scheme.pdb_seq_num 
_pdbx_nonpoly_scheme.auth_seq_num 
_pdbx_nonpoly_scheme.pdb_mon_id 
_pdbx_nonpoly_scheme.auth_mon_id 
_pdbx_nonpoly_scheme.pdb_strand_id 
_pdbx_nonpoly_scheme.pdb_ins_code 
B 2 DEP 1   401 401 DEP DEP A . 
C 3 HOH 1   501 501 HOH HOH A . 
C 3 HOH 2   502 502 HOH HOH A . 
C 3 HOH 3   503 503 HOH HOH A . 
C 3 HOH 4   504 504 HOH HOH A . 
C 3 HOH 5   505 505 HOH HOH A . 
C 3 HOH 6   506 506 HOH HOH A . 
C 3 HOH 7   507 507 HOH HOH A . 
C 3 HOH 8   508 508 HOH HOH A . 
C 3 HOH 9   509 509 HOH HOH A . 
C 3 HOH 10  510 510 HOH HOH A . 
C 3 HOH 11  511 511 HOH HOH A . 
C 3 HOH 12  512 512 HOH HOH A . 
C 3 HOH 13  513 513 HOH HOH A . 
C 3 HOH 14  514 514 HOH HOH A . 
C 3 HOH 15  515 515 HOH HOH A . 
C 3 HOH 16  516 516 HOH HOH A . 
C 3 HOH 17  517 517 HOH HOH A . 
C 3 HOH 18  518 518 HOH HOH A . 
C 3 HOH 19  519 519 HOH HOH A . 
C 3 HOH 20  520 520 HOH HOH A . 
C 3 HOH 21  521 521 HOH HOH A . 
C 3 HOH 22  522 522 HOH HOH A . 
C 3 HOH 23  523 523 HOH HOH A . 
C 3 HOH 24  524 524 HOH HOH A . 
C 3 HOH 25  525 525 HOH HOH A . 
C 3 HOH 26  526 526 HOH HOH A . 
C 3 HOH 27  527 527 HOH HOH A . 
C 3 HOH 28  528 528 HOH HOH A . 
C 3 HOH 29  529 529 HOH HOH A . 
C 3 HOH 30  530 530 HOH HOH A . 
C 3 HOH 31  531 531 HOH HOH A . 
C 3 HOH 32  532 532 HOH HOH A . 
C 3 HOH 33  533 533 HOH HOH A . 
C 3 HOH 34  534 534 HOH HOH A . 
C 3 HOH 35  535 535 HOH HOH A . 
C 3 HOH 36  536 536 HOH HOH A . 
C 3 HOH 37  537 537 HOH HOH A . 
C 3 HOH 38  538 538 HOH HOH A . 
C 3 HOH 39  539 539 HOH HOH A . 
C 3 HOH 40  540 540 HOH HOH A . 
C 3 HOH 41  541 541 HOH HOH A . 
C 3 HOH 42  542 542 HOH HOH A . 
C 3 HOH 43  543 543 HOH HOH A . 
C 3 HOH 44  544 544 HOH HOH A . 
C 3 HOH 45  545 545 HOH HOH A . 
C 3 HOH 46  546 546 HOH HOH A . 
C 3 HOH 47  547 547 HOH HOH A . 
C 3 HOH 48  548 548 HOH HOH A . 
C 3 HOH 49  549 549 HOH HOH A . 
C 3 HOH 50  550 550 HOH HOH A . 
C 3 HOH 51  551 551 HOH HOH A . 
C 3 HOH 52  552 552 HOH HOH A . 
C 3 HOH 53  553 553 HOH HOH A . 
C 3 HOH 54  554 554 HOH HOH A . 
C 3 HOH 55  555 555 HOH HOH A . 
C 3 HOH 56  556 556 HOH HOH A . 
C 3 HOH 57  557 557 HOH HOH A . 
C 3 HOH 58  558 558 HOH HOH A . 
C 3 HOH 59  559 559 HOH HOH A . 
C 3 HOH 60  560 560 HOH HOH A . 
C 3 HOH 61  561 561 HOH HOH A . 
C 3 HOH 62  562 562 HOH HOH A . 
C 3 HOH 63  563 563 HOH HOH A . 
C 3 HOH 64  564 564 HOH HOH A . 
C 3 HOH 65  565 565 HOH HOH A . 
C 3 HOH 66  566 566 HOH HOH A . 
C 3 HOH 67  567 567 HOH HOH A . 
C 3 HOH 68  568 568 HOH HOH A . 
C 3 HOH 69  569 569 HOH HOH A . 
C 3 HOH 70  570 570 HOH HOH A . 
C 3 HOH 71  571 571 HOH HOH A . 
C 3 HOH 72  572 572 HOH HOH A . 
C 3 HOH 73  573 573 HOH HOH A . 
C 3 HOH 74  574 574 HOH HOH A . 
C 3 HOH 75  575 575 HOH HOH A . 
C 3 HOH 76  576 576 HOH HOH A . 
C 3 HOH 77  577 577 HOH HOH A . 
C 3 HOH 78  578 578 HOH HOH A . 
C 3 HOH 79  579 579 HOH HOH A . 
C 3 HOH 80  580 580 HOH HOH A . 
C 3 HOH 81  581 581 HOH HOH A . 
C 3 HOH 82  582 582 HOH HOH A . 
C 3 HOH 83  583 583 HOH HOH A . 
C 3 HOH 84  584 584 HOH HOH A . 
C 3 HOH 85  585 585 HOH HOH A . 
C 3 HOH 86  586 586 HOH HOH A . 
C 3 HOH 87  587 587 HOH HOH A . 
C 3 HOH 88  588 588 HOH HOH A . 
C 3 HOH 89  589 589 HOH HOH A . 
C 3 HOH 90  590 590 HOH HOH A . 
C 3 HOH 91  591 591 HOH HOH A . 
C 3 HOH 92  592 592 HOH HOH A . 
C 3 HOH 93  593 593 HOH HOH A . 
C 3 HOH 94  594 594 HOH HOH A . 
C 3 HOH 95  595 595 HOH HOH A . 
C 3 HOH 96  596 596 HOH HOH A . 
C 3 HOH 97  597 597 HOH HOH A . 
C 3 HOH 98  598 598 HOH HOH A . 
C 3 HOH 99  599 599 HOH HOH A . 
C 3 HOH 100 600 600 HOH HOH A . 
C 3 HOH 101 601 601 HOH HOH A . 
C 3 HOH 102 602 602 HOH HOH A . 
C 3 HOH 103 603 603 HOH HOH A . 
C 3 HOH 104 604 604 HOH HOH A . 
C 3 HOH 105 605 605 HOH HOH A . 
C 3 HOH 106 606 606 HOH HOH A . 
C 3 HOH 107 607 607 HOH HOH A . 
C 3 HOH 108 608 608 HOH HOH A . 
C 3 HOH 109 609 609 HOH HOH A . 
C 3 HOH 110 610 610 HOH HOH A . 
C 3 HOH 111 611 611 HOH HOH A . 
C 3 HOH 112 612 612 HOH HOH A . 
C 3 HOH 113 613 613 HOH HOH A . 
C 3 HOH 114 614 614 HOH HOH A . 
C 3 HOH 115 615 615 HOH HOH A . 
C 3 HOH 116 616 616 HOH HOH A . 
C 3 HOH 117 617 617 HOH HOH A . 
C 3 HOH 118 618 618 HOH HOH A . 
C 3 HOH 119 619 619 HOH HOH A . 
# 
loop_
_software.name 
_software.classification 
_software.version 
_software.citation_id 
_software.pdbx_ordinal 
X-PLOR 'model building' . ? 1 
X-PLOR refinement       . ? 2 
X-PLOR phasing          . ? 3 
# 
_cell.entry_id           2CUT 
_cell.length_a           40.300 
_cell.length_b           61.100 
_cell.length_c           72.700 
_cell.angle_alpha        90.00 
_cell.angle_beta         90.00 
_cell.angle_gamma        90.00 
_cell.Z_PDB              4 
_cell.pdbx_unique_axis   ? 
_cell.length_a_esd       ? 
_cell.length_b_esd       ? 
_cell.length_c_esd       ? 
_cell.angle_alpha_esd    ? 
_cell.angle_beta_esd     ? 
_cell.angle_gamma_esd    ? 
# 
_symmetry.entry_id                         2CUT 
_symmetry.space_group_name_H-M             'P 21 21 21' 
_symmetry.pdbx_full_space_group_name_H-M   ? 
_symmetry.cell_setting                     ? 
_symmetry.Int_Tables_number                19 
_symmetry.space_group_name_Hall            ? 
# 
_exptl.entry_id          2CUT 
_exptl.method            'X-RAY DIFFRACTION' 
_exptl.crystals_number   ? 
# 
_exptl_crystal.id                    1 
_exptl_crystal.density_meas          ? 
_exptl_crystal.density_Matthews      2.17 
_exptl_crystal.density_percent_sol   43.40 
_exptl_crystal.description           ? 
_exptl_crystal.F_000                 ? 
_exptl_crystal.preparation           ? 
# 
_diffrn.id                     1 
_diffrn.ambient_temp           ? 
_diffrn.ambient_temp_details   ? 
_diffrn.crystal_id             1 
# 
_diffrn_radiation.diffrn_id                        1 
_diffrn_radiation.wavelength_id                    1 
_diffrn_radiation.monochromator                    ? 
_diffrn_radiation.pdbx_monochromatic_or_laue_m_l   ? 
_diffrn_radiation.pdbx_diffrn_protocol             ? 
_diffrn_radiation.pdbx_scattering_type             x-ray 
# 
_diffrn_radiation_wavelength.id           1 
_diffrn_radiation_wavelength.wavelength   . 
_diffrn_radiation_wavelength.wt           1.0 
# 
_refine.entry_id                                 2CUT 
_refine.ls_number_reflns_obs                     12970 
_refine.ls_number_reflns_all                     ? 
_refine.pdbx_ls_sigma_I                          ? 
_refine.pdbx_ls_sigma_F                          1.0 
_refine.pdbx_data_cutoff_high_absF               ? 
_refine.pdbx_data_cutoff_low_absF                ? 
_refine.pdbx_data_cutoff_high_rms_absF           ? 
_refine.ls_d_res_low                             6.0 
_refine.ls_d_res_high                            1.9 
_refine.ls_percent_reflns_obs                    ? 
_refine.ls_R_factor_obs                          0.181 
_refine.ls_R_factor_all                          ? 
_refine.ls_R_factor_R_work                       0.181 
_refine.ls_R_factor_R_free                       ? 
_refine.ls_R_factor_R_free_error                 ? 
_refine.ls_R_factor_R_free_error_details         ? 
_refine.ls_percent_reflns_R_free                 ? 
_refine.ls_number_reflns_R_free                  ? 
_refine.ls_number_parameters                     ? 
_refine.ls_number_restraints                     ? 
_refine.occupancy_min                            ? 
_refine.occupancy_max                            ? 
_refine.B_iso_mean                               ? 
_refine.aniso_B[1][1]                            ? 
_refine.aniso_B[2][2]                            ? 
_refine.aniso_B[3][3]                            ? 
_refine.aniso_B[1][2]                            ? 
_refine.aniso_B[1][3]                            ? 
_refine.aniso_B[2][3]                            ? 
_refine.solvent_model_details                    ? 
_refine.solvent_model_param_ksol                 ? 
_refine.solvent_model_param_bsol                 ? 
_refine.pdbx_ls_cross_valid_method               ? 
_refine.details                                  ? 
_refine.pdbx_starting_model                      ? 
_refine.pdbx_method_to_determine_struct          ? 
_refine.pdbx_isotropic_thermal_model             ? 
_refine.pdbx_stereochemistry_target_values       ? 
_refine.pdbx_stereochem_target_val_spec_case     ? 
_refine.pdbx_R_Free_selection_details            ? 
_refine.pdbx_overall_ESU_R                       ? 
_refine.pdbx_overall_ESU_R_Free                  ? 
_refine.overall_SU_ML                            ? 
_refine.overall_SU_B                             ? 
_refine.ls_redundancy_reflns_obs                 ? 
_refine.pdbx_overall_phase_error                 ? 
_refine.B_iso_min                                ? 
_refine.B_iso_max                                ? 
_refine.correlation_coeff_Fo_to_Fc               ? 
_refine.correlation_coeff_Fo_to_Fc_free          ? 
_refine.pdbx_solvent_vdw_probe_radii             ? 
_refine.pdbx_solvent_ion_probe_radii             ? 
_refine.pdbx_solvent_shrinkage_radii             ? 
_refine.overall_SU_R_Cruickshank_DPI             ? 
_refine.overall_SU_R_free                        ? 
_refine.ls_wR_factor_R_free                      ? 
_refine.ls_wR_factor_R_work                      ? 
_refine.overall_FOM_free_R_set                   ? 
_refine.overall_FOM_work_R_set                   ? 
_refine.pdbx_refine_id                           'X-RAY DIFFRACTION' 
_refine.pdbx_diffrn_id                           1 
_refine.pdbx_TLS_residual_ADP_flag               ? 
_refine.pdbx_overall_SU_R_free_Cruickshank_DPI   ? 
_refine.pdbx_overall_SU_R_Blow_DPI               ? 
_refine.pdbx_overall_SU_R_free_Blow_DPI          ? 
# 
_refine_hist.pdbx_refine_id                   'X-RAY DIFFRACTION' 
_refine_hist.cycle_id                         LAST 
_refine_hist.pdbx_number_atoms_protein        1446 
_refine_hist.pdbx_number_atoms_nucleic_acid   0 
_refine_hist.pdbx_number_atoms_ligand         8 
_refine_hist.number_atoms_solvent             119 
_refine_hist.number_atoms_total               1573 
_refine_hist.d_res_high                       1.9 
_refine_hist.d_res_low                        6.0 
# 
loop_
_refine_ls_restr.type 
_refine_ls_restr.dev_ideal 
_refine_ls_restr.dev_ideal_target 
_refine_ls_restr.weight 
_refine_ls_restr.number 
_refine_ls_restr.pdbx_refine_id 
_refine_ls_restr.pdbx_restraint_function 
x_bond_d                0.012 ? ? ? 'X-RAY DIFFRACTION' ? 
x_bond_d_na             ?     ? ? ? 'X-RAY DIFFRACTION' ? 
x_bond_d_prot           ?     ? ? ? 'X-RAY DIFFRACTION' ? 
x_angle_d               ?     ? ? ? 'X-RAY DIFFRACTION' ? 
x_angle_d_na            ?     ? ? ? 'X-RAY DIFFRACTION' ? 
x_angle_d_prot          ?     ? ? ? 'X-RAY DIFFRACTION' ? 
x_angle_deg             2.9   ? ? ? 'X-RAY DIFFRACTION' ? 
x_angle_deg_na          ?     ? ? ? 'X-RAY DIFFRACTION' ? 
x_angle_deg_prot        ?     ? ? ? 'X-RAY DIFFRACTION' ? 
x_dihedral_angle_d      ?     ? ? ? 'X-RAY DIFFRACTION' ? 
x_dihedral_angle_d_na   ?     ? ? ? 'X-RAY DIFFRACTION' ? 
x_dihedral_angle_d_prot ?     ? ? ? 'X-RAY DIFFRACTION' ? 
x_improper_angle_d      ?     ? ? ? 'X-RAY DIFFRACTION' ? 
x_improper_angle_d_na   ?     ? ? ? 'X-RAY DIFFRACTION' ? 
x_improper_angle_d_prot ?     ? ? ? 'X-RAY DIFFRACTION' ? 
x_mcbond_it             ?     ? ? ? 'X-RAY DIFFRACTION' ? 
x_mcangle_it            ?     ? ? ? 'X-RAY DIFFRACTION' ? 
x_scbond_it             ?     ? ? ? 'X-RAY DIFFRACTION' ? 
x_scangle_it            ?     ? ? ? 'X-RAY DIFFRACTION' ? 
# 
_struct.entry_id                  2CUT 
_struct.title                     'CUTINASE, A LIPOLYTIC ENZYME WITH A PREFORMED OXYANION HOLE' 
_struct.pdbx_model_details        ? 
_struct.pdbx_CASP_flag            ? 
_struct.pdbx_model_type_details   ? 
# 
_struct_keywords.entry_id        2CUT 
_struct_keywords.pdbx_keywords   'COMPLEX(SERINE ESTERASE/INHIBITOR)' 
_struct_keywords.text            'COMPLEX(SERINE ESTERASE-INHIBITOR), COMPLEX(SERINE ESTERASE-INHIBITOR) complex' 
# 
loop_
_struct_asym.id 
_struct_asym.pdbx_blank_PDB_chainid_flag 
_struct_asym.pdbx_modified 
_struct_asym.entity_id 
_struct_asym.details 
A N N 1 ? 
B N N 2 ? 
C N N 3 ? 
# 
_struct_ref.id                         1 
_struct_ref.db_name                    UNP 
_struct_ref.db_code                    CUTI1_FUSSO 
_struct_ref.entity_id                  1 
_struct_ref.pdbx_db_accession          P00590 
_struct_ref.pdbx_align_begin           1 
_struct_ref.pdbx_seq_one_letter_code   
;MKFFALTTLLAATASALPTSNPAQELEARQLGRTTRDDLINGNSASCRDVIFIYARGSTETGNLGTLGPSIASNLESAFG
KDGVWIQGVGGAYRATLGDNALPRGTSSAAIREMLGLFQQANTKCPDATLIAGGYSQGAALAAASIEDLDSAIRDKIAGT
VLFGYTKNLQNRGRIPNYPADRTKVFCNTGDLVCTGSLIVAAPHLAYGPDARGPAPEFLIEKVRAVRGSA
;
_struct_ref.pdbx_db_isoform            ? 
# 
_struct_ref_seq.align_id                      1 
_struct_ref_seq.ref_id                        1 
_struct_ref_seq.pdbx_PDB_id_code              2CUT 
_struct_ref_seq.pdbx_strand_id                A 
_struct_ref_seq.seq_align_beg                 1 
_struct_ref_seq.pdbx_seq_align_beg_ins_code   ? 
_struct_ref_seq.seq_align_end                 198 
_struct_ref_seq.pdbx_seq_align_end_ins_code   ? 
_struct_ref_seq.pdbx_db_accession             P00590 
_struct_ref_seq.db_align_beg                  31 
_struct_ref_seq.pdbx_db_align_beg_ins_code    ? 
_struct_ref_seq.db_align_end                  228 
_struct_ref_seq.pdbx_db_align_end_ins_code    ? 
_struct_ref_seq.pdbx_auth_seq_align_beg       15 
_struct_ref_seq.pdbx_auth_seq_align_end       212 
# 
_struct_ref_seq_dif.align_id                     1 
_struct_ref_seq_dif.pdbx_pdb_id_code             2CUT 
_struct_ref_seq_dif.mon_id                       ALA 
_struct_ref_seq_dif.pdbx_pdb_strand_id           A 
_struct_ref_seq_dif.seq_num                      18 
_struct_ref_seq_dif.pdbx_pdb_ins_code            ? 
_struct_ref_seq_dif.pdbx_seq_db_name             UNP 
_struct_ref_seq_dif.pdbx_seq_db_accession_code   P00590 
_struct_ref_seq_dif.db_mon_id                    ARG 
_struct_ref_seq_dif.pdbx_seq_db_seq_num          48 
_struct_ref_seq_dif.details                      conflict 
_struct_ref_seq_dif.pdbx_auth_seq_num            32 
_struct_ref_seq_dif.pdbx_ordinal                 1 
# 
_pdbx_struct_assembly.id                   1 
_pdbx_struct_assembly.details              author_defined_assembly 
_pdbx_struct_assembly.method_details       ? 
_pdbx_struct_assembly.oligomeric_details   monomeric 
_pdbx_struct_assembly.oligomeric_count     1 
# 
_pdbx_struct_assembly_gen.assembly_id       1 
_pdbx_struct_assembly_gen.oper_expression   1 
_pdbx_struct_assembly_gen.asym_id_list      A,B,C 
# 
_pdbx_struct_oper_list.id                   1 
_pdbx_struct_oper_list.type                 'identity operation' 
_pdbx_struct_oper_list.name                 1_555 
_pdbx_struct_oper_list.symmetry_operation   x,y,z 
_pdbx_struct_oper_list.matrix[1][1]         1.0000000000 
_pdbx_struct_oper_list.matrix[1][2]         0.0000000000 
_pdbx_struct_oper_list.matrix[1][3]         0.0000000000 
_pdbx_struct_oper_list.vector[1]            0.0000000000 
_pdbx_struct_oper_list.matrix[2][1]         0.0000000000 
_pdbx_struct_oper_list.matrix[2][2]         1.0000000000 
_pdbx_struct_oper_list.matrix[2][3]         0.0000000000 
_pdbx_struct_oper_list.vector[2]            0.0000000000 
_pdbx_struct_oper_list.matrix[3][1]         0.0000000000 
_pdbx_struct_oper_list.matrix[3][2]         0.0000000000 
_pdbx_struct_oper_list.matrix[3][3]         1.0000000000 
_pdbx_struct_oper_list.vector[3]            0.0000000000 
# 
_struct_biol.id        1 
_struct_biol.details   ? 
# 
loop_
_struct_conf.conf_type_id 
_struct_conf.id 
_struct_conf.pdbx_PDB_helix_id 
_struct_conf.beg_label_comp_id 
_struct_conf.beg_label_asym_id 
_struct_conf.beg_label_seq_id 
_struct_conf.pdbx_beg_PDB_ins_code 
_struct_conf.end_label_comp_id 
_struct_conf.end_label_asym_id 
_struct_conf.end_label_seq_id 
_struct_conf.pdbx_end_PDB_ins_code 
_struct_conf.beg_auth_comp_id 
_struct_conf.beg_auth_asym_id 
_struct_conf.beg_auth_seq_id 
_struct_conf.end_auth_comp_id 
_struct_conf.end_auth_asym_id 
_struct_conf.end_auth_seq_id 
_struct_conf.pdbx_PDB_helix_class 
_struct_conf.details 
_struct_conf.pdbx_PDB_helix_length 
HELX_P HELX_P1 A LEU A 37  ? PHE A 49  ? LEU A 51  PHE A 63  1 ? 13 
HELX_P HELX_P2 B SER A 77  ? LYS A 94  ? SER A 91  LYS A 108 1 ? 18 
HELX_P HELX_P3 C SER A 106 ? LEU A 119 ? SER A 120 LEU A 133 1 ? 14 
HELX_P HELX_P4 D LYS A 137 ? GLY A 143 ? LYS A 151 GLY A 157 1 ? 7  
HELX_P HELX_P5 E TYR A 177 ? ALA A 195 ? TYR A 191 ALA A 209 1 ? 19 
# 
_struct_conf_type.id          HELX_P 
_struct_conf_type.criteria    ? 
_struct_conf_type.reference   ? 
# 
loop_
_struct_conn.id 
_struct_conn.conn_type_id 
_struct_conn.pdbx_leaving_atom_flag 
_struct_conn.pdbx_PDB_id 
_struct_conn.ptnr1_label_asym_id 
_struct_conn.ptnr1_label_comp_id 
_struct_conn.ptnr1_label_seq_id 
_struct_conn.ptnr1_label_atom_id 
_struct_conn.pdbx_ptnr1_label_alt_id 
_struct_conn.pdbx_ptnr1_PDB_ins_code 
_struct_conn.pdbx_ptnr1_standard_comp_id 
_struct_conn.ptnr1_symmetry 
_struct_conn.ptnr2_label_asym_id 
_struct_conn.ptnr2_label_comp_id 
_struct_conn.ptnr2_label_seq_id 
_struct_conn.ptnr2_label_atom_id 
_struct_conn.pdbx_ptnr2_label_alt_id 
_struct_conn.pdbx_ptnr2_PDB_ins_code 
_struct_conn.ptnr1_auth_asym_id 
_struct_conn.ptnr1_auth_comp_id 
_struct_conn.ptnr1_auth_seq_id 
_struct_conn.ptnr2_auth_asym_id 
_struct_conn.ptnr2_auth_comp_id 
_struct_conn.ptnr2_auth_seq_id 
_struct_conn.ptnr2_symmetry 
_struct_conn.pdbx_ptnr3_label_atom_id 
_struct_conn.pdbx_ptnr3_label_seq_id 
_struct_conn.pdbx_ptnr3_label_comp_id 
_struct_conn.pdbx_ptnr3_label_asym_id 
_struct_conn.pdbx_ptnr3_label_alt_id 
_struct_conn.pdbx_ptnr3_PDB_ins_code 
_struct_conn.details 
_struct_conn.pdbx_dist_value 
_struct_conn.pdbx_value_order 
_struct_conn.pdbx_role 
disulf1 disulf ?   ? A CYS 17  SG ? ? ? 1_555 A CYS 95  SG ? ? A CYS 31  A CYS 109 1_555 ? ? ? ? ? ? ? 2.026 ? ? 
disulf2 disulf ?   ? A CYS 157 SG ? ? ? 1_555 A CYS 164 SG ? ? A CYS 171 A CYS 178 1_555 ? ? ? ? ? ? ? 2.034 ? ? 
covale1 covale one ? A SER 106 OG ? ? ? 1_555 B DEP .   P  ? ? A SER 120 A DEP 401 1_555 ? ? ? ? ? ? ? 1.601 ? ? 
# 
loop_
_struct_conn_type.id 
_struct_conn_type.criteria 
_struct_conn_type.reference 
disulf ? ? 
covale ? ? 
# 
loop_
_pdbx_modification_feature.ordinal 
_pdbx_modification_feature.label_comp_id 
_pdbx_modification_feature.label_asym_id 
_pdbx_modification_feature.label_seq_id 
_pdbx_modification_feature.label_alt_id 
_pdbx_modification_feature.modified_residue_label_comp_id 
_pdbx_modification_feature.modified_residue_label_asym_id 
_pdbx_modification_feature.modified_residue_label_seq_id 
_pdbx_modification_feature.modified_residue_label_alt_id 
_pdbx_modification_feature.auth_comp_id 
_pdbx_modification_feature.auth_asym_id 
_pdbx_modification_feature.auth_seq_id 
_pdbx_modification_feature.PDB_ins_code 
_pdbx_modification_feature.symmetry 
_pdbx_modification_feature.modified_residue_auth_comp_id 
_pdbx_modification_feature.modified_residue_auth_asym_id 
_pdbx_modification_feature.modified_residue_auth_seq_id 
_pdbx_modification_feature.modified_residue_PDB_ins_code 
_pdbx_modification_feature.modified_residue_symmetry 
_pdbx_modification_feature.comp_id_linking_atom 
_pdbx_modification_feature.modified_residue_id_linking_atom 
_pdbx_modification_feature.modified_residue_id 
_pdbx_modification_feature.ref_pcm_id 
_pdbx_modification_feature.ref_comp_id 
_pdbx_modification_feature.type 
_pdbx_modification_feature.category 
1 DEP B .   ? SER A 106 ? DEP A 401 ? 1_555 SER A 120 ? 1_555 P  OG SER 1 DEP None 'Covalent chemical modification' 
2 CYS A 17  ? CYS A 95  ? CYS A 31  ? 1_555 CYS A 109 ? 1_555 SG SG .   . .   None 'Disulfide bridge'               
3 CYS A 157 ? CYS A 164 ? CYS A 171 ? 1_555 CYS A 178 ? 1_555 SG SG .   . .   None 'Disulfide bridge'               
# 
loop_
_struct_sheet.id 
_struct_sheet.type 
_struct_sheet.number_strands 
_struct_sheet.details 
A ? 5 ? 
B ? 1 ? 
# 
loop_
_struct_sheet_order.sheet_id 
_struct_sheet_order.range_id_1 
_struct_sheet_order.range_id_2 
_struct_sheet_order.offset 
_struct_sheet_order.sense 
A 1 2 ? parallel 
A 2 3 ? parallel 
A 3 4 ? parallel 
A 4 5 ? parallel 
# 
loop_
_struct_sheet_range.sheet_id 
_struct_sheet_range.id 
_struct_sheet_range.beg_label_comp_id 
_struct_sheet_range.beg_label_asym_id 
_struct_sheet_range.beg_label_seq_id 
_struct_sheet_range.pdbx_beg_PDB_ins_code 
_struct_sheet_range.end_label_comp_id 
_struct_sheet_range.end_label_asym_id 
_struct_sheet_range.end_label_seq_id 
_struct_sheet_range.pdbx_end_PDB_ins_code 
_struct_sheet_range.beg_auth_comp_id 
_struct_sheet_range.beg_auth_asym_id 
_struct_sheet_range.beg_auth_seq_id 
_struct_sheet_range.end_auth_comp_id 
_struct_sheet_range.end_auth_asym_id 
_struct_sheet_range.end_auth_seq_id 
A 1 VAL A 20  ? GLY A 27  ? VAL A 34  GLY A 41  
A 2 VAL A 54  ? GLY A 58  ? VAL A 68  GLY A 72  
A 3 ALA A 98  ? TYR A 105 ? ALA A 112 TYR A 119 
A 4 GLY A 129 ? PHE A 133 ? GLY A 143 PHE A 147 
A 5 THR A 153 ? CYS A 157 ? THR A 167 CYS A 171 
B 1 ILE A 169 ? ALA A 171 ? ILE A 183 ALA A 185 
# 
loop_
_struct_site.id 
_struct_site.pdbx_evidence_code 
_struct_site.pdbx_auth_asym_id 
_struct_site.pdbx_auth_comp_id 
_struct_site.pdbx_auth_seq_id 
_struct_site.pdbx_auth_ins_code 
_struct_site.pdbx_num_residues 
_struct_site.details 
CAT Unknown  ? ?   ?   ? 3 ?                                    
AC1 Software A DEP 401 ? 7 'BINDING SITE FOR RESIDUE DEP A 401' 
# 
loop_
_struct_site_gen.id 
_struct_site_gen.site_id 
_struct_site_gen.pdbx_num_res 
_struct_site_gen.label_comp_id 
_struct_site_gen.label_asym_id 
_struct_site_gen.label_seq_id 
_struct_site_gen.pdbx_auth_ins_code 
_struct_site_gen.auth_comp_id 
_struct_site_gen.auth_asym_id 
_struct_site_gen.auth_seq_id 
_struct_site_gen.label_atom_id 
_struct_site_gen.label_alt_id 
_struct_site_gen.symmetry 
_struct_site_gen.details 
1  CAT 3 SER A 106 ? SER A 120 . ? 1_555 ? 
2  CAT 3 ASP A 161 ? ASP A 175 . ? 1_555 ? 
3  CAT 3 HIS A 174 ? HIS A 188 . ? 1_555 ? 
4  AC1 7 SER A 28  ? SER A 42  . ? 1_555 ? 
5  AC1 7 ASN A 70  ? ASN A 84  . ? 1_555 ? 
6  AC1 7 TYR A 105 ? TYR A 119 . ? 1_555 ? 
7  AC1 7 SER A 106 ? SER A 120 . ? 1_555 ? 
8  AC1 7 GLN A 107 ? GLN A 121 . ? 1_555 ? 
9  AC1 7 LEU A 168 ? LEU A 182 . ? 1_555 ? 
10 AC1 7 HIS A 174 ? HIS A 188 . ? 1_555 ? 
# 
_pdbx_entry_details.entry_id                   2CUT 
_pdbx_entry_details.compound_details           ? 
_pdbx_entry_details.source_details             ? 
_pdbx_entry_details.nonpolymer_details         
;IN THE CRYSTAL STRUCTURE THE DIETHYL PARA-NITROPHENYL
PHOSPHATE INHIBITOR REACTS WITH SER 120 TO PRODUCE A
COVALENT ADDUCT WITH THE LEAVING OF THE PARA-NITROPHENYL
GROUP.
;
_pdbx_entry_details.sequence_details           
;CROSS REFERENCE TO SEQUENCE DATABASE
SWISS-PROT ENTRY NAME       PDB ENTRY CHAIN NAME
   CUTI_FUSSO

SEQUENCE ADVISORY NOTICE
     DIFFERENCE BETWEEN SWISS-PROT AND PDB SEQUENCE.

     SWISS-PROT ENTRY NAME: CUTI_FUSSO

     SWISS-PROT RESIDUE      PDB SEQRES

       NAME   NUMBER         NAME   CHAIN  SEQ/INSERT CODE
       ARG       48          ALA             32
;
_pdbx_entry_details.has_ligand_of_interest     ? 
_pdbx_entry_details.has_protein_modification   Y 
# 
loop_
_pdbx_validate_rmsd_angle.id 
_pdbx_validate_rmsd_angle.PDB_model_num 
_pdbx_validate_rmsd_angle.auth_atom_id_1 
_pdbx_validate_rmsd_angle.auth_asym_id_1 
_pdbx_validate_rmsd_angle.auth_comp_id_1 
_pdbx_validate_rmsd_angle.auth_seq_id_1 
_pdbx_validate_rmsd_angle.PDB_ins_code_1 
_pdbx_validate_rmsd_angle.label_alt_id_1 
_pdbx_validate_rmsd_angle.auth_atom_id_2 
_pdbx_validate_rmsd_angle.auth_asym_id_2 
_pdbx_validate_rmsd_angle.auth_comp_id_2 
_pdbx_validate_rmsd_angle.auth_seq_id_2 
_pdbx_validate_rmsd_angle.PDB_ins_code_2 
_pdbx_validate_rmsd_angle.label_alt_id_2 
_pdbx_validate_rmsd_angle.auth_atom_id_3 
_pdbx_validate_rmsd_angle.auth_asym_id_3 
_pdbx_validate_rmsd_angle.auth_comp_id_3 
_pdbx_validate_rmsd_angle.auth_seq_id_3 
_pdbx_validate_rmsd_angle.PDB_ins_code_3 
_pdbx_validate_rmsd_angle.label_alt_id_3 
_pdbx_validate_rmsd_angle.angle_value 
_pdbx_validate_rmsd_angle.angle_target_value 
_pdbx_validate_rmsd_angle.angle_deviation 
_pdbx_validate_rmsd_angle.angle_standard_deviation 
_pdbx_validate_rmsd_angle.linker_flag 
1  1 NE  A ARG 17  ? ? CZ  A ARG 17  ? ? NH1 A ARG 17  ? ? 123.55 120.30 3.25   0.50 N 
2  1 N   A THR 18  ? ? CA  A THR 18  ? ? CB  A THR 18  ? ? 95.00  110.30 -15.30 1.90 N 
3  1 CG  A ARG 20  ? ? CD  A ARG 20  ? ? NE  A ARG 20  ? ? 91.61  111.80 -20.19 2.10 N 
4  1 NE  A ARG 20  ? ? CZ  A ARG 20  ? ? NH1 A ARG 20  ? ? 127.40 120.30 7.10   0.50 N 
5  1 NE  A ARG 20  ? ? CZ  A ARG 20  ? ? NH2 A ARG 20  ? ? 108.84 120.30 -11.46 0.50 N 
6  1 NE  A ARG 40  ? ? CZ  A ARG 40  ? ? NH1 A ARG 40  ? ? 125.27 120.30 4.97   0.50 N 
7  1 CD1 A TRP 69  ? ? CG  A TRP 69  ? ? CD2 A TRP 69  ? ? 112.44 106.30 6.14   0.80 N 
8  1 CE2 A TRP 69  ? ? CD2 A TRP 69  ? ? CG  A TRP 69  ? ? 101.81 107.30 -5.49  0.80 N 
9  1 CB  A ASP 111 ? ? CG  A ASP 111 ? ? OD2 A ASP 111 ? ? 110.53 118.30 -7.77  0.90 N 
10 1 NE  A ARG 138 ? ? CZ  A ARG 138 ? ? NH2 A ARG 138 ? ? 116.00 120.30 -4.30  0.50 N 
11 1 NE  A ARG 166 ? ? CZ  A ARG 166 ? ? NH1 A ARG 166 ? ? 124.20 120.30 3.90   0.50 N 
12 1 NE  A ARG 166 ? ? CZ  A ARG 166 ? ? NH2 A ARG 166 ? ? 116.28 120.30 -4.02  0.50 N 
13 1 NE  A ARG 196 ? ? CZ  A ARG 196 ? ? NH2 A ARG 196 ? ? 116.61 120.30 -3.69  0.50 N 
14 1 NE  A ARG 208 ? ? CZ  A ARG 208 ? ? NH1 A ARG 208 ? ? 125.19 120.30 4.89   0.50 N 
15 1 NE  A ARG 208 ? ? CZ  A ARG 208 ? ? NH2 A ARG 208 ? ? 116.29 120.30 -4.01  0.50 N 
16 1 NE  A ARG 211 ? ? CZ  A ARG 211 ? ? NH1 A ARG 211 ? ? 123.37 120.30 3.07   0.50 N 
# 
loop_
_pdbx_validate_torsion.id 
_pdbx_validate_torsion.PDB_model_num 
_pdbx_validate_torsion.auth_comp_id 
_pdbx_validate_torsion.auth_asym_id 
_pdbx_validate_torsion.auth_seq_id 
_pdbx_validate_torsion.PDB_ins_code 
_pdbx_validate_torsion.label_alt_id 
_pdbx_validate_torsion.phi 
_pdbx_validate_torsion.psi 
1 1 THR A 43  ? ? 74.37 -1.22   
2 1 SER A 120 ? ? 58.61 -117.28 
# 
loop_
_chem_comp_atom.comp_id 
_chem_comp_atom.atom_id 
_chem_comp_atom.type_symbol 
_chem_comp_atom.pdbx_aromatic_flag 
_chem_comp_atom.pdbx_stereo_config 
_chem_comp_atom.pdbx_ordinal 
ALA N    N N N 1   
ALA CA   C N S 2   
ALA C    C N N 3   
ALA O    O N N 4   
ALA CB   C N N 5   
ALA OXT  O N N 6   
ALA H    H N N 7   
ALA H2   H N N 8   
ALA HA   H N N 9   
ALA HB1  H N N 10  
ALA HB2  H N N 11  
ALA HB3  H N N 12  
ALA HXT  H N N 13  
ARG N    N N N 14  
ARG CA   C N S 15  
ARG C    C N N 16  
ARG O    O N N 17  
ARG CB   C N N 18  
ARG CG   C N N 19  
ARG CD   C N N 20  
ARG NE   N N N 21  
ARG CZ   C N N 22  
ARG NH1  N N N 23  
ARG NH2  N N N 24  
ARG OXT  O N N 25  
ARG H    H N N 26  
ARG H2   H N N 27  
ARG HA   H N N 28  
ARG HB2  H N N 29  
ARG HB3  H N N 30  
ARG HG2  H N N 31  
ARG HG3  H N N 32  
ARG HD2  H N N 33  
ARG HD3  H N N 34  
ARG HE   H N N 35  
ARG HH11 H N N 36  
ARG HH12 H N N 37  
ARG HH21 H N N 38  
ARG HH22 H N N 39  
ARG HXT  H N N 40  
ASN N    N N N 41  
ASN CA   C N S 42  
ASN C    C N N 43  
ASN O    O N N 44  
ASN CB   C N N 45  
ASN CG   C N N 46  
ASN OD1  O N N 47  
ASN ND2  N N N 48  
ASN OXT  O N N 49  
ASN H    H N N 50  
ASN H2   H N N 51  
ASN HA   H N N 52  
ASN HB2  H N N 53  
ASN HB3  H N N 54  
ASN HD21 H N N 55  
ASN HD22 H N N 56  
ASN HXT  H N N 57  
ASP N    N N N 58  
ASP CA   C N S 59  
ASP C    C N N 60  
ASP O    O N N 61  
ASP CB   C N N 62  
ASP CG   C N N 63  
ASP OD1  O N N 64  
ASP OD2  O N N 65  
ASP OXT  O N N 66  
ASP H    H N N 67  
ASP H2   H N N 68  
ASP HA   H N N 69  
ASP HB2  H N N 70  
ASP HB3  H N N 71  
ASP HD2  H N N 72  
ASP HXT  H N N 73  
CYS N    N N N 74  
CYS CA   C N R 75  
CYS C    C N N 76  
CYS O    O N N 77  
CYS CB   C N N 78  
CYS SG   S N N 79  
CYS OXT  O N N 80  
CYS H    H N N 81  
CYS H2   H N N 82  
CYS HA   H N N 83  
CYS HB2  H N N 84  
CYS HB3  H N N 85  
CYS HG   H N N 86  
CYS HXT  H N N 87  
DEP C1   C N N 88  
DEP C2   C N N 89  
DEP C3   C N N 90  
DEP C4   C N N 91  
DEP O1   O N N 92  
DEP O2   O N N 93  
DEP O3   O N N 94  
DEP P    P N N 95  
DEP H11  H N N 96  
DEP H12  H N N 97  
DEP H21  H N N 98  
DEP H22  H N N 99  
DEP H23  H N N 100 
DEP H31  H N N 101 
DEP H32  H N N 102 
DEP H41  H N N 103 
DEP H42  H N N 104 
DEP H43  H N N 105 
DEP HP1  H N N 106 
GLN N    N N N 107 
GLN CA   C N S 108 
GLN C    C N N 109 
GLN O    O N N 110 
GLN CB   C N N 111 
GLN CG   C N N 112 
GLN CD   C N N 113 
GLN OE1  O N N 114 
GLN NE2  N N N 115 
GLN OXT  O N N 116 
GLN H    H N N 117 
GLN H2   H N N 118 
GLN HA   H N N 119 
GLN HB2  H N N 120 
GLN HB3  H N N 121 
GLN HG2  H N N 122 
GLN HG3  H N N 123 
GLN HE21 H N N 124 
GLN HE22 H N N 125 
GLN HXT  H N N 126 
GLU N    N N N 127 
GLU CA   C N S 128 
GLU C    C N N 129 
GLU O    O N N 130 
GLU CB   C N N 131 
GLU CG   C N N 132 
GLU CD   C N N 133 
GLU OE1  O N N 134 
GLU OE2  O N N 135 
GLU OXT  O N N 136 
GLU H    H N N 137 
GLU H2   H N N 138 
GLU HA   H N N 139 
GLU HB2  H N N 140 
GLU HB3  H N N 141 
GLU HG2  H N N 142 
GLU HG3  H N N 143 
GLU HE2  H N N 144 
GLU HXT  H N N 145 
GLY N    N N N 146 
GLY CA   C N N 147 
GLY C    C N N 148 
GLY O    O N N 149 
GLY OXT  O N N 150 
GLY H    H N N 151 
GLY H2   H N N 152 
GLY HA2  H N N 153 
GLY HA3  H N N 154 
GLY HXT  H N N 155 
HIS N    N N N 156 
HIS CA   C N S 157 
HIS C    C N N 158 
HIS O    O N N 159 
HIS CB   C N N 160 
HIS CG   C Y N 161 
HIS ND1  N Y N 162 
HIS CD2  C Y N 163 
HIS CE1  C Y N 164 
HIS NE2  N Y N 165 
HIS OXT  O N N 166 
HIS H    H N N 167 
HIS H2   H N N 168 
HIS HA   H N N 169 
HIS HB2  H N N 170 
HIS HB3  H N N 171 
HIS HD1  H N N 172 
HIS HD2  H N N 173 
HIS HE1  H N N 174 
HIS HE2  H N N 175 
HIS HXT  H N N 176 
HOH O    O N N 177 
HOH H1   H N N 178 
HOH H2   H N N 179 
ILE N    N N N 180 
ILE CA   C N S 181 
ILE C    C N N 182 
ILE O    O N N 183 
ILE CB   C N S 184 
ILE CG1  C N N 185 
ILE CG2  C N N 186 
ILE CD1  C N N 187 
ILE OXT  O N N 188 
ILE H    H N N 189 
ILE H2   H N N 190 
ILE HA   H N N 191 
ILE HB   H N N 192 
ILE HG12 H N N 193 
ILE HG13 H N N 194 
ILE HG21 H N N 195 
ILE HG22 H N N 196 
ILE HG23 H N N 197 
ILE HD11 H N N 198 
ILE HD12 H N N 199 
ILE HD13 H N N 200 
ILE HXT  H N N 201 
LEU N    N N N 202 
LEU CA   C N S 203 
LEU C    C N N 204 
LEU O    O N N 205 
LEU CB   C N N 206 
LEU CG   C N N 207 
LEU CD1  C N N 208 
LEU CD2  C N N 209 
LEU OXT  O N N 210 
LEU H    H N N 211 
LEU H2   H N N 212 
LEU HA   H N N 213 
LEU HB2  H N N 214 
LEU HB3  H N N 215 
LEU HG   H N N 216 
LEU HD11 H N N 217 
LEU HD12 H N N 218 
LEU HD13 H N N 219 
LEU HD21 H N N 220 
LEU HD22 H N N 221 
LEU HD23 H N N 222 
LEU HXT  H N N 223 
LYS N    N N N 224 
LYS CA   C N S 225 
LYS C    C N N 226 
LYS O    O N N 227 
LYS CB   C N N 228 
LYS CG   C N N 229 
LYS CD   C N N 230 
LYS CE   C N N 231 
LYS NZ   N N N 232 
LYS OXT  O N N 233 
LYS H    H N N 234 
LYS H2   H N N 235 
LYS HA   H N N 236 
LYS HB2  H N N 237 
LYS HB3  H N N 238 
LYS HG2  H N N 239 
LYS HG3  H N N 240 
LYS HD2  H N N 241 
LYS HD3  H N N 242 
LYS HE2  H N N 243 
LYS HE3  H N N 244 
LYS HZ1  H N N 245 
LYS HZ2  H N N 246 
LYS HZ3  H N N 247 
LYS HXT  H N N 248 
MET N    N N N 249 
MET CA   C N S 250 
MET C    C N N 251 
MET O    O N N 252 
MET CB   C N N 253 
MET CG   C N N 254 
MET SD   S N N 255 
MET CE   C N N 256 
MET OXT  O N N 257 
MET H    H N N 258 
MET H2   H N N 259 
MET HA   H N N 260 
MET HB2  H N N 261 
MET HB3  H N N 262 
MET HG2  H N N 263 
MET HG3  H N N 264 
MET HE1  H N N 265 
MET HE2  H N N 266 
MET HE3  H N N 267 
MET HXT  H N N 268 
PHE N    N N N 269 
PHE CA   C N S 270 
PHE C    C N N 271 
PHE O    O N N 272 
PHE CB   C N N 273 
PHE CG   C Y N 274 
PHE CD1  C Y N 275 
PHE CD2  C Y N 276 
PHE CE1  C Y N 277 
PHE CE2  C Y N 278 
PHE CZ   C Y N 279 
PHE OXT  O N N 280 
PHE H    H N N 281 
PHE H2   H N N 282 
PHE HA   H N N 283 
PHE HB2  H N N 284 
PHE HB3  H N N 285 
PHE HD1  H N N 286 
PHE HD2  H N N 287 
PHE HE1  H N N 288 
PHE HE2  H N N 289 
PHE HZ   H N N 290 
PHE HXT  H N N 291 
PRO N    N N N 292 
PRO CA   C N S 293 
PRO C    C N N 294 
PRO O    O N N 295 
PRO CB   C N N 296 
PRO CG   C N N 297 
PRO CD   C N N 298 
PRO OXT  O N N 299 
PRO H    H N N 300 
PRO HA   H N N 301 
PRO HB2  H N N 302 
PRO HB3  H N N 303 
PRO HG2  H N N 304 
PRO HG3  H N N 305 
PRO HD2  H N N 306 
PRO HD3  H N N 307 
PRO HXT  H N N 308 
SER N    N N N 309 
SER CA   C N S 310 
SER C    C N N 311 
SER O    O N N 312 
SER CB   C N N 313 
SER OG   O N N 314 
SER OXT  O N N 315 
SER H    H N N 316 
SER H2   H N N 317 
SER HA   H N N 318 
SER HB2  H N N 319 
SER HB3  H N N 320 
SER HG   H N N 321 
SER HXT  H N N 322 
THR N    N N N 323 
THR CA   C N S 324 
THR C    C N N 325 
THR O    O N N 326 
THR CB   C N R 327 
THR OG1  O N N 328 
THR CG2  C N N 329 
THR OXT  O N N 330 
THR H    H N N 331 
THR H2   H N N 332 
THR HA   H N N 333 
THR HB   H N N 334 
THR HG1  H N N 335 
THR HG21 H N N 336 
THR HG22 H N N 337 
THR HG23 H N N 338 
THR HXT  H N N 339 
TRP N    N N N 340 
TRP CA   C N S 341 
TRP C    C N N 342 
TRP O    O N N 343 
TRP CB   C N N 344 
TRP CG   C Y N 345 
TRP CD1  C Y N 346 
TRP CD2  C Y N 347 
TRP NE1  N Y N 348 
TRP CE2  C Y N 349 
TRP CE3  C Y N 350 
TRP CZ2  C Y N 351 
TRP CZ3  C Y N 352 
TRP CH2  C Y N 353 
TRP OXT  O N N 354 
TRP H    H N N 355 
TRP H2   H N N 356 
TRP HA   H N N 357 
TRP HB2  H N N 358 
TRP HB3  H N N 359 
TRP HD1  H N N 360 
TRP HE1  H N N 361 
TRP HE3  H N N 362 
TRP HZ2  H N N 363 
TRP HZ3  H N N 364 
TRP HH2  H N N 365 
TRP HXT  H N N 366 
TYR N    N N N 367 
TYR CA   C N S 368 
TYR C    C N N 369 
TYR O    O N N 370 
TYR CB   C N N 371 
TYR CG   C Y N 372 
TYR CD1  C Y N 373 
TYR CD2  C Y N 374 
TYR CE1  C Y N 375 
TYR CE2  C Y N 376 
TYR CZ   C Y N 377 
TYR OH   O N N 378 
TYR OXT  O N N 379 
TYR H    H N N 380 
TYR H2   H N N 381 
TYR HA   H N N 382 
TYR HB2  H N N 383 
TYR HB3  H N N 384 
TYR HD1  H N N 385 
TYR HD2  H N N 386 
TYR HE1  H N N 387 
TYR HE2  H N N 388 
TYR HH   H N N 389 
TYR HXT  H N N 390 
VAL N    N N N 391 
VAL CA   C N S 392 
VAL C    C N N 393 
VAL O    O N N 394 
VAL CB   C N N 395 
VAL CG1  C N N 396 
VAL CG2  C N N 397 
VAL OXT  O N N 398 
VAL H    H N N 399 
VAL H2   H N N 400 
VAL HA   H N N 401 
VAL HB   H N N 402 
VAL HG11 H N N 403 
VAL HG12 H N N 404 
VAL HG13 H N N 405 
VAL HG21 H N N 406 
VAL HG22 H N N 407 
VAL HG23 H N N 408 
VAL HXT  H N N 409 
# 
loop_
_chem_comp_bond.comp_id 
_chem_comp_bond.atom_id_1 
_chem_comp_bond.atom_id_2 
_chem_comp_bond.value_order 
_chem_comp_bond.pdbx_aromatic_flag 
_chem_comp_bond.pdbx_stereo_config 
_chem_comp_bond.pdbx_ordinal 
ALA N   CA   sing N N 1   
ALA N   H    sing N N 2   
ALA N   H2   sing N N 3   
ALA CA  C    sing N N 4   
ALA CA  CB   sing N N 5   
ALA CA  HA   sing N N 6   
ALA C   O    doub N N 7   
ALA C   OXT  sing N N 8   
ALA CB  HB1  sing N N 9   
ALA CB  HB2  sing N N 10  
ALA CB  HB3  sing N N 11  
ALA OXT HXT  sing N N 12  
ARG N   CA   sing N N 13  
ARG N   H    sing N N 14  
ARG N   H2   sing N N 15  
ARG CA  C    sing N N 16  
ARG CA  CB   sing N N 17  
ARG CA  HA   sing N N 18  
ARG C   O    doub N N 19  
ARG C   OXT  sing N N 20  
ARG CB  CG   sing N N 21  
ARG CB  HB2  sing N N 22  
ARG CB  HB3  sing N N 23  
ARG CG  CD   sing N N 24  
ARG CG  HG2  sing N N 25  
ARG CG  HG3  sing N N 26  
ARG CD  NE   sing N N 27  
ARG CD  HD2  sing N N 28  
ARG CD  HD3  sing N N 29  
ARG NE  CZ   sing N N 30  
ARG NE  HE   sing N N 31  
ARG CZ  NH1  sing N N 32  
ARG CZ  NH2  doub N N 33  
ARG NH1 HH11 sing N N 34  
ARG NH1 HH12 sing N N 35  
ARG NH2 HH21 sing N N 36  
ARG NH2 HH22 sing N N 37  
ARG OXT HXT  sing N N 38  
ASN N   CA   sing N N 39  
ASN N   H    sing N N 40  
ASN N   H2   sing N N 41  
ASN CA  C    sing N N 42  
ASN CA  CB   sing N N 43  
ASN CA  HA   sing N N 44  
ASN C   O    doub N N 45  
ASN C   OXT  sing N N 46  
ASN CB  CG   sing N N 47  
ASN CB  HB2  sing N N 48  
ASN CB  HB3  sing N N 49  
ASN CG  OD1  doub N N 50  
ASN CG  ND2  sing N N 51  
ASN ND2 HD21 sing N N 52  
ASN ND2 HD22 sing N N 53  
ASN OXT HXT  sing N N 54  
ASP N   CA   sing N N 55  
ASP N   H    sing N N 56  
ASP N   H2   sing N N 57  
ASP CA  C    sing N N 58  
ASP CA  CB   sing N N 59  
ASP CA  HA   sing N N 60  
ASP C   O    doub N N 61  
ASP C   OXT  sing N N 62  
ASP CB  CG   sing N N 63  
ASP CB  HB2  sing N N 64  
ASP CB  HB3  sing N N 65  
ASP CG  OD1  doub N N 66  
ASP CG  OD2  sing N N 67  
ASP OD2 HD2  sing N N 68  
ASP OXT HXT  sing N N 69  
CYS N   CA   sing N N 70  
CYS N   H    sing N N 71  
CYS N   H2   sing N N 72  
CYS CA  C    sing N N 73  
CYS CA  CB   sing N N 74  
CYS CA  HA   sing N N 75  
CYS C   O    doub N N 76  
CYS C   OXT  sing N N 77  
CYS CB  SG   sing N N 78  
CYS CB  HB2  sing N N 79  
CYS CB  HB3  sing N N 80  
CYS SG  HG   sing N N 81  
CYS OXT HXT  sing N N 82  
DEP C1  C2   sing N N 83  
DEP C1  O1   sing N N 84  
DEP C1  H11  sing N N 85  
DEP C1  H12  sing N N 86  
DEP C2  H21  sing N N 87  
DEP C2  H22  sing N N 88  
DEP C2  H23  sing N N 89  
DEP C3  C4   sing N N 90  
DEP C3  O2   sing N N 91  
DEP C3  H31  sing N N 92  
DEP C3  H32  sing N N 93  
DEP C4  H41  sing N N 94  
DEP C4  H42  sing N N 95  
DEP C4  H43  sing N N 96  
DEP O1  P    sing N N 97  
DEP O2  P    sing N N 98  
DEP O3  P    doub N N 99  
DEP HP1 P    sing N N 100 
GLN N   CA   sing N N 101 
GLN N   H    sing N N 102 
GLN N   H2   sing N N 103 
GLN CA  C    sing N N 104 
GLN CA  CB   sing N N 105 
GLN CA  HA   sing N N 106 
GLN C   O    doub N N 107 
GLN C   OXT  sing N N 108 
GLN CB  CG   sing N N 109 
GLN CB  HB2  sing N N 110 
GLN CB  HB3  sing N N 111 
GLN CG  CD   sing N N 112 
GLN CG  HG2  sing N N 113 
GLN CG  HG3  sing N N 114 
GLN CD  OE1  doub N N 115 
GLN CD  NE2  sing N N 116 
GLN NE2 HE21 sing N N 117 
GLN NE2 HE22 sing N N 118 
GLN OXT HXT  sing N N 119 
GLU N   CA   sing N N 120 
GLU N   H    sing N N 121 
GLU N   H2   sing N N 122 
GLU CA  C    sing N N 123 
GLU CA  CB   sing N N 124 
GLU CA  HA   sing N N 125 
GLU C   O    doub N N 126 
GLU C   OXT  sing N N 127 
GLU CB  CG   sing N N 128 
GLU CB  HB2  sing N N 129 
GLU CB  HB3  sing N N 130 
GLU CG  CD   sing N N 131 
GLU CG  HG2  sing N N 132 
GLU CG  HG3  sing N N 133 
GLU CD  OE1  doub N N 134 
GLU CD  OE2  sing N N 135 
GLU OE2 HE2  sing N N 136 
GLU OXT HXT  sing N N 137 
GLY N   CA   sing N N 138 
GLY N   H    sing N N 139 
GLY N   H2   sing N N 140 
GLY CA  C    sing N N 141 
GLY CA  HA2  sing N N 142 
GLY CA  HA3  sing N N 143 
GLY C   O    doub N N 144 
GLY C   OXT  sing N N 145 
GLY OXT HXT  sing N N 146 
HIS N   CA   sing N N 147 
HIS N   H    sing N N 148 
HIS N   H2   sing N N 149 
HIS CA  C    sing N N 150 
HIS CA  CB   sing N N 151 
HIS CA  HA   sing N N 152 
HIS C   O    doub N N 153 
HIS C   OXT  sing N N 154 
HIS CB  CG   sing N N 155 
HIS CB  HB2  sing N N 156 
HIS CB  HB3  sing N N 157 
HIS CG  ND1  sing Y N 158 
HIS CG  CD2  doub Y N 159 
HIS ND1 CE1  doub Y N 160 
HIS ND1 HD1  sing N N 161 
HIS CD2 NE2  sing Y N 162 
HIS CD2 HD2  sing N N 163 
HIS CE1 NE2  sing Y N 164 
HIS CE1 HE1  sing N N 165 
HIS NE2 HE2  sing N N 166 
HIS OXT HXT  sing N N 167 
HOH O   H1   sing N N 168 
HOH O   H2   sing N N 169 
ILE N   CA   sing N N 170 
ILE N   H    sing N N 171 
ILE N   H2   sing N N 172 
ILE CA  C    sing N N 173 
ILE CA  CB   sing N N 174 
ILE CA  HA   sing N N 175 
ILE C   O    doub N N 176 
ILE C   OXT  sing N N 177 
ILE CB  CG1  sing N N 178 
ILE CB  CG2  sing N N 179 
ILE CB  HB   sing N N 180 
ILE CG1 CD1  sing N N 181 
ILE CG1 HG12 sing N N 182 
ILE CG1 HG13 sing N N 183 
ILE CG2 HG21 sing N N 184 
ILE CG2 HG22 sing N N 185 
ILE CG2 HG23 sing N N 186 
ILE CD1 HD11 sing N N 187 
ILE CD1 HD12 sing N N 188 
ILE CD1 HD13 sing N N 189 
ILE OXT HXT  sing N N 190 
LEU N   CA   sing N N 191 
LEU N   H    sing N N 192 
LEU N   H2   sing N N 193 
LEU CA  C    sing N N 194 
LEU CA  CB   sing N N 195 
LEU CA  HA   sing N N 196 
LEU C   O    doub N N 197 
LEU C   OXT  sing N N 198 
LEU CB  CG   sing N N 199 
LEU CB  HB2  sing N N 200 
LEU CB  HB3  sing N N 201 
LEU CG  CD1  sing N N 202 
LEU CG  CD2  sing N N 203 
LEU CG  HG   sing N N 204 
LEU CD1 HD11 sing N N 205 
LEU CD1 HD12 sing N N 206 
LEU CD1 HD13 sing N N 207 
LEU CD2 HD21 sing N N 208 
LEU CD2 HD22 sing N N 209 
LEU CD2 HD23 sing N N 210 
LEU OXT HXT  sing N N 211 
LYS N   CA   sing N N 212 
LYS N   H    sing N N 213 
LYS N   H2   sing N N 214 
LYS CA  C    sing N N 215 
LYS CA  CB   sing N N 216 
LYS CA  HA   sing N N 217 
LYS C   O    doub N N 218 
LYS C   OXT  sing N N 219 
LYS CB  CG   sing N N 220 
LYS CB  HB2  sing N N 221 
LYS CB  HB3  sing N N 222 
LYS CG  CD   sing N N 223 
LYS CG  HG2  sing N N 224 
LYS CG  HG3  sing N N 225 
LYS CD  CE   sing N N 226 
LYS CD  HD2  sing N N 227 
LYS CD  HD3  sing N N 228 
LYS CE  NZ   sing N N 229 
LYS CE  HE2  sing N N 230 
LYS CE  HE3  sing N N 231 
LYS NZ  HZ1  sing N N 232 
LYS NZ  HZ2  sing N N 233 
LYS NZ  HZ3  sing N N 234 
LYS OXT HXT  sing N N 235 
MET N   CA   sing N N 236 
MET N   H    sing N N 237 
MET N   H2   sing N N 238 
MET CA  C    sing N N 239 
MET CA  CB   sing N N 240 
MET CA  HA   sing N N 241 
MET C   O    doub N N 242 
MET C   OXT  sing N N 243 
MET CB  CG   sing N N 244 
MET CB  HB2  sing N N 245 
MET CB  HB3  sing N N 246 
MET CG  SD   sing N N 247 
MET CG  HG2  sing N N 248 
MET CG  HG3  sing N N 249 
MET SD  CE   sing N N 250 
MET CE  HE1  sing N N 251 
MET CE  HE2  sing N N 252 
MET CE  HE3  sing N N 253 
MET OXT HXT  sing N N 254 
PHE N   CA   sing N N 255 
PHE N   H    sing N N 256 
PHE N   H2   sing N N 257 
PHE CA  C    sing N N 258 
PHE CA  CB   sing N N 259 
PHE CA  HA   sing N N 260 
PHE C   O    doub N N 261 
PHE C   OXT  sing N N 262 
PHE CB  CG   sing N N 263 
PHE CB  HB2  sing N N 264 
PHE CB  HB3  sing N N 265 
PHE CG  CD1  doub Y N 266 
PHE CG  CD2  sing Y N 267 
PHE CD1 CE1  sing Y N 268 
PHE CD1 HD1  sing N N 269 
PHE CD2 CE2  doub Y N 270 
PHE CD2 HD2  sing N N 271 
PHE CE1 CZ   doub Y N 272 
PHE CE1 HE1  sing N N 273 
PHE CE2 CZ   sing Y N 274 
PHE CE2 HE2  sing N N 275 
PHE CZ  HZ   sing N N 276 
PHE OXT HXT  sing N N 277 
PRO N   CA   sing N N 278 
PRO N   CD   sing N N 279 
PRO N   H    sing N N 280 
PRO CA  C    sing N N 281 
PRO CA  CB   sing N N 282 
PRO CA  HA   sing N N 283 
PRO C   O    doub N N 284 
PRO C   OXT  sing N N 285 
PRO CB  CG   sing N N 286 
PRO CB  HB2  sing N N 287 
PRO CB  HB3  sing N N 288 
PRO CG  CD   sing N N 289 
PRO CG  HG2  sing N N 290 
PRO CG  HG3  sing N N 291 
PRO CD  HD2  sing N N 292 
PRO CD  HD3  sing N N 293 
PRO OXT HXT  sing N N 294 
SER N   CA   sing N N 295 
SER N   H    sing N N 296 
SER N   H2   sing N N 297 
SER CA  C    sing N N 298 
SER CA  CB   sing N N 299 
SER CA  HA   sing N N 300 
SER C   O    doub N N 301 
SER C   OXT  sing N N 302 
SER CB  OG   sing N N 303 
SER CB  HB2  sing N N 304 
SER CB  HB3  sing N N 305 
SER OG  HG   sing N N 306 
SER OXT HXT  sing N N 307 
THR N   CA   sing N N 308 
THR N   H    sing N N 309 
THR N   H2   sing N N 310 
THR CA  C    sing N N 311 
THR CA  CB   sing N N 312 
THR CA  HA   sing N N 313 
THR C   O    doub N N 314 
THR C   OXT  sing N N 315 
THR CB  OG1  sing N N 316 
THR CB  CG2  sing N N 317 
THR CB  HB   sing N N 318 
THR OG1 HG1  sing N N 319 
THR CG2 HG21 sing N N 320 
THR CG2 HG22 sing N N 321 
THR CG2 HG23 sing N N 322 
THR OXT HXT  sing N N 323 
TRP N   CA   sing N N 324 
TRP N   H    sing N N 325 
TRP N   H2   sing N N 326 
TRP CA  C    sing N N 327 
TRP CA  CB   sing N N 328 
TRP CA  HA   sing N N 329 
TRP C   O    doub N N 330 
TRP C   OXT  sing N N 331 
TRP CB  CG   sing N N 332 
TRP CB  HB2  sing N N 333 
TRP CB  HB3  sing N N 334 
TRP CG  CD1  doub Y N 335 
TRP CG  CD2  sing Y N 336 
TRP CD1 NE1  sing Y N 337 
TRP CD1 HD1  sing N N 338 
TRP CD2 CE2  doub Y N 339 
TRP CD2 CE3  sing Y N 340 
TRP NE1 CE2  sing Y N 341 
TRP NE1 HE1  sing N N 342 
TRP CE2 CZ2  sing Y N 343 
TRP CE3 CZ3  doub Y N 344 
TRP CE3 HE3  sing N N 345 
TRP CZ2 CH2  doub Y N 346 
TRP CZ2 HZ2  sing N N 347 
TRP CZ3 CH2  sing Y N 348 
TRP CZ3 HZ3  sing N N 349 
TRP CH2 HH2  sing N N 350 
TRP OXT HXT  sing N N 351 
TYR N   CA   sing N N 352 
TYR N   H    sing N N 353 
TYR N   H2   sing N N 354 
TYR CA  C    sing N N 355 
TYR CA  CB   sing N N 356 
TYR CA  HA   sing N N 357 
TYR C   O    doub N N 358 
TYR C   OXT  sing N N 359 
TYR CB  CG   sing N N 360 
TYR CB  HB2  sing N N 361 
TYR CB  HB3  sing N N 362 
TYR CG  CD1  doub Y N 363 
TYR CG  CD2  sing Y N 364 
TYR CD1 CE1  sing Y N 365 
TYR CD1 HD1  sing N N 366 
TYR CD2 CE2  doub Y N 367 
TYR CD2 HD2  sing N N 368 
TYR CE1 CZ   doub Y N 369 
TYR CE1 HE1  sing N N 370 
TYR CE2 CZ   sing Y N 371 
TYR CE2 HE2  sing N N 372 
TYR CZ  OH   sing N N 373 
TYR OH  HH   sing N N 374 
TYR OXT HXT  sing N N 375 
VAL N   CA   sing N N 376 
VAL N   H    sing N N 377 
VAL N   H2   sing N N 378 
VAL CA  C    sing N N 379 
VAL CA  CB   sing N N 380 
VAL CA  HA   sing N N 381 
VAL C   O    doub N N 382 
VAL C   OXT  sing N N 383 
VAL CB  CG1  sing N N 384 
VAL CB  CG2  sing N N 385 
VAL CB  HB   sing N N 386 
VAL CG1 HG11 sing N N 387 
VAL CG1 HG12 sing N N 388 
VAL CG1 HG13 sing N N 389 
VAL CG2 HG21 sing N N 390 
VAL CG2 HG22 sing N N 391 
VAL CG2 HG23 sing N N 392 
VAL OXT HXT  sing N N 393 
# 
_atom_sites.entry_id                    2CUT 
_atom_sites.fract_transf_matrix[1][1]   -0.01276937 
_atom_sites.fract_transf_matrix[1][2]   -0.01328990 
_atom_sites.fract_transf_matrix[1][3]   -0.01661494 
_atom_sites.fract_transf_matrix[2][1]   -0.01341359 
_atom_sites.fract_transf_matrix[2][2]   0.00878549 
_atom_sites.fract_transf_matrix[2][3]   0.00328168 
_atom_sites.fract_transf_matrix[3][1]   0.00346668 
_atom_sites.fract_transf_matrix[3][2]   0.00896737 
_atom_sites.fract_transf_matrix[3][3]   -0.00983710 
_atom_sites.fract_transf_vector[1]      0.601019 
_atom_sites.fract_transf_vector[2]      -0.519875 
_atom_sites.fract_transf_vector[3]      0.418231 
# 
loop_
_atom_type.symbol 
C 
N 
O 
P 
S 
# 
loop_
_atom_site.group_PDB 
_atom_site.id 
_atom_site.type_symbol 
_atom_site.label_atom_id 
_atom_site.label_alt_id 
_atom_site.label_comp_id 
_atom_site.label_asym_id 
_atom_site.label_entity_id 
_atom_site.label_seq_id 
_atom_site.pdbx_PDB_ins_code 
_atom_site.Cartn_x 
_atom_site.Cartn_y 
_atom_site.Cartn_z 
_atom_site.occupancy 
_atom_site.B_iso_or_equiv 
_atom_site.pdbx_formal_charge 
_atom_site.auth_seq_id 
_atom_site.auth_comp_id 
_atom_site.auth_asym_id 
_atom_site.auth_atom_id 
_atom_site.pdbx_PDB_model_num 
ATOM   1    N N   . LEU A 1 1   ? 15.416  7.492   -11.514 1.00 47.41 ? 15  LEU A N   1 
ATOM   2    C CA  . LEU A 1 1   ? 14.579  7.149   -10.386 1.00 46.46 ? 15  LEU A CA  1 
ATOM   3    C C   . LEU A 1 1   ? 15.370  6.435   -9.295  1.00 43.38 ? 15  LEU A C   1 
ATOM   4    O O   . LEU A 1 1   ? 15.641  7.041   -8.249  1.00 44.78 ? 15  LEU A O   1 
ATOM   5    C CB  . LEU A 1 1   ? 13.399  6.249   -10.823 1.00 47.60 ? 15  LEU A CB  1 
ATOM   6    C CG  . LEU A 1 1   ? 12.112  6.877   -11.378 1.00 49.46 ? 15  LEU A CG  1 
ATOM   7    C CD1 . LEU A 1 1   ? 12.393  7.729   -12.611 1.00 48.64 ? 15  LEU A CD1 1 
ATOM   8    C CD2 . LEU A 1 1   ? 11.147  5.743   -11.724 1.00 49.75 ? 15  LEU A CD2 1 
ATOM   9    N N   . GLY A 1 2   ? 15.817  5.205   -9.566  1.00 36.15 ? 16  GLY A N   1 
ATOM   10   C CA  . GLY A 1 2   ? 16.389  4.450   -8.492  1.00 28.18 ? 16  GLY A CA  1 
ATOM   11   C C   . GLY A 1 2   ? 15.298  3.444   -8.153  1.00 25.52 ? 16  GLY A C   1 
ATOM   12   O O   . GLY A 1 2   ? 14.101  3.699   -8.337  1.00 22.51 ? 16  GLY A O   1 
ATOM   13   N N   . ARG A 1 3   ? 15.689  2.285   -7.653  1.00 22.76 ? 17  ARG A N   1 
ATOM   14   C CA  . ARG A 1 3   ? 14.795  1.202   -7.320  1.00 23.06 ? 17  ARG A CA  1 
ATOM   15   C C   . ARG A 1 3   ? 13.722  1.593   -6.283  1.00 23.03 ? 17  ARG A C   1 
ATOM   16   O O   . ARG A 1 3   ? 12.660  0.974   -6.124  1.00 22.79 ? 17  ARG A O   1 
ATOM   17   C CB  . ARG A 1 3   ? 15.697  0.107   -6.845  1.00 23.35 ? 17  ARG A CB  1 
ATOM   18   C CG  . ARG A 1 3   ? 15.348  -1.131  -7.575  1.00 32.28 ? 17  ARG A CG  1 
ATOM   19   C CD  . ARG A 1 3   ? 16.252  -2.250  -7.124  1.00 38.36 ? 17  ARG A CD  1 
ATOM   20   N NE  . ARG A 1 3   ? 17.399  -2.312  -8.006  1.00 43.97 ? 17  ARG A NE  1 
ATOM   21   C CZ  . ARG A 1 3   ? 18.482  -3.066  -7.759  1.00 46.86 ? 17  ARG A CZ  1 
ATOM   22   N NH1 . ARG A 1 3   ? 18.619  -3.822  -6.675  1.00 46.84 ? 17  ARG A NH1 1 
ATOM   23   N NH2 . ARG A 1 3   ? 19.436  -3.127  -8.691  1.00 50.84 ? 17  ARG A NH2 1 
ATOM   24   N N   . THR A 1 4   ? 14.005  2.682   -5.571  1.00 18.51 ? 18  THR A N   1 
ATOM   25   C CA  . THR A 1 4   ? 13.175  3.251   -4.532  1.00 19.05 ? 18  THR A CA  1 
ATOM   26   C C   . THR A 1 4   ? 12.008  4.119   -5.046  1.00 17.06 ? 18  THR A C   1 
ATOM   27   O O   . THR A 1 4   ? 11.138  4.578   -4.274  1.00 15.46 ? 18  THR A O   1 
ATOM   28   C CB  . THR A 1 4   ? 14.361  3.865   -3.733  1.00 20.27 ? 18  THR A CB  1 
ATOM   29   O OG1 . THR A 1 4   ? 14.517  2.950   -2.644  1.00 22.81 ? 18  THR A OG1 1 
ATOM   30   C CG2 . THR A 1 4   ? 14.270  5.303   -3.451  1.00 18.89 ? 18  THR A CG2 1 
ATOM   31   N N   . THR A 1 5   ? 11.925  4.369   -6.352  1.00 15.41 ? 19  THR A N   1 
ATOM   32   C CA  . THR A 1 5   ? 10.866  5.206   -6.914  1.00 17.90 ? 19  THR A CA  1 
ATOM   33   C C   . THR A 1 5   ? 10.317  4.502   -8.143  1.00 17.53 ? 19  THR A C   1 
ATOM   34   O O   . THR A 1 5   ? 11.069  4.150   -9.049  1.00 15.37 ? 19  THR A O   1 
ATOM   35   C CB  . THR A 1 5   ? 11.312  6.628   -7.400  1.00 19.13 ? 19  THR A CB  1 
ATOM   36   O OG1 . THR A 1 5   ? 11.829  7.352   -6.291  1.00 19.60 ? 19  THR A OG1 1 
ATOM   37   C CG2 . THR A 1 5   ? 10.103  7.436   -7.944  1.00 17.38 ? 19  THR A CG2 1 
ATOM   38   N N   . ARG A 1 6   ? 8.987   4.393   -8.170  1.00 16.62 ? 20  ARG A N   1 
ATOM   39   C CA  . ARG A 1 6   ? 8.271   3.696   -9.215  1.00 17.34 ? 20  ARG A CA  1 
ATOM   40   C C   . ARG A 1 6   ? 7.045   4.500   -9.489  1.00 14.07 ? 20  ARG A C   1 
ATOM   41   O O   . ARG A 1 6   ? 6.259   4.691   -8.568  1.00 15.05 ? 20  ARG A O   1 
ATOM   42   C CB  . ARG A 1 6   ? 7.844   2.314   -8.765  1.00 15.59 ? 20  ARG A CB  1 
ATOM   43   C CG  . ARG A 1 6   ? 8.878   1.345   -9.088  1.00 15.68 ? 20  ARG A CG  1 
ATOM   44   C CD  . ARG A 1 6   ? 8.847   1.105   -10.630 1.00 20.42 ? 20  ARG A CD  1 
ATOM   45   N NE  . ARG A 1 6   ? 9.483   -0.140  -10.489 1.00 23.02 ? 20  ARG A NE  1 
ATOM   46   C CZ  . ARG A 1 6   ? 9.147   -1.300  -10.973 1.00 20.72 ? 20  ARG A CZ  1 
ATOM   47   N NH1 . ARG A 1 6   ? 8.180   -1.561  -11.871 1.00 21.78 ? 20  ARG A NH1 1 
ATOM   48   N NH2 . ARG A 1 6   ? 9.983   -2.208  -10.521 1.00 20.24 ? 20  ARG A NH2 1 
ATOM   49   N N   . ASP A 1 7   ? 6.955   4.986   -10.713 1.00 13.51 ? 21  ASP A N   1 
ATOM   50   C CA  . ASP A 1 7   ? 5.823   5.777   -11.172 1.00 16.40 ? 21  ASP A CA  1 
ATOM   51   C C   . ASP A 1 7   ? 5.129   5.128   -12.379 1.00 16.61 ? 21  ASP A C   1 
ATOM   52   O O   . ASP A 1 7   ? 4.726   5.843   -13.320 1.00 17.07 ? 21  ASP A O   1 
ATOM   53   C CB  . ASP A 1 7   ? 6.302   7.176   -11.551 1.00 14.82 ? 21  ASP A CB  1 
ATOM   54   C CG  . ASP A 1 7   ? 6.607   7.996   -10.293 1.00 20.64 ? 21  ASP A CG  1 
ATOM   55   O OD1 . ASP A 1 7   ? 5.795   8.011   -9.370  1.00 19.16 ? 21  ASP A OD1 1 
ATOM   56   O OD2 . ASP A 1 7   ? 7.665   8.626   -10.237 1.00 22.66 ? 21  ASP A OD2 1 
ATOM   57   N N   . ASP A 1 8   ? 4.948   3.805   -12.378 1.00 15.93 ? 22  ASP A N   1 
ATOM   58   C CA  . ASP A 1 8   ? 4.411   3.085   -13.546 1.00 14.87 ? 22  ASP A CA  1 
ATOM   59   C C   . ASP A 1 8   ? 2.982   3.491   -13.897 1.00 14.79 ? 22  ASP A C   1 
ATOM   60   O O   . ASP A 1 8   ? 2.625   3.543   -15.071 1.00 15.79 ? 22  ASP A O   1 
ATOM   61   C CB  . ASP A 1 8   ? 4.435   1.575   -13.318 1.00 12.74 ? 22  ASP A CB  1 
ATOM   62   C CG  . ASP A 1 8   ? 5.779   0.923   -13.043 1.00 13.35 ? 22  ASP A CG  1 
ATOM   63   O OD1 . ASP A 1 8   ? 6.812   1.563   -13.189 1.00 15.99 ? 22  ASP A OD1 1 
ATOM   64   O OD2 . ASP A 1 8   ? 5.807   -0.248  -12.671 1.00 12.79 ? 22  ASP A OD2 1 
ATOM   65   N N   . LEU A 1 9   ? 2.141   3.790   -12.894 1.00 15.91 ? 23  LEU A N   1 
ATOM   66   C CA  . LEU A 1 9   ? 0.798   4.344   -13.146 1.00 16.46 ? 23  LEU A CA  1 
ATOM   67   C C   . LEU A 1 9   ? 0.787   5.777   -13.679 1.00 16.18 ? 23  LEU A C   1 
ATOM   68   O O   . LEU A 1 9   ? 0.151   6.057   -14.695 1.00 17.53 ? 23  LEU A O   1 
ATOM   69   C CB  . LEU A 1 9   ? -0.082  4.313   -11.876 1.00 12.15 ? 23  LEU A CB  1 
ATOM   70   C CG  . LEU A 1 9   ? -1.492  4.969   -11.976 1.00 15.61 ? 23  LEU A CG  1 
ATOM   71   C CD1 . LEU A 1 9   ? -2.359  4.251   -13.036 1.00 14.81 ? 23  LEU A CD1 1 
ATOM   72   C CD2 . LEU A 1 9   ? -2.183  4.901   -10.610 1.00 13.92 ? 23  LEU A CD2 1 
ATOM   73   N N   . ILE A 1 10  ? 1.524   6.683   -13.061 1.00 14.55 ? 24  ILE A N   1 
ATOM   74   C CA  . ILE A 1 10  ? 1.622   8.043   -13.560 1.00 17.01 ? 24  ILE A CA  1 
ATOM   75   C C   . ILE A 1 10  ? 2.154   8.051   -14.978 1.00 13.45 ? 24  ILE A C   1 
ATOM   76   O O   . ILE A 1 10  ? 1.664   8.739   -15.843 1.00 15.36 ? 24  ILE A O   1 
ATOM   77   C CB  . ILE A 1 10  ? 2.599   8.951   -12.767 1.00 18.17 ? 24  ILE A CB  1 
ATOM   78   C CG1 . ILE A 1 10  ? 2.419   8.960   -11.290 1.00 21.01 ? 24  ILE A CG1 1 
ATOM   79   C CG2 . ILE A 1 10  ? 2.301   10.347  -13.212 1.00 21.55 ? 24  ILE A CG2 1 
ATOM   80   C CD1 . ILE A 1 10  ? 1.006   9.303   -10.907 1.00 24.01 ? 24  ILE A CD1 1 
ATOM   81   N N   . ASN A 1 11  ? 3.177   7.286   -15.250 1.00 14.34 ? 25  ASN A N   1 
ATOM   82   C CA  . ASN A 1 11  ? 3.763   7.307   -16.560 1.00 15.91 ? 25  ASN A CA  1 
ATOM   83   C C   . ASN A 1 11  ? 3.067   6.415   -17.556 1.00 15.28 ? 25  ASN A C   1 
ATOM   84   O O   . ASN A 1 11  ? 3.493   6.363   -18.709 1.00 16.60 ? 25  ASN A O   1 
ATOM   85   C CB  . ASN A 1 11  ? 5.212   6.877   -16.469 1.00 21.03 ? 25  ASN A CB  1 
ATOM   86   C CG  . ASN A 1 11  ? 6.122   7.907   -15.804 1.00 26.77 ? 25  ASN A CG  1 
ATOM   87   O OD1 . ASN A 1 11  ? 5.914   9.132   -15.942 1.00 26.17 ? 25  ASN A OD1 1 
ATOM   88   N ND2 . ASN A 1 11  ? 7.124   7.351   -15.089 1.00 24.36 ? 25  ASN A ND2 1 
ATOM   89   N N   . GLY A 1 12  ? 2.060   5.667   -17.159 1.00 16.14 ? 26  GLY A N   1 
ATOM   90   C CA  . GLY A 1 12  ? 1.469   4.687   -18.028 1.00 16.84 ? 26  GLY A CA  1 
ATOM   91   C C   . GLY A 1 12  ? 0.268   5.312   -18.679 1.00 17.93 ? 26  GLY A C   1 
ATOM   92   O O   . GLY A 1 12  ? -0.119  6.432   -18.333 1.00 16.20 ? 26  GLY A O   1 
ATOM   93   N N   . ASN A 1 13  ? -0.333  4.593   -19.623 1.00 17.46 ? 27  ASN A N   1 
ATOM   94   C CA  . ASN A 1 13  ? -1.494  5.113   -20.314 1.00 18.25 ? 27  ASN A CA  1 
ATOM   95   C C   . ASN A 1 13  ? -2.352  3.921   -20.697 1.00 16.95 ? 27  ASN A C   1 
ATOM   96   O O   . ASN A 1 13  ? -1.952  2.771   -20.533 1.00 14.88 ? 27  ASN A O   1 
ATOM   97   C CB  . ASN A 1 13  ? -1.046  5.961   -21.571 1.00 17.64 ? 27  ASN A CB  1 
ATOM   98   C CG  . ASN A 1 13  ? -0.295  5.124   -22.578 1.00 19.58 ? 27  ASN A CG  1 
ATOM   99   O OD1 . ASN A 1 13  ? -0.932  4.397   -23.332 1.00 25.02 ? 27  ASN A OD1 1 
ATOM   100  N ND2 . ASN A 1 13  ? 1.007   5.097   -22.677 1.00 18.59 ? 27  ASN A ND2 1 
ATOM   101  N N   . SER A 1 14  ? -3.564  4.175   -21.161 1.00 17.32 ? 28  SER A N   1 
ATOM   102  C CA  . SER A 1 14  ? -4.493  3.116   -21.491 1.00 19.80 ? 28  SER A CA  1 
ATOM   103  C C   . SER A 1 14  ? -3.965  2.102   -22.509 1.00 20.57 ? 28  SER A C   1 
ATOM   104  O O   . SER A 1 14  ? -4.315  0.920   -22.425 1.00 23.77 ? 28  SER A O   1 
ATOM   105  C CB  . SER A 1 14  ? -5.743  3.726   -22.036 1.00 21.68 ? 28  SER A CB  1 
ATOM   106  O OG  . SER A 1 14  ? -6.316  4.588   -21.086 1.00 26.74 ? 28  SER A OG  1 
ATOM   107  N N   . ALA A 1 15  ? -3.089  2.512   -23.448 1.00 16.95 ? 29  ALA A N   1 
ATOM   108  C CA  . ALA A 1 15  ? -2.586  1.609   -24.444 1.00 17.66 ? 29  ALA A CA  1 
ATOM   109  C C   . ALA A 1 15  ? -1.598  0.704   -23.789 1.00 21.13 ? 29  ALA A C   1 
ATOM   110  O O   . ALA A 1 15  ? -1.405  -0.382  -24.332 1.00 25.46 ? 29  ALA A O   1 
ATOM   111  C CB  . ALA A 1 15  ? -1.845  2.285   -25.557 1.00 15.73 ? 29  ALA A CB  1 
ATOM   112  N N   . SER A 1 16  ? -0.960  1.028   -22.658 1.00 20.72 ? 30  SER A N   1 
ATOM   113  C CA  . SER A 1 16  ? -0.007  0.078   -22.084 1.00 19.60 ? 30  SER A CA  1 
ATOM   114  C C   . SER A 1 16  ? -0.486  -0.490  -20.745 1.00 18.09 ? 30  SER A C   1 
ATOM   115  O O   . SER A 1 16  ? 0.340   -0.858  -19.925 1.00 19.59 ? 30  SER A O   1 
ATOM   116  C CB  . SER A 1 16  ? 1.346   0.803   -21.936 1.00 19.56 ? 30  SER A CB  1 
ATOM   117  O OG  . SER A 1 16  ? 1.279   2.007   -21.160 1.00 21.23 ? 30  SER A OG  1 
ATOM   118  N N   . CYS A 1 17  ? -1.784  -0.619  -20.476 1.00 18.68 ? 31  CYS A N   1 
ATOM   119  C CA  . CYS A 1 17  ? -2.300  -1.084  -19.205 1.00 17.50 ? 31  CYS A CA  1 
ATOM   120  C C   . CYS A 1 17  ? -1.739  -2.412  -18.794 1.00 17.73 ? 31  CYS A C   1 
ATOM   121  O O   . CYS A 1 17  ? -1.574  -3.303  -19.617 1.00 17.09 ? 31  CYS A O   1 
ATOM   122  C CB  . CYS A 1 17  ? -3.804  -1.232  -19.240 1.00 15.90 ? 31  CYS A CB  1 
ATOM   123  S SG  . CYS A 1 17  ? -4.555  0.389   -19.114 1.00 15.74 ? 31  CYS A SG  1 
ATOM   124  N N   . ALA A 1 18  ? -1.394  -2.526  -17.522 1.00 15.40 ? 32  ALA A N   1 
ATOM   125  C CA  . ALA A 1 18  ? -0.966  -3.796  -16.985 1.00 13.86 ? 32  ALA A CA  1 
ATOM   126  C C   . ALA A 1 18  ? -2.259  -4.432  -16.497 1.00 14.40 ? 32  ALA A C   1 
ATOM   127  O O   . ALA A 1 18  ? -3.291  -3.755  -16.337 1.00 16.20 ? 32  ALA A O   1 
ATOM   128  C CB  . ALA A 1 18  ? -0.017  -3.576  -15.800 1.00 12.47 ? 32  ALA A CB  1 
ATOM   129  N N   . ASP A 1 19  ? -2.264  -5.732  -16.242 1.00 15.46 ? 33  ASP A N   1 
ATOM   130  C CA  . ASP A 1 19  ? -3.406  -6.414  -15.618 1.00 17.72 ? 33  ASP A CA  1 
ATOM   131  C C   . ASP A 1 19  ? -3.643  -6.096  -14.136 1.00 15.43 ? 33  ASP A C   1 
ATOM   132  O O   . ASP A 1 19  ? -4.757  -6.212  -13.618 1.00 13.27 ? 33  ASP A O   1 
ATOM   133  C CB  . ASP A 1 19  ? -3.221  -7.938  -15.742 1.00 22.85 ? 33  ASP A CB  1 
ATOM   134  C CG  . ASP A 1 19  ? -3.040  -8.382  -17.194 1.00 27.53 ? 33  ASP A CG  1 
ATOM   135  O OD1 . ASP A 1 19  ? -3.815  -7.888  -18.023 1.00 26.05 ? 33  ASP A OD1 1 
ATOM   136  O OD2 . ASP A 1 19  ? -2.115  -9.173  -17.471 1.00 29.99 ? 33  ASP A OD2 1 
ATOM   137  N N   . VAL A 1 20  ? -2.528  -5.811  -13.447 1.00 12.99 ? 34  VAL A N   1 
ATOM   138  C CA  . VAL A 1 20  ? -2.492  -5.621  -11.996 1.00 13.86 ? 34  VAL A CA  1 
ATOM   139  C C   . VAL A 1 20  ? -1.803  -4.266  -11.732 1.00 11.91 ? 34  VAL A C   1 
ATOM   140  O O   . VAL A 1 20  ? -0.764  -3.967  -12.329 1.00 10.43 ? 34  VAL A O   1 
ATOM   141  C CB  . VAL A 1 20  ? -1.667  -6.770  -11.329 1.00 13.19 ? 34  VAL A CB  1 
ATOM   142  C CG1 . VAL A 1 20  ? -1.768  -6.615  -9.817  1.00 9.66  ? 34  VAL A CG1 1 
ATOM   143  C CG2 . VAL A 1 20  ? -2.178  -8.152  -11.767 1.00 13.04 ? 34  VAL A CG2 1 
ATOM   144  N N   . ILE A 1 21  ? -2.311  -3.445  -10.833 1.00 11.89 ? 35  ILE A N   1 
ATOM   145  C CA  . ILE A 1 21  ? -1.699  -2.159  -10.514 1.00 10.98 ? 35  ILE A CA  1 
ATOM   146  C C   . ILE A 1 21  ? -1.587  -2.183  -8.996  1.00 11.78 ? 35  ILE A C   1 
ATOM   147  O O   . ILE A 1 21  ? -2.582  -2.359  -8.283  1.00 10.11 ? 35  ILE A O   1 
ATOM   148  C CB  . ILE A 1 21  ? -2.623  -1.004  -10.986 1.00 12.96 ? 35  ILE A CB  1 
ATOM   149  C CG1 . ILE A 1 21  ? -2.667  -1.010  -12.523 1.00 12.41 ? 35  ILE A CG1 1 
ATOM   150  C CG2 . ILE A 1 21  ? -2.115  0.374   -10.490 1.00 11.05 ? 35  ILE A CG2 1 
ATOM   151  C CD1 . ILE A 1 21  ? -3.852  -0.196  -13.083 1.00 11.27 ? 35  ILE A CD1 1 
ATOM   152  N N   . PHE A 1 22  ? -0.351  -2.032  -8.524  1.00 10.97 ? 36  PHE A N   1 
ATOM   153  C CA  . PHE A 1 22  ? -0.015  -2.048  -7.119  1.00 11.56 ? 36  PHE A CA  1 
ATOM   154  C C   . PHE A 1 22  ? 0.322   -0.615  -6.687  1.00 10.95 ? 36  PHE A C   1 
ATOM   155  O O   . PHE A 1 22  ? 1.253   -0.020  -7.236  1.00 11.52 ? 36  PHE A O   1 
ATOM   156  C CB  . PHE A 1 22  ? 1.173   -2.980  -6.928  1.00 11.88 ? 36  PHE A CB  1 
ATOM   157  C CG  . PHE A 1 22  ? 1.670   -3.006  -5.488  1.00 12.99 ? 36  PHE A CG  1 
ATOM   158  C CD1 . PHE A 1 22  ? 0.780   -3.262  -4.450  1.00 11.89 ? 36  PHE A CD1 1 
ATOM   159  C CD2 . PHE A 1 22  ? 3.013   -2.783  -5.253  1.00 13.96 ? 36  PHE A CD2 1 
ATOM   160  C CE1 . PHE A 1 22  ? 1.246   -3.274  -3.161  1.00 13.86 ? 36  PHE A CE1 1 
ATOM   161  C CE2 . PHE A 1 22  ? 3.466   -2.803  -3.955  1.00 11.75 ? 36  PHE A CE2 1 
ATOM   162  C CZ  . PHE A 1 22  ? 2.581   -3.051  -2.923  1.00 13.66 ? 36  PHE A CZ  1 
ATOM   163  N N   . ILE A 1 23  ? -0.428  -0.085  -5.716  1.00 11.09 ? 37  ILE A N   1 
ATOM   164  C CA  . ILE A 1 23  ? -0.210  1.254   -5.161  1.00 11.81 ? 37  ILE A CA  1 
ATOM   165  C C   . ILE A 1 23  ? 0.277   1.133   -3.713  1.00 13.46 ? 37  ILE A C   1 
ATOM   166  O O   . ILE A 1 23  ? -0.378  0.521   -2.859  1.00 12.55 ? 37  ILE A O   1 
ATOM   167  C CB  . ILE A 1 23  ? -1.523  2.039   -5.256  1.00 12.57 ? 37  ILE A CB  1 
ATOM   168  C CG1 . ILE A 1 23  ? -1.918  2.073   -6.742  1.00 13.38 ? 37  ILE A CG1 1 
ATOM   169  C CG2 . ILE A 1 23  ? -1.367  3.481   -4.749  1.00 10.07 ? 37  ILE A CG2 1 
ATOM   170  C CD1 . ILE A 1 23  ? -3.307  2.681   -7.013  1.00 14.70 ? 37  ILE A CD1 1 
ATOM   171  N N   . TYR A 1 24  ? 1.464   1.692   -3.431  1.00 11.62 ? 38  TYR A N   1 
ATOM   172  C CA  . TYR A 1 24  ? 2.117   1.456   -2.158  1.00 11.88 ? 38  TYR A CA  1 
ATOM   173  C C   . TYR A 1 24  ? 2.540   2.766   -1.447  1.00 10.82 ? 38  TYR A C   1 
ATOM   174  O O   . TYR A 1 24  ? 3.152   3.623   -2.093  1.00 11.94 ? 38  TYR A O   1 
ATOM   175  C CB  . TYR A 1 24  ? 3.334   0.542   -2.419  1.00 11.29 ? 38  TYR A CB  1 
ATOM   176  C CG  . TYR A 1 24  ? 4.152   0.345   -1.142  1.00 12.26 ? 38  TYR A CG  1 
ATOM   177  C CD1 . TYR A 1 24  ? 3.731   -0.577  -0.203  1.00 12.41 ? 38  TYR A CD1 1 
ATOM   178  C CD2 . TYR A 1 24  ? 5.275   1.129   -0.907  1.00 13.96 ? 38  TYR A CD2 1 
ATOM   179  C CE1 . TYR A 1 24  ? 4.416   -0.715  0.979   1.00 14.19 ? 38  TYR A CE1 1 
ATOM   180  C CE2 . TYR A 1 24  ? 5.972   0.995   0.280   1.00 14.46 ? 38  TYR A CE2 1 
ATOM   181  C CZ  . TYR A 1 24  ? 5.531   0.072   1.212   1.00 16.07 ? 38  TYR A CZ  1 
ATOM   182  O OH  . TYR A 1 24  ? 6.226   -0.095  2.399   1.00 16.78 ? 38  TYR A OH  1 
ATOM   183  N N   . ALA A 1 25  ? 2.269   2.896   -0.126  1.00 9.46  ? 39  ALA A N   1 
ATOM   184  C CA  . ALA A 1 25  ? 2.630   4.100   0.595   1.00 7.92  ? 39  ALA A CA  1 
ATOM   185  C C   . ALA A 1 25  ? 3.713   3.746   1.609   1.00 10.48 ? 39  ALA A C   1 
ATOM   186  O O   . ALA A 1 25  ? 3.522   2.821   2.413   1.00 10.91 ? 39  ALA A O   1 
ATOM   187  C CB  . ALA A 1 25  ? 1.420   4.631   1.287   1.00 4.40  ? 39  ALA A CB  1 
ATOM   188  N N   . ARG A 1 26  ? 4.867   4.456   1.522   1.00 11.54 ? 40  ARG A N   1 
ATOM   189  C CA  . ARG A 1 26  ? 6.034   4.214   2.370   1.00 8.78  ? 40  ARG A CA  1 
ATOM   190  C C   . ARG A 1 26  ? 5.878   4.783   3.788   1.00 9.65  ? 40  ARG A C   1 
ATOM   191  O O   . ARG A 1 26  ? 4.917   5.467   4.105   1.00 9.38  ? 40  ARG A O   1 
ATOM   192  C CB  . ARG A 1 26  ? 7.273   4.824   1.680   1.00 9.17  ? 40  ARG A CB  1 
ATOM   193  C CG  . ARG A 1 26  ? 7.346   6.354   1.769   1.00 10.57 ? 40  ARG A CG  1 
ATOM   194  C CD  . ARG A 1 26  ? 8.402   6.910   0.858   1.00 12.91 ? 40  ARG A CD  1 
ATOM   195  N NE  . ARG A 1 26  ? 8.467   8.339   1.098   1.00 15.31 ? 40  ARG A NE  1 
ATOM   196  C CZ  . ARG A 1 26  ? 7.567   9.242   0.629   1.00 20.74 ? 40  ARG A CZ  1 
ATOM   197  N NH1 . ARG A 1 26  ? 6.511   8.952   -0.143  1.00 17.45 ? 40  ARG A NH1 1 
ATOM   198  N NH2 . ARG A 1 26  ? 7.737   10.536  0.918   1.00 21.65 ? 40  ARG A NH2 1 
ATOM   199  N N   . GLY A 1 27  ? 6.786   4.427   4.704   1.00 11.12 ? 41  GLY A N   1 
ATOM   200  C CA  . GLY A 1 27  ? 6.779   4.920   6.066   1.00 15.25 ? 41  GLY A CA  1 
ATOM   201  C C   . GLY A 1 27  ? 7.369   6.341   6.172   1.00 13.66 ? 41  GLY A C   1 
ATOM   202  O O   . GLY A 1 27  ? 7.957   6.871   5.230   1.00 14.54 ? 41  GLY A O   1 
ATOM   203  N N   . SER A 1 28  ? 7.206   6.972   7.332   1.00 13.99 ? 42  SER A N   1 
ATOM   204  C CA  . SER A 1 28  ? 7.732   8.299   7.600   1.00 15.93 ? 42  SER A CA  1 
ATOM   205  C C   . SER A 1 28  ? 9.247   8.260   7.404   1.00 15.27 ? 42  SER A C   1 
ATOM   206  O O   . SER A 1 28  ? 9.911   7.254   7.777   1.00 14.73 ? 42  SER A O   1 
ATOM   207  C CB  . SER A 1 28  ? 7.434   8.710   9.037   1.00 14.50 ? 42  SER A CB  1 
ATOM   208  O OG  . SER A 1 28  ? 6.053   8.677   9.340   1.00 16.09 ? 42  SER A OG  1 
ATOM   209  N N   . THR A 1 29  ? 9.701   9.309   6.704   1.00 16.81 ? 43  THR A N   1 
ATOM   210  C CA  . THR A 1 29  ? 11.100  9.524   6.469   1.00 21.08 ? 43  THR A CA  1 
ATOM   211  C C   . THR A 1 29  ? 11.730  8.597   5.432   1.00 23.11 ? 43  THR A C   1 
ATOM   212  O O   . THR A 1 29  ? 12.921  8.762   5.121   1.00 22.05 ? 43  THR A O   1 
ATOM   213  C CB  . THR A 1 29  ? 11.713  9.453   7.918   1.00 24.34 ? 43  THR A CB  1 
ATOM   214  O OG1 . THR A 1 29  ? 11.681  10.828  8.333   1.00 30.34 ? 43  THR A OG1 1 
ATOM   215  C CG2 . THR A 1 29  ? 12.969  8.648   8.047   1.00 24.39 ? 43  THR A CG2 1 
ATOM   216  N N   . GLU A 1 30  ? 10.990  7.658   4.841   1.00 18.06 ? 44  GLU A N   1 
ATOM   217  C CA  . GLU A 1 30  ? 11.608  6.780   3.878   1.00 16.95 ? 44  GLU A CA  1 
ATOM   218  C C   . GLU A 1 30  ? 11.915  7.444   2.536   1.00 16.16 ? 44  GLU A C   1 
ATOM   219  O O   . GLU A 1 30  ? 11.259  8.440   2.206   1.00 15.50 ? 44  GLU A O   1 
ATOM   220  C CB  . GLU A 1 30  ? 10.692  5.618   3.711   1.00 14.01 ? 44  GLU A CB  1 
ATOM   221  C CG  . GLU A 1 30  ? 10.612  4.755   4.949   1.00 13.41 ? 44  GLU A CG  1 
ATOM   222  C CD  . GLU A 1 30  ? 10.295  3.343   4.528   1.00 13.97 ? 44  GLU A CD  1 
ATOM   223  O OE1 . GLU A 1 30  ? 9.272   3.084   3.904   1.00 14.48 ? 44  GLU A OE1 1 
ATOM   224  O OE2 . GLU A 1 30  ? 11.083  2.475   4.821   1.00 16.16 ? 44  GLU A OE2 1 
ATOM   225  N N   . THR A 1 31  ? 12.886  6.937   1.751   1.00 16.87 ? 45  THR A N   1 
ATOM   226  C CA  . THR A 1 31  ? 13.264  7.583   0.498   1.00 20.81 ? 45  THR A CA  1 
ATOM   227  C C   . THR A 1 31  ? 12.399  7.133   -0.672  1.00 20.73 ? 45  THR A C   1 
ATOM   228  O O   . THR A 1 31  ? 11.793  6.045   -0.659  1.00 21.59 ? 45  THR A O   1 
ATOM   229  C CB  . THR A 1 31  ? 14.728  7.309   0.030   1.00 22.66 ? 45  THR A CB  1 
ATOM   230  O OG1 . THR A 1 31  ? 15.003  5.920   0.171   1.00 28.57 ? 45  THR A OG1 1 
ATOM   231  C CG2 . THR A 1 31  ? 15.706  8.095   0.798   1.00 28.25 ? 45  THR A CG2 1 
ATOM   232  N N   . GLY A 1 32  ? 12.425  7.975   -1.707  1.00 17.93 ? 46  GLY A N   1 
ATOM   233  C CA  . GLY A 1 32  ? 11.712  7.702   -2.935  1.00 16.70 ? 46  GLY A CA  1 
ATOM   234  C C   . GLY A 1 32  ? 10.233  7.650   -2.615  1.00 16.15 ? 46  GLY A C   1 
ATOM   235  O O   . GLY A 1 32  ? 9.775   8.380   -1.734  1.00 16.42 ? 46  GLY A O   1 
ATOM   236  N N   . ASN A 1 33  ? 9.478   6.781   -3.295  1.00 13.77 ? 47  ASN A N   1 
ATOM   237  C CA  . ASN A 1 33  ? 8.057   6.672   -2.979  1.00 9.76  ? 47  ASN A CA  1 
ATOM   238  C C   . ASN A 1 33  ? 7.715   5.229   -2.598  1.00 11.46 ? 47  ASN A C   1 
ATOM   239  O O   . ASN A 1 33  ? 6.582   4.839   -2.291  1.00 10.74 ? 47  ASN A O   1 
ATOM   240  C CB  . ASN A 1 33  ? 7.226   7.168   -4.175  1.00 8.35  ? 47  ASN A CB  1 
ATOM   241  C CG  . ASN A 1 33  ? 7.300   6.351   -5.460  1.00 7.53  ? 47  ASN A CG  1 
ATOM   242  O OD1 . ASN A 1 33  ? 6.794   6.796   -6.512  1.00 14.11 ? 47  ASN A OD1 1 
ATOM   243  N ND2 . ASN A 1 33  ? 7.949   5.211   -5.551  1.00 4.03  ? 47  ASN A ND2 1 
ATOM   244  N N   . LEU A 1 34  ? 8.773   4.413   -2.563  1.00 10.87 ? 48  LEU A N   1 
ATOM   245  C CA  . LEU A 1 34  ? 8.669   3.037   -2.096  1.00 13.84 ? 48  LEU A CA  1 
ATOM   246  C C   . LEU A 1 34  ? 9.398   2.759   -0.778  1.00 13.81 ? 48  LEU A C   1 
ATOM   247  O O   . LEU A 1 34  ? 9.025   1.783   -0.111  1.00 14.42 ? 48  LEU A O   1 
ATOM   248  C CB  . LEU A 1 34  ? 9.219   2.039   -3.156  1.00 13.61 ? 48  LEU A CB  1 
ATOM   249  C CG  . LEU A 1 34  ? 8.503   1.916   -4.494  1.00 12.94 ? 48  LEU A CG  1 
ATOM   250  C CD1 . LEU A 1 34  ? 9.166   0.830   -5.326  1.00 14.56 ? 48  LEU A CD1 1 
ATOM   251  C CD2 . LEU A 1 34  ? 7.043   1.639   -4.236  1.00 12.96 ? 48  LEU A CD2 1 
ATOM   252  N N   . GLY A 1 35  ? 10.412  3.555   -0.376  1.00 11.25 ? 49  GLY A N   1 
ATOM   253  C CA  . GLY A 1 35  ? 11.105  3.296   0.859   1.00 9.65  ? 49  GLY A CA  1 
ATOM   254  C C   . GLY A 1 35  ? 11.835  1.963   0.852   1.00 10.86 ? 49  GLY A C   1 
ATOM   255  O O   . GLY A 1 35  ? 12.276  1.493   -0.202  1.00 13.54 ? 49  GLY A O   1 
ATOM   256  N N   . THR A 1 36  ? 11.901  1.311   2.027   1.00 13.84 ? 50  THR A N   1 
ATOM   257  C CA  . THR A 1 36  ? 12.681  0.103   2.221   1.00 14.61 ? 50  THR A CA  1 
ATOM   258  C C   . THR A 1 36  ? 11.972  -1.185  1.829   1.00 15.29 ? 50  THR A C   1 
ATOM   259  O O   . THR A 1 36  ? 12.612  -2.098  1.306   1.00 16.31 ? 50  THR A O   1 
ATOM   260  C CB  . THR A 1 36  ? 13.132  -0.030  3.691   1.00 15.61 ? 50  THR A CB  1 
ATOM   261  O OG1 . THR A 1 36  ? 11.996  -0.084  4.543   1.00 17.20 ? 50  THR A OG1 1 
ATOM   262  C CG2 . THR A 1 36  ? 13.996  1.172   4.079   1.00 18.02 ? 50  THR A CG2 1 
ATOM   263  N N   . LEU A 1 37  ? 10.667  -1.271  2.035   1.00 12.29 ? 51  LEU A N   1 
ATOM   264  C CA  . LEU A 1 37  ? 9.991   -2.530  1.781   1.00 13.64 ? 51  LEU A CA  1 
ATOM   265  C C   . LEU A 1 37  ? 9.379   -2.656  0.409   1.00 14.18 ? 51  LEU A C   1 
ATOM   266  O O   . LEU A 1 37  ? 9.238   -3.776  -0.079  1.00 13.83 ? 51  LEU A O   1 
ATOM   267  C CB  . LEU A 1 37  ? 8.888   -2.742  2.777   1.00 15.12 ? 51  LEU A CB  1 
ATOM   268  C CG  . LEU A 1 37  ? 9.234   -2.609  4.262   1.00 18.05 ? 51  LEU A CG  1 
ATOM   269  C CD1 . LEU A 1 37  ? 7.958   -2.823  5.080   1.00 17.38 ? 51  LEU A CD1 1 
ATOM   270  C CD2 . LEU A 1 37  ? 10.367  -3.590  4.608   1.00 16.01 ? 51  LEU A CD2 1 
ATOM   271  N N   . GLY A 1 38  ? 8.954   -1.526  -0.180  1.00 14.97 ? 52  GLY A N   1 
ATOM   272  C CA  . GLY A 1 38  ? 8.298   -1.475  -1.483  1.00 14.03 ? 52  GLY A CA  1 
ATOM   273  C C   . GLY A 1 38  ? 9.088   -2.172  -2.605  1.00 16.49 ? 52  GLY A C   1 
ATOM   274  O O   . GLY A 1 38  ? 8.502   -2.946  -3.377  1.00 15.63 ? 52  GLY A O   1 
ATOM   275  N N   . PRO A 1 39  ? 10.416  -2.022  -2.755  1.00 16.94 ? 53  PRO A N   1 
ATOM   276  C CA  . PRO A 1 39  ? 11.124  -2.670  -3.848  1.00 17.51 ? 53  PRO A CA  1 
ATOM   277  C C   . PRO A 1 39  ? 11.092  -4.192  -3.765  1.00 16.56 ? 53  PRO A C   1 
ATOM   278  O O   . PRO A 1 39  ? 11.068  -4.876  -4.791  1.00 15.35 ? 53  PRO A O   1 
ATOM   279  C CB  . PRO A 1 39  ? 12.518  -2.040  -3.776  1.00 15.14 ? 53  PRO A CB  1 
ATOM   280  C CG  . PRO A 1 39  ? 12.246  -0.655  -3.179  1.00 16.72 ? 53  PRO A CG  1 
ATOM   281  C CD  . PRO A 1 39  ? 11.268  -1.034  -2.077  1.00 14.61 ? 53  PRO A CD  1 
ATOM   282  N N   . SER A 1 40  ? 11.081  -4.803  -2.587  1.00 17.86 ? 54  SER A N   1 
ATOM   283  C CA  . SER A 1 40  ? 11.097  -6.263  -2.519  1.00 19.17 ? 54  SER A CA  1 
ATOM   284  C C   . SER A 1 40  ? 9.730   -6.795  -2.951  1.00 18.24 ? 54  SER A C   1 
ATOM   285  O O   . SER A 1 40  ? 9.664   -7.812  -3.648  1.00 15.59 ? 54  SER A O   1 
ATOM   286  C CB  . SER A 1 40  ? 11.379  -6.748  -1.080  1.00 20.58 ? 54  SER A CB  1 
ATOM   287  O OG  . SER A 1 40  ? 12.432  -5.984  -0.564  1.00 27.09 ? 54  SER A OG  1 
ATOM   288  N N   . ILE A 1 41  ? 8.642   -6.108  -2.545  1.00 15.48 ? 55  ILE A N   1 
ATOM   289  C CA  . ILE A 1 41  ? 7.319   -6.558  -2.954  1.00 16.49 ? 55  ILE A CA  1 
ATOM   290  C C   . ILE A 1 41  ? 7.231   -6.448  -4.477  1.00 14.74 ? 55  ILE A C   1 
ATOM   291  O O   . ILE A 1 41  ? 6.817   -7.415  -5.108  1.00 14.58 ? 55  ILE A O   1 
ATOM   292  C CB  . ILE A 1 41  ? 6.222   -5.713  -2.322  1.00 15.98 ? 55  ILE A CB  1 
ATOM   293  C CG1 . ILE A 1 41  ? 6.450   -5.646  -0.828  1.00 15.59 ? 55  ILE A CG1 1 
ATOM   294  C CG2 . ILE A 1 41  ? 4.848   -6.340  -2.649  1.00 15.76 ? 55  ILE A CG2 1 
ATOM   295  C CD1 . ILE A 1 41  ? 5.529   -4.661  -0.097  1.00 16.66 ? 55  ILE A CD1 1 
ATOM   296  N N   . ALA A 1 42  ? 7.697   -5.350  -5.074  1.00 13.67 ? 56  ALA A N   1 
ATOM   297  C CA  . ALA A 1 42  ? 7.686   -5.083  -6.506  1.00 15.13 ? 56  ALA A CA  1 
ATOM   298  C C   . ALA A 1 42  ? 8.448   -6.142  -7.264  1.00 16.55 ? 56  ALA A C   1 
ATOM   299  O O   . ALA A 1 42  ? 7.935   -6.624  -8.282  1.00 15.52 ? 56  ALA A O   1 
ATOM   300  C CB  . ALA A 1 42  ? 8.323   -3.728  -6.835  1.00 13.00 ? 56  ALA A CB  1 
ATOM   301  N N   . SER A 1 43  ? 9.620   -6.571  -6.795  1.00 16.07 ? 57  SER A N   1 
ATOM   302  C CA  . SER A 1 43  ? 10.360  -7.593  -7.501  1.00 18.94 ? 57  SER A CA  1 
ATOM   303  C C   . SER A 1 43  ? 9.592   -8.917  -7.599  1.00 18.49 ? 57  SER A C   1 
ATOM   304  O O   . SER A 1 43  ? 9.577   -9.585  -8.641  1.00 19.47 ? 57  SER A O   1 
ATOM   305  C CB  . SER A 1 43  ? 11.697  -7.777  -6.797  1.00 17.46 ? 57  SER A CB  1 
ATOM   306  O OG  . SER A 1 43  ? 12.328  -6.521  -7.006  1.00 26.57 ? 57  SER A OG  1 
ATOM   307  N N   . ASN A 1 44  ? 8.918   -9.282  -6.524  1.00 18.43 ? 58  ASN A N   1 
ATOM   308  C CA  . ASN A 1 44  ? 8.124   -10.494 -6.470  1.00 21.49 ? 58  ASN A CA  1 
ATOM   309  C C   . ASN A 1 44  ? 6.880   -10.434 -7.339  1.00 19.27 ? 58  ASN A C   1 
ATOM   310  O O   . ASN A 1 44  ? 6.414   -11.409 -7.942  1.00 16.08 ? 58  ASN A O   1 
ATOM   311  C CB  . ASN A 1 44  ? 7.649   -10.764 -5.077  1.00 25.64 ? 58  ASN A CB  1 
ATOM   312  C CG  . ASN A 1 44  ? 8.639   -11.547 -4.261  1.00 31.65 ? 58  ASN A CG  1 
ATOM   313  O OD1 . ASN A 1 44  ? 8.587   -12.771 -4.315  1.00 34.66 ? 58  ASN A OD1 1 
ATOM   314  N ND2 . ASN A 1 44  ? 9.524   -10.912 -3.495  1.00 32.95 ? 58  ASN A ND2 1 
ATOM   315  N N   . LEU A 1 45  ? 6.286   -9.263  -7.350  1.00 15.36 ? 59  LEU A N   1 
ATOM   316  C CA  . LEU A 1 45  ? 5.110   -9.072  -8.175  1.00 13.91 ? 59  LEU A CA  1 
ATOM   317  C C   . LEU A 1 45  ? 5.503   -9.168  -9.626  1.00 14.40 ? 59  LEU A C   1 
ATOM   318  O O   . LEU A 1 45  ? 4.785   -9.796  -10.399 1.00 16.23 ? 59  LEU A O   1 
ATOM   319  C CB  . LEU A 1 45  ? 4.490   -7.724  -7.921  1.00 12.28 ? 59  LEU A CB  1 
ATOM   320  C CG  . LEU A 1 45  ? 3.796   -7.544  -6.592  1.00 10.01 ? 59  LEU A CG  1 
ATOM   321  C CD1 . LEU A 1 45  ? 3.289   -6.122  -6.498  1.00 10.22 ? 59  LEU A CD1 1 
ATOM   322  C CD2 . LEU A 1 45  ? 2.695   -8.561  -6.447  1.00 12.59 ? 59  LEU A CD2 1 
ATOM   323  N N   . GLU A 1 46  ? 6.652   -8.652  -10.031 1.00 14.51 ? 60  GLU A N   1 
ATOM   324  C CA  . GLU A 1 46  ? 7.052   -8.758  -11.424 1.00 17.12 ? 60  GLU A CA  1 
ATOM   325  C C   . GLU A 1 46  ? 7.465   -10.160 -11.779 1.00 15.79 ? 60  GLU A C   1 
ATOM   326  O O   . GLU A 1 46  ? 7.330   -10.488 -12.945 1.00 17.26 ? 60  GLU A O   1 
ATOM   327  C CB  . GLU A 1 46  ? 8.224   -7.868  -11.758 1.00 21.05 ? 60  GLU A CB  1 
ATOM   328  C CG  . GLU A 1 46  ? 7.816   -6.423  -11.712 1.00 24.91 ? 60  GLU A CG  1 
ATOM   329  C CD  . GLU A 1 46  ? 8.946   -5.447  -11.471 1.00 27.59 ? 60  GLU A CD  1 
ATOM   330  O OE1 . GLU A 1 46  ? 10.130  -5.762  -11.576 1.00 29.99 ? 60  GLU A OE1 1 
ATOM   331  O OE2 . GLU A 1 46  ? 8.605   -4.335  -11.139 1.00 30.71 ? 60  GLU A OE2 1 
ATOM   332  N N   . SER A 1 47  ? 8.038   -10.974 -10.909 1.00 14.67 ? 61  SER A N   1 
ATOM   333  C CA  . SER A 1 47  ? 8.214   -12.384 -11.209 1.00 17.71 ? 61  SER A CA  1 
ATOM   334  C C   . SER A 1 47  ? 6.893   -13.094 -11.458 1.00 17.20 ? 61  SER A C   1 
ATOM   335  O O   . SER A 1 47  ? 6.757   -13.936 -12.345 1.00 19.40 ? 61  SER A O   1 
ATOM   336  C CB  . SER A 1 47  ? 8.894   -13.112 -10.068 1.00 18.36 ? 61  SER A CB  1 
ATOM   337  O OG  . SER A 1 47  ? 10.209  -12.580 -10.179 1.00 28.23 ? 61  SER A OG  1 
ATOM   338  N N   . ALA A 1 48  ? 5.886   -12.795 -10.675 1.00 15.44 ? 62  ALA A N   1 
ATOM   339  C CA  . ALA A 1 48  ? 4.638   -13.501 -10.824 1.00 16.12 ? 62  ALA A CA  1 
ATOM   340  C C   . ALA A 1 48  ? 3.930   -13.017 -12.075 1.00 16.15 ? 62  ALA A C   1 
ATOM   341  O O   . ALA A 1 48  ? 3.488   -13.842 -12.853 1.00 16.05 ? 62  ALA A O   1 
ATOM   342  C CB  . ALA A 1 48  ? 3.714   -13.270 -9.605  1.00 12.61 ? 62  ALA A CB  1 
ATOM   343  N N   . PHE A 1 49  ? 3.836   -11.742 -12.362 1.00 14.75 ? 63  PHE A N   1 
ATOM   344  C CA  . PHE A 1 49  ? 2.996   -11.305 -13.449 1.00 15.55 ? 63  PHE A CA  1 
ATOM   345  C C   . PHE A 1 49  ? 3.718   -10.911 -14.686 1.00 14.45 ? 63  PHE A C   1 
ATOM   346  O O   . PHE A 1 49  ? 3.071   -10.625 -15.687 1.00 16.33 ? 63  PHE A O   1 
ATOM   347  C CB  . PHE A 1 49  ? 2.137   -10.120 -13.002 1.00 16.58 ? 63  PHE A CB  1 
ATOM   348  C CG  . PHE A 1 49  ? 1.240   -10.520 -11.830 1.00 18.37 ? 63  PHE A CG  1 
ATOM   349  C CD1 . PHE A 1 49  ? 0.300   -11.522 -11.994 1.00 17.23 ? 63  PHE A CD1 1 
ATOM   350  C CD2 . PHE A 1 49  ? 1.376   -9.864  -10.612 1.00 18.88 ? 63  PHE A CD2 1 
ATOM   351  C CE1 . PHE A 1 49  ? -0.480  -11.857 -10.909 1.00 21.79 ? 63  PHE A CE1 1 
ATOM   352  C CE2 . PHE A 1 49  ? 0.589   -10.196 -9.536  1.00 20.17 ? 63  PHE A CE2 1 
ATOM   353  C CZ  . PHE A 1 49  ? -0.345  -11.201 -9.685  1.00 21.81 ? 63  PHE A CZ  1 
ATOM   354  N N   . GLY A 1 50  ? 5.038   -10.898 -14.627 1.00 15.29 ? 64  GLY A N   1 
ATOM   355  C CA  . GLY A 1 50  ? 5.863   -10.399 -15.707 1.00 14.84 ? 64  GLY A CA  1 
ATOM   356  C C   . GLY A 1 50  ? 5.936   -8.868  -15.580 1.00 18.69 ? 64  GLY A C   1 
ATOM   357  O O   . GLY A 1 50  ? 4.989   -8.233  -15.089 1.00 18.25 ? 64  GLY A O   1 
ATOM   358  N N   . LYS A 1 51  ? 7.034   -8.267  -16.052 1.00 18.57 ? 65  LYS A N   1 
ATOM   359  C CA  . LYS A 1 51  ? 7.294   -6.833  -16.012 1.00 22.82 ? 65  LYS A CA  1 
ATOM   360  C C   . LYS A 1 51  ? 6.159   -6.029  -16.636 1.00 23.42 ? 65  LYS A C   1 
ATOM   361  O O   . LYS A 1 51  ? 5.754   -4.994  -16.135 1.00 23.85 ? 65  LYS A O   1 
ATOM   362  C CB  . LYS A 1 51  ? 8.607   -6.515  -16.758 1.00 24.67 ? 65  LYS A CB  1 
ATOM   363  C CG  . LYS A 1 51  ? 9.900   -6.322  -15.961 1.00 30.90 ? 65  LYS A CG  1 
ATOM   364  C CD  . LYS A 1 51  ? 9.975   -5.048  -15.078 1.00 34.75 ? 65  LYS A CD  1 
ATOM   365  C CE  . LYS A 1 51  ? 11.357  -4.855  -14.372 1.00 37.87 ? 65  LYS A CE  1 
ATOM   366  N NZ  . LYS A 1 51  ? 11.449  -3.718  -13.437 1.00 35.61 ? 65  LYS A NZ  1 
ATOM   367  N N   . ASP A 1 52  ? 5.619   -6.512  -17.744 1.00 24.20 ? 66  ASP A N   1 
ATOM   368  C CA  . ASP A 1 52  ? 4.549   -5.894  -18.486 1.00 24.66 ? 66  ASP A CA  1 
ATOM   369  C C   . ASP A 1 52  ? 3.211   -6.101  -17.812 1.00 23.85 ? 66  ASP A C   1 
ATOM   370  O O   . ASP A 1 52  ? 2.287   -5.338  -18.075 1.00 24.71 ? 66  ASP A O   1 
ATOM   371  C CB  . ASP A 1 52  ? 4.478   -6.514  -19.879 1.00 29.72 ? 66  ASP A CB  1 
ATOM   372  C CG  . ASP A 1 52  ? 5.164   -5.761  -21.006 1.00 33.57 ? 66  ASP A CG  1 
ATOM   373  O OD1 . ASP A 1 52  ? 6.138   -5.046  -20.765 1.00 34.46 ? 66  ASP A OD1 1 
ATOM   374  O OD2 . ASP A 1 52  ? 4.695   -5.894  -22.140 1.00 36.76 ? 66  ASP A OD2 1 
ATOM   375  N N   . GLY A 1 53  ? 3.058   -7.152  -16.999 1.00 19.91 ? 67  GLY A N   1 
ATOM   376  C CA  . GLY A 1 53  ? 1.781   -7.473  -16.412 1.00 17.89 ? 67  GLY A CA  1 
ATOM   377  C C   . GLY A 1 53  ? 1.476   -6.733  -15.111 1.00 18.72 ? 67  GLY A C   1 
ATOM   378  O O   . GLY A 1 53  ? 0.322   -6.839  -14.656 1.00 17.65 ? 67  GLY A O   1 
ATOM   379  N N   . VAL A 1 54  ? 2.392   -5.976  -14.475 1.00 14.54 ? 68  VAL A N   1 
ATOM   380  C CA  . VAL A 1 54  ? 2.036   -5.284  -13.245 1.00 13.20 ? 68  VAL A CA  1 
ATOM   381  C C   . VAL A 1 54  ? 2.639   -3.875  -13.301 1.00 13.53 ? 68  VAL A C   1 
ATOM   382  O O   . VAL A 1 54  ? 3.722   -3.655  -13.862 1.00 15.27 ? 68  VAL A O   1 
ATOM   383  C CB  . VAL A 1 54  ? 2.545   -6.114  -12.018 1.00 13.94 ? 68  VAL A CB  1 
ATOM   384  C CG1 . VAL A 1 54  ? 4.068   -6.348  -12.060 1.00 17.04 ? 68  VAL A CG1 1 
ATOM   385  C CG2 . VAL A 1 54  ? 2.191   -5.348  -10.740 1.00 14.06 ? 68  VAL A CG2 1 
ATOM   386  N N   . TRP A 1 55  ? 1.880   -2.883  -12.843 1.00 12.36 ? 69  TRP A N   1 
ATOM   387  C CA  . TRP A 1 55  ? 2.334   -1.517  -12.698 1.00 11.11 ? 69  TRP A CA  1 
ATOM   388  C C   . TRP A 1 55  ? 2.582   -1.288  -11.216 1.00 14.80 ? 69  TRP A C   1 
ATOM   389  O O   . TRP A 1 55  ? 1.694   -1.601  -10.409 1.00 14.43 ? 69  TRP A O   1 
ATOM   390  C CB  . TRP A 1 55  ? 1.287   -0.537  -13.106 1.00 9.34  ? 69  TRP A CB  1 
ATOM   391  C CG  . TRP A 1 55  ? 1.281   -0.190  -14.580 1.00 10.58 ? 69  TRP A CG  1 
ATOM   392  C CD1 . TRP A 1 55  ? 2.206   -0.689  -15.461 1.00 10.26 ? 69  TRP A CD1 1 
ATOM   393  C CD2 . TRP A 1 55  ? 0.359   0.630   -15.194 1.00 10.54 ? 69  TRP A CD2 1 
ATOM   394  N NE1 . TRP A 1 55  ? 1.854   -0.191  -16.621 1.00 12.09 ? 69  TRP A NE1 1 
ATOM   395  C CE2 . TRP A 1 55  ? 0.780   0.597   -16.505 1.00 12.03 ? 69  TRP A CE2 1 
ATOM   396  C CE3 . TRP A 1 55  ? -0.752  1.386   -14.857 1.00 14.64 ? 69  TRP A CE3 1 
ATOM   397  C CZ2 . TRP A 1 55  ? 0.137   1.298   -17.510 1.00 12.86 ? 69  TRP A CZ2 1 
ATOM   398  C CZ3 . TRP A 1 55  ? -1.411  2.092   -15.870 1.00 13.71 ? 69  TRP A CZ3 1 
ATOM   399  C CH2 . TRP A 1 55  ? -0.964  2.048   -17.176 1.00 13.31 ? 69  TRP A CH2 1 
ATOM   400  N N   . ILE A 1 56  ? 3.738   -0.785  -10.780 1.00 14.30 ? 70  ILE A N   1 
ATOM   401  C CA  . ILE A 1 56  ? 3.931   -0.428  -9.383  1.00 13.78 ? 70  ILE A CA  1 
ATOM   402  C C   . ILE A 1 56  ? 4.155   1.077   -9.314  1.00 11.04 ? 70  ILE A C   1 
ATOM   403  O O   . ILE A 1 56  ? 4.849   1.756   -10.085 1.00 11.40 ? 70  ILE A O   1 
ATOM   404  C CB  . ILE A 1 56  ? 5.108   -1.341  -8.728  1.00 18.67 ? 70  ILE A CB  1 
ATOM   405  C CG1 . ILE A 1 56  ? 6.041   -0.462  -7.977  1.00 19.42 ? 70  ILE A CG1 1 
ATOM   406  C CG2 . ILE A 1 56  ? 5.839   -2.230  -9.689  1.00 16.98 ? 70  ILE A CG2 1 
ATOM   407  C CD1 . ILE A 1 56  ? 5.418   -0.174  -6.624  1.00 25.17 ? 70  ILE A CD1 1 
ATOM   408  N N   . GLN A 1 57  ? 3.376   1.582   -8.380  1.00 12.23 ? 71  GLN A N   1 
ATOM   409  C CA  . GLN A 1 57  ? 3.245   2.996   -8.139  1.00 11.16 ? 71  GLN A CA  1 
ATOM   410  C C   . GLN A 1 57  ? 3.367   3.292   -6.648  1.00 11.22 ? 71  GLN A C   1 
ATOM   411  O O   . GLN A 1 57  ? 2.506   2.903   -5.864  1.00 9.72  ? 71  GLN A O   1 
ATOM   412  C CB  . GLN A 1 57  ? 1.879   3.467   -8.651  1.00 9.93  ? 71  GLN A CB  1 
ATOM   413  C CG  . GLN A 1 57  ? 1.621   4.931   -8.446  1.00 13.11 ? 71  GLN A CG  1 
ATOM   414  C CD  . GLN A 1 57  ? 2.619   5.828   -9.150  1.00 15.35 ? 71  GLN A CD  1 
ATOM   415  O OE1 . GLN A 1 57  ? 3.338   6.638   -8.556  1.00 16.87 ? 71  GLN A OE1 1 
ATOM   416  N NE2 . GLN A 1 57  ? 2.739   5.732   -10.464 1.00 8.92  ? 71  GLN A NE2 1 
ATOM   417  N N   . GLY A 1 58  ? 4.398   4.038   -6.268  1.00 11.28 ? 72  GLY A N   1 
ATOM   418  C CA  . GLY A 1 58  ? 4.496   4.486   -4.885  1.00 10.48 ? 72  GLY A CA  1 
ATOM   419  C C   . GLY A 1 58  ? 3.702   5.783   -4.704  1.00 10.76 ? 72  GLY A C   1 
ATOM   420  O O   . GLY A 1 58  ? 3.482   6.536   -5.675  1.00 13.85 ? 72  GLY A O   1 
ATOM   421  N N   . VAL A 1 59  ? 3.229   6.083   -3.485  1.00 11.99 ? 73  VAL A N   1 
ATOM   422  C CA  . VAL A 1 59  ? 2.457   7.313   -3.260  1.00 10.58 ? 73  VAL A CA  1 
ATOM   423  C C   . VAL A 1 59  ? 3.441   8.446   -2.962  1.00 14.14 ? 73  VAL A C   1 
ATOM   424  O O   . VAL A 1 59  ? 4.141   8.430   -1.942  1.00 15.64 ? 73  VAL A O   1 
ATOM   425  C CB  . VAL A 1 59  ? 1.510   7.145   -2.091  1.00 11.27 ? 73  VAL A CB  1 
ATOM   426  C CG1 . VAL A 1 59  ? 0.746   8.455   -1.941  1.00 10.82 ? 73  VAL A CG1 1 
ATOM   427  C CG2 . VAL A 1 59  ? 0.516   5.999   -2.322  1.00 10.53 ? 73  VAL A CG2 1 
ATOM   428  N N   . GLY A 1 60  ? 3.539   9.413   -3.862  1.00 13.31 ? 74  GLY A N   1 
ATOM   429  C CA  . GLY A 1 60  ? 4.441   10.541  -3.689  1.00 16.20 ? 74  GLY A CA  1 
ATOM   430  C C   . GLY A 1 60  ? 3.607   11.816  -3.649  1.00 14.68 ? 74  GLY A C   1 
ATOM   431  O O   . GLY A 1 60  ? 2.623   11.911  -2.908  1.00 15.14 ? 74  GLY A O   1 
ATOM   432  N N   . GLY A 1 61  ? 3.954   12.784  -4.487  1.00 15.70 ? 75  GLY A N   1 
ATOM   433  C CA  . GLY A 1 61  ? 3.213   14.026  -4.604  1.00 16.54 ? 75  GLY A CA  1 
ATOM   434  C C   . GLY A 1 61  ? 3.112   14.668  -3.241  1.00 18.25 ? 75  GLY A C   1 
ATOM   435  O O   . GLY A 1 61  ? 4.099   14.808  -2.509  1.00 20.84 ? 75  GLY A O   1 
ATOM   436  N N   . ALA A 1 62  ? 1.876   14.862  -2.815  1.00 17.36 ? 76  ALA A N   1 
ATOM   437  C CA  . ALA A 1 62  ? 1.651   15.554  -1.562  1.00 17.52 ? 76  ALA A CA  1 
ATOM   438  C C   . ALA A 1 62  ? 1.952   14.654  -0.363  1.00 18.37 ? 76  ALA A C   1 
ATOM   439  O O   . ALA A 1 62  ? 1.847   15.128  0.780   1.00 18.54 ? 76  ALA A O   1 
ATOM   440  C CB  . ALA A 1 62  ? 0.211   16.006  -1.474  1.00 15.64 ? 76  ALA A CB  1 
ATOM   441  N N   . TYR A 1 63  ? 2.314   13.377  -0.523  1.00 16.79 ? 77  TYR A N   1 
ATOM   442  C CA  . TYR A 1 63  ? 2.578   12.554  0.626   1.00 16.46 ? 77  TYR A CA  1 
ATOM   443  C C   . TYR A 1 63  ? 4.057   12.691  0.885   1.00 17.79 ? 77  TYR A C   1 
ATOM   444  O O   . TYR A 1 63  ? 4.922   12.074  0.267   1.00 18.12 ? 77  TYR A O   1 
ATOM   445  C CB  . TYR A 1 63  ? 2.239   11.087  0.400   1.00 13.72 ? 77  TYR A CB  1 
ATOM   446  C CG  . TYR A 1 63  ? 2.597   10.197  1.569   1.00 11.85 ? 77  TYR A CG  1 
ATOM   447  C CD1 . TYR A 1 63  ? 2.300   10.579  2.871   1.00 10.69 ? 77  TYR A CD1 1 
ATOM   448  C CD2 . TYR A 1 63  ? 3.224   8.999   1.312   1.00 10.80 ? 77  TYR A CD2 1 
ATOM   449  C CE1 . TYR A 1 63  ? 2.641   9.761   3.911   1.00 10.34 ? 77  TYR A CE1 1 
ATOM   450  C CE2 . TYR A 1 63  ? 3.559   8.164   2.346   1.00 9.59  ? 77  TYR A CE2 1 
ATOM   451  C CZ  . TYR A 1 63  ? 3.272   8.557   3.638   1.00 12.21 ? 77  TYR A CZ  1 
ATOM   452  O OH  . TYR A 1 63  ? 3.672   7.759   4.695   1.00 13.96 ? 77  TYR A OH  1 
ATOM   453  N N   . ARG A 1 64  ? 4.276   13.521  1.899   1.00 18.32 ? 78  ARG A N   1 
ATOM   454  C CA  . ARG A 1 64  ? 5.629   13.832  2.295   1.00 19.24 ? 78  ARG A CA  1 
ATOM   455  C C   . ARG A 1 64  ? 6.207   12.893  3.326   1.00 17.30 ? 78  ARG A C   1 
ATOM   456  O O   . ARG A 1 64  ? 7.418   12.957  3.547   1.00 14.54 ? 78  ARG A O   1 
ATOM   457  C CB  . ARG A 1 64  ? 5.625   15.269  2.760   1.00 24.12 ? 78  ARG A CB  1 
ATOM   458  C CG  . ARG A 1 64  ? 6.428   16.036  1.727   1.00 35.87 ? 78  ARG A CG  1 
ATOM   459  C CD  . ARG A 1 64  ? 6.055   15.998  0.201   1.00 43.42 ? 78  ARG A CD  1 
ATOM   460  N NE  . ARG A 1 64  ? 6.009   14.708  -0.526  1.00 51.13 ? 78  ARG A NE  1 
ATOM   461  C CZ  . ARG A 1 64  ? 7.068   14.010  -1.021  1.00 53.12 ? 78  ARG A CZ  1 
ATOM   462  N NH1 . ARG A 1 64  ? 8.344   14.414  -0.864  1.00 53.39 ? 78  ARG A NH1 1 
ATOM   463  N NH2 . ARG A 1 64  ? 6.827   12.846  -1.659  1.00 52.11 ? 78  ARG A NH2 1 
ATOM   464  N N   . ALA A 1 65  ? 5.354   12.037  3.947   1.00 15.39 ? 79  ALA A N   1 
ATOM   465  C CA  . ALA A 1 65  ? 5.763   11.051  4.938   1.00 15.68 ? 79  ALA A CA  1 
ATOM   466  C C   . ALA A 1 65  ? 6.551   11.720  6.094   1.00 17.75 ? 79  ALA A C   1 
ATOM   467  O O   . ALA A 1 65  ? 7.608   11.292  6.545   1.00 17.57 ? 79  ALA A O   1 
ATOM   468  C CB  . ALA A 1 65  ? 6.624   9.959   4.259   1.00 14.19 ? 79  ALA A CB  1 
ATOM   469  N N   . THR A 1 66  ? 5.945   12.778  6.623   1.00 21.56 ? 80  THR A N   1 
ATOM   470  C CA  . THR A 1 66  ? 6.426   13.631  7.698   1.00 22.11 ? 80  THR A CA  1 
ATOM   471  C C   . THR A 1 66  ? 6.128   12.903  8.985   1.00 20.74 ? 80  THR A C   1 
ATOM   472  O O   . THR A 1 66  ? 5.010   12.416  9.226   1.00 17.06 ? 80  THR A O   1 
ATOM   473  C CB  . THR A 1 66  ? 5.648   14.931  7.529   1.00 23.87 ? 80  THR A CB  1 
ATOM   474  O OG1 . THR A 1 66  ? 6.408   15.639  6.565   1.00 28.49 ? 80  THR A OG1 1 
ATOM   475  C CG2 . THR A 1 66  ? 5.382   15.705  8.795   1.00 26.68 ? 80  THR A CG2 1 
ATOM   476  N N   . LEU A 1 67  ? 7.114   12.831  9.863   1.00 19.46 ? 81  LEU A N   1 
ATOM   477  C CA  . LEU A 1 67  ? 6.938   12.139  11.135  1.00 18.68 ? 81  LEU A CA  1 
ATOM   478  C C   . LEU A 1 67  ? 5.863   12.825  11.964  1.00 16.12 ? 81  LEU A C   1 
ATOM   479  O O   . LEU A 1 67  ? 5.035   12.155  12.569  1.00 16.68 ? 81  LEU A O   1 
ATOM   480  C CB  . LEU A 1 67  ? 8.308   12.134  11.786  1.00 18.96 ? 81  LEU A CB  1 
ATOM   481  C CG  . LEU A 1 67  ? 8.831   11.067  12.677  1.00 23.08 ? 81  LEU A CG  1 
ATOM   482  C CD1 . LEU A 1 67  ? 8.471   9.626   12.306  1.00 18.87 ? 81  LEU A CD1 1 
ATOM   483  C CD2 . LEU A 1 67  ? 10.331  11.252  12.556  1.00 24.05 ? 81  LEU A CD2 1 
ATOM   484  N N   . GLY A 1 68  ? 5.732   14.156  11.912  1.00 16.65 ? 82  GLY A N   1 
ATOM   485  C CA  . GLY A 1 68  ? 4.719   14.832  12.693  1.00 15.31 ? 82  GLY A CA  1 
ATOM   486  C C   . GLY A 1 68  ? 3.310   14.520  12.224  1.00 16.69 ? 82  GLY A C   1 
ATOM   487  O O   . GLY A 1 68  ? 2.360   14.624  13.014  1.00 14.55 ? 82  GLY A O   1 
ATOM   488  N N   . ASP A 1 69  ? 3.107   14.063  10.979  1.00 17.04 ? 83  ASP A N   1 
ATOM   489  C CA  . ASP A 1 69  ? 1.724   13.788  10.546  1.00 17.63 ? 83  ASP A CA  1 
ATOM   490  C C   . ASP A 1 69  ? 1.057   12.575  11.147  1.00 15.98 ? 83  ASP A C   1 
ATOM   491  O O   . ASP A 1 69  ? -0.169  12.442  11.122  1.00 13.74 ? 83  ASP A O   1 
ATOM   492  C CB  . ASP A 1 69  ? 1.652   13.661  9.019   1.00 18.61 ? 83  ASP A CB  1 
ATOM   493  C CG  . ASP A 1 69  ? 1.775   15.000  8.326   1.00 22.61 ? 83  ASP A CG  1 
ATOM   494  O OD1 . ASP A 1 69  ? 1.510   16.038  8.952   1.00 22.54 ? 83  ASP A OD1 1 
ATOM   495  O OD2 . ASP A 1 69  ? 2.143   15.009  7.150   1.00 23.59 ? 83  ASP A OD2 1 
ATOM   496  N N   . ASN A 1 70  ? 1.895   11.733  11.762  1.00 15.33 ? 84  ASN A N   1 
ATOM   497  C CA  . ASN A 1 70  ? 1.455   10.547  12.463  1.00 15.65 ? 84  ASN A CA  1 
ATOM   498  C C   . ASN A 1 70  ? 0.528   10.896  13.585  1.00 18.31 ? 84  ASN A C   1 
ATOM   499  O O   . ASN A 1 70  ? -0.335  10.119  13.953  1.00 19.82 ? 84  ASN A O   1 
ATOM   500  C CB  . ASN A 1 70  ? 2.604   9.789   13.062  1.00 16.34 ? 84  ASN A CB  1 
ATOM   501  C CG  . ASN A 1 70  ? 3.413   9.002   12.068  1.00 18.32 ? 84  ASN A CG  1 
ATOM   502  O OD1 . ASN A 1 70  ? 2.931   8.031   11.460  1.00 20.91 ? 84  ASN A OD1 1 
ATOM   503  N ND2 . ASN A 1 70  ? 4.685   9.326   11.882  1.00 18.67 ? 84  ASN A ND2 1 
ATOM   504  N N   . ALA A 1 71  ? 0.639   12.089  14.131  1.00 19.45 ? 85  ALA A N   1 
ATOM   505  C CA  . ALA A 1 71  ? -0.203  12.498  15.235  1.00 20.83 ? 85  ALA A CA  1 
ATOM   506  C C   . ALA A 1 71  ? -1.505  13.118  14.761  1.00 19.56 ? 85  ALA A C   1 
ATOM   507  O O   . ALA A 1 71  ? -2.351  13.478  15.576  1.00 22.30 ? 85  ALA A O   1 
ATOM   508  C CB  . ALA A 1 71  ? 0.573   13.499  16.115  1.00 18.57 ? 85  ALA A CB  1 
ATOM   509  N N   . LEU A 1 72  ? -1.735  13.285  13.475  1.00 18.27 ? 86  LEU A N   1 
ATOM   510  C CA  . LEU A 1 72  ? -2.987  13.846  12.993  1.00 20.19 ? 86  LEU A CA  1 
ATOM   511  C C   . LEU A 1 72  ? -4.105  12.815  13.164  1.00 21.29 ? 86  LEU A C   1 
ATOM   512  O O   . LEU A 1 72  ? -3.766  11.632  13.231  1.00 21.31 ? 86  LEU A O   1 
ATOM   513  C CB  . LEU A 1 72  ? -2.767  14.223  11.548  1.00 22.25 ? 86  LEU A CB  1 
ATOM   514  C CG  . LEU A 1 72  ? -2.476  15.691  11.132  1.00 25.54 ? 86  LEU A CG  1 
ATOM   515  C CD1 . LEU A 1 72  ? -1.747  16.425  12.230  1.00 28.02 ? 86  LEU A CD1 1 
ATOM   516  C CD2 . LEU A 1 72  ? -1.634  15.730  9.885   1.00 24.14 ? 86  LEU A CD2 1 
ATOM   517  N N   . PRO A 1 73  ? -5.412  13.102  13.247  1.00 23.62 ? 87  PRO A N   1 
ATOM   518  C CA  . PRO A 1 73  ? -6.507  12.152  13.507  1.00 24.50 ? 87  PRO A CA  1 
ATOM   519  C C   . PRO A 1 73  ? -6.479  10.840  12.774  1.00 24.49 ? 87  PRO A C   1 
ATOM   520  O O   . PRO A 1 73  ? -6.594  9.775   13.390  1.00 26.28 ? 87  PRO A O   1 
ATOM   521  C CB  . PRO A 1 73  ? -7.772  12.853  13.175  1.00 24.38 ? 87  PRO A CB  1 
ATOM   522  C CG  . PRO A 1 73  ? -7.383  14.200  13.682  1.00 27.51 ? 87  PRO A CG  1 
ATOM   523  C CD  . PRO A 1 73  ? -5.987  14.424  13.093  1.00 24.63 ? 87  PRO A CD  1 
ATOM   524  N N   . ARG A 1 74  ? -6.273  10.886  11.468  1.00 21.43 ? 88  ARG A N   1 
ATOM   525  C CA  . ARG A 1 74  ? -6.321  9.618   10.752  1.00 21.35 ? 88  ARG A CA  1 
ATOM   526  C C   . ARG A 1 74  ? -4.954  8.952   10.632  1.00 21.00 ? 88  ARG A C   1 
ATOM   527  O O   . ARG A 1 74  ? -4.785  7.960   9.912   1.00 19.35 ? 88  ARG A O   1 
ATOM   528  C CB  . ARG A 1 74  ? -6.921  9.880   9.372   1.00 23.24 ? 88  ARG A CB  1 
ATOM   529  C CG  . ARG A 1 74  ? -8.282  10.544  9.565   1.00 23.39 ? 88  ARG A CG  1 
ATOM   530  C CD  . ARG A 1 74  ? -9.003  10.793  8.268   1.00 25.33 ? 88  ARG A CD  1 
ATOM   531  N NE  . ARG A 1 74  ? -9.597  9.520   7.859   1.00 25.87 ? 88  ARG A NE  1 
ATOM   532  C CZ  . ARG A 1 74  ? -10.106 9.373   6.627   1.00 24.67 ? 88  ARG A CZ  1 
ATOM   533  N NH1 . ARG A 1 74  ? -10.066 10.395  5.765   1.00 23.83 ? 88  ARG A NH1 1 
ATOM   534  N NH2 . ARG A 1 74  ? -10.633 8.201   6.270   1.00 20.92 ? 88  ARG A NH2 1 
ATOM   535  N N   . GLY A 1 75  ? -3.935  9.521   11.280  1.00 18.31 ? 89  GLY A N   1 
ATOM   536  C CA  . GLY A 1 75  ? -2.601  8.984   11.274  1.00 13.22 ? 89  GLY A CA  1 
ATOM   537  C C   . GLY A 1 75  ? -1.810  9.502   10.121  1.00 10.62 ? 89  GLY A C   1 
ATOM   538  O O   . GLY A 1 75  ? -0.730  8.995   9.906   1.00 13.09 ? 89  GLY A O   1 
ATOM   539  N N   . THR A 1 76  ? -2.314  10.446  9.341   1.00 12.26 ? 90  THR A N   1 
ATOM   540  C CA  . THR A 1 76  ? -1.583  11.031  8.234   1.00 13.64 ? 90  THR A CA  1 
ATOM   541  C C   . THR A 1 76  ? -2.314  12.328  7.915   1.00 13.59 ? 90  THR A C   1 
ATOM   542  O O   . THR A 1 76  ? -3.343  12.611  8.544   1.00 17.52 ? 90  THR A O   1 
ATOM   543  C CB  . THR A 1 76  ? -1.576  10.060  6.977   1.00 15.01 ? 90  THR A CB  1 
ATOM   544  O OG1 . THR A 1 76  ? -0.651  10.600  6.050   1.00 13.61 ? 90  THR A OG1 1 
ATOM   545  C CG2 . THR A 1 76  ? -2.974  9.879   6.328   1.00 13.93 ? 90  THR A CG2 1 
ATOM   546  N N   . SER A 1 77  ? -1.886  13.089  6.907   1.00 15.66 ? 91  SER A N   1 
ATOM   547  C CA  . SER A 1 77  ? -2.571  14.314  6.551   1.00 15.93 ? 91  SER A CA  1 
ATOM   548  C C   . SER A 1 77  ? -3.658  14.124  5.509   1.00 15.59 ? 91  SER A C   1 
ATOM   549  O O   . SER A 1 77  ? -3.588  13.220  4.661   1.00 13.19 ? 91  SER A O   1 
ATOM   550  C CB  . SER A 1 77  ? -1.582  15.294  6.023   1.00 16.43 ? 91  SER A CB  1 
ATOM   551  O OG  . SER A 1 77  ? -1.011  14.885  4.794   1.00 20.08 ? 91  SER A OG  1 
ATOM   552  N N   . SER A 1 78  ? -4.602  15.046  5.537   1.00 15.62 ? 92  SER A N   1 
ATOM   553  C CA  . SER A 1 78  ? -5.655  15.083  4.554   1.00 19.64 ? 92  SER A CA  1 
ATOM   554  C C   . SER A 1 78  ? -5.148  15.161  3.135   1.00 18.65 ? 92  SER A C   1 
ATOM   555  O O   . SER A 1 78  ? -5.679  14.503  2.236   1.00 17.13 ? 92  SER A O   1 
ATOM   556  C CB  . SER A 1 78  ? -6.527  16.265  4.826   1.00 22.47 ? 92  SER A CB  1 
ATOM   557  O OG  . SER A 1 78  ? -7.026  16.043  6.123   1.00 28.80 ? 92  SER A OG  1 
ATOM   558  N N   . ALA A 1 79  ? -4.108  15.980  2.934   1.00 17.82 ? 93  ALA A N   1 
ATOM   559  C CA  . ALA A 1 79  ? -3.463  16.099  1.636   1.00 17.62 ? 93  ALA A CA  1 
ATOM   560  C C   . ALA A 1 79  ? -2.911  14.766  1.121   1.00 16.66 ? 93  ALA A C   1 
ATOM   561  O O   . ALA A 1 79  ? -3.071  14.399  -0.052  1.00 12.31 ? 93  ALA A O   1 
ATOM   562  C CB  . ALA A 1 79  ? -2.314  17.077  1.707   1.00 18.94 ? 93  ALA A CB  1 
ATOM   563  N N   . ALA A 1 80  ? -2.285  14.011  2.011   1.00 13.98 ? 94  ALA A N   1 
ATOM   564  C CA  . ALA A 1 80  ? -1.745  12.735  1.619   1.00 16.52 ? 94  ALA A CA  1 
ATOM   565  C C   . ALA A 1 80  ? -2.884  11.774  1.205   1.00 16.12 ? 94  ALA A C   1 
ATOM   566  O O   . ALA A 1 80  ? -2.723  11.049  0.218   1.00 14.58 ? 94  ALA A O   1 
ATOM   567  C CB  . ALA A 1 80  ? -0.959  12.129  2.783   1.00 14.97 ? 94  ALA A CB  1 
ATOM   568  N N   . ILE A 1 81  ? -4.022  11.762  1.914   1.00 15.63 ? 95  ILE A N   1 
ATOM   569  C CA  . ILE A 1 81  ? -5.158  10.891  1.590   1.00 16.15 ? 95  ILE A CA  1 
ATOM   570  C C   . ILE A 1 81  ? -5.684  11.230  0.199   1.00 16.87 ? 95  ILE A C   1 
ATOM   571  O O   . ILE A 1 81  ? -5.916  10.374  -0.656  1.00 13.21 ? 95  ILE A O   1 
ATOM   572  C CB  . ILE A 1 81  ? -6.225  11.074  2.691   1.00 14.75 ? 95  ILE A CB  1 
ATOM   573  C CG1 . ILE A 1 81  ? -5.684  10.450  3.991   1.00 12.67 ? 95  ILE A CG1 1 
ATOM   574  C CG2 . ILE A 1 81  ? -7.548  10.397  2.314   1.00 15.71 ? 95  ILE A CG2 1 
ATOM   575  C CD1 . ILE A 1 81  ? -6.435  10.870  5.247   1.00 15.98 ? 95  ILE A CD1 1 
ATOM   576  N N   . ARG A 1 82  ? -5.781  12.518  -0.079  1.00 16.90 ? 96  ARG A N   1 
ATOM   577  C CA  . ARG A 1 82  ? -6.220  12.919  -1.389  1.00 19.86 ? 96  ARG A CA  1 
ATOM   578  C C   . ARG A 1 82  ? -5.226  12.487  -2.438  1.00 18.85 ? 96  ARG A C   1 
ATOM   579  O O   . ARG A 1 82  ? -5.668  12.104  -3.520  1.00 18.66 ? 96  ARG A O   1 
ATOM   580  C CB  . ARG A 1 82  ? -6.388  14.399  -1.450  1.00 22.19 ? 96  ARG A CB  1 
ATOM   581  C CG  . ARG A 1 82  ? -7.655  14.753  -0.745  1.00 28.05 ? 96  ARG A CG  1 
ATOM   582  C CD  . ARG A 1 82  ? -7.564  16.145  -0.222  1.00 38.19 ? 96  ARG A CD  1 
ATOM   583  N NE  . ARG A 1 82  ? -7.412  17.178  -1.231  1.00 45.38 ? 96  ARG A NE  1 
ATOM   584  C CZ  . ARG A 1 82  ? -6.253  17.597  -1.798  1.00 51.87 ? 96  ARG A CZ  1 
ATOM   585  N NH1 . ARG A 1 82  ? -5.056  17.112  -1.462  1.00 53.65 ? 96  ARG A NH1 1 
ATOM   586  N NH2 . ARG A 1 82  ? -6.293  18.557  -2.735  1.00 54.31 ? 96  ARG A NH2 1 
ATOM   587  N N   . GLU A 1 83  ? -3.920  12.472  -2.160  1.00 15.24 ? 97  GLU A N   1 
ATOM   588  C CA  . GLU A 1 83  ? -2.951  12.026  -3.134  1.00 14.71 ? 97  GLU A CA  1 
ATOM   589  C C   . GLU A 1 83  ? -3.212  10.540  -3.429  1.00 14.82 ? 97  GLU A C   1 
ATOM   590  O O   . GLU A 1 83  ? -3.313  10.167  -4.603  1.00 14.15 ? 97  GLU A O   1 
ATOM   591  C CB  . GLU A 1 83  ? -1.535  12.212  -2.577  1.00 14.41 ? 97  GLU A CB  1 
ATOM   592  C CG  . GLU A 1 83  ? -0.439  11.838  -3.569  1.00 19.61 ? 97  GLU A CG  1 
ATOM   593  C CD  . GLU A 1 83  ? -0.333  12.804  -4.763  1.00 24.09 ? 97  GLU A CD  1 
ATOM   594  O OE1 . GLU A 1 83  ? -0.461  14.028  -4.571  1.00 22.15 ? 97  GLU A OE1 1 
ATOM   595  O OE2 . GLU A 1 83  ? -0.121  12.321  -5.888  1.00 28.66 ? 97  GLU A OE2 1 
ATOM   596  N N   . MET A 1 84  ? -3.358  9.701   -2.401  1.00 13.53 ? 98  MET A N   1 
ATOM   597  C CA  . MET A 1 84  ? -3.552  8.283   -2.621  1.00 13.84 ? 98  MET A CA  1 
ATOM   598  C C   . MET A 1 84  ? -4.901  7.987   -3.306  1.00 16.18 ? 98  MET A C   1 
ATOM   599  O O   . MET A 1 84  ? -4.965  7.180   -4.243  1.00 14.13 ? 98  MET A O   1 
ATOM   600  C CB  . MET A 1 84  ? -3.443  7.586   -1.291  1.00 13.85 ? 98  MET A CB  1 
ATOM   601  C CG  . MET A 1 84  ? -3.347  6.086   -1.640  1.00 15.37 ? 98  MET A CG  1 
ATOM   602  S SD  . MET A 1 84  ? -2.662  5.125   -0.285  1.00 13.85 ? 98  MET A SD  1 
ATOM   603  C CE  . MET A 1 84  ? -2.262  3.580   -1.061  1.00 12.00 ? 98  MET A CE  1 
ATOM   604  N N   . LEU A 1 85  ? -5.966  8.676   -2.889  1.00 14.77 ? 99  LEU A N   1 
ATOM   605  C CA  . LEU A 1 85  ? -7.295  8.605   -3.481  1.00 17.00 ? 99  LEU A CA  1 
ATOM   606  C C   . LEU A 1 85  ? -7.211  8.893   -4.965  1.00 16.15 ? 99  LEU A C   1 
ATOM   607  O O   . LEU A 1 85  ? -7.745  8.182   -5.821  1.00 17.50 ? 99  LEU A O   1 
ATOM   608  C CB  . LEU A 1 85  ? -8.142  9.619   -2.765  1.00 17.67 ? 99  LEU A CB  1 
ATOM   609  C CG  . LEU A 1 85  ? -9.507  9.391   -2.123  1.00 21.88 ? 99  LEU A CG  1 
ATOM   610  C CD1 . LEU A 1 85  ? -9.820  7.957   -1.787  1.00 20.12 ? 99  LEU A CD1 1 
ATOM   611  C CD2 . LEU A 1 85  ? -9.504  10.160  -0.851  1.00 17.94 ? 99  LEU A CD2 1 
ATOM   612  N N   . GLY A 1 86  ? -6.487  9.925   -5.334  1.00 14.69 ? 100 GLY A N   1 
ATOM   613  C CA  . GLY A 1 86  ? -6.323  10.259  -6.737  1.00 16.21 ? 100 GLY A CA  1 
ATOM   614  C C   . GLY A 1 86  ? -5.546  9.221   -7.539  1.00 15.96 ? 100 GLY A C   1 
ATOM   615  O O   . GLY A 1 86  ? -5.732  9.122   -8.746  1.00 15.69 ? 100 GLY A O   1 
ATOM   616  N N   . LEU A 1 87  ? -4.650  8.440   -6.963  1.00 14.02 ? 101 LEU A N   1 
ATOM   617  C CA  . LEU A 1 87  ? -3.927  7.424   -7.700  1.00 14.26 ? 101 LEU A CA  1 
ATOM   618  C C   . LEU A 1 87  ? -4.855  6.265   -7.935  1.00 14.54 ? 101 LEU A C   1 
ATOM   619  O O   . LEU A 1 87  ? -4.786  5.655   -9.019  1.00 13.77 ? 101 LEU A O   1 
ATOM   620  C CB  . LEU A 1 87  ? -2.705  6.937   -6.914  1.00 15.59 ? 101 LEU A CB  1 
ATOM   621  C CG  . LEU A 1 87  ? -1.598  8.030   -6.825  1.00 18.42 ? 101 LEU A CG  1 
ATOM   622  C CD1 . LEU A 1 87  ? -0.447  7.625   -5.868  1.00 16.16 ? 101 LEU A CD1 1 
ATOM   623  C CD2 . LEU A 1 87  ? -1.096  8.276   -8.255  1.00 16.46 ? 101 LEU A CD2 1 
ATOM   624  N N   . PHE A 1 88  ? -5.730  5.927   -6.962  1.00 14.15 ? 102 PHE A N   1 
ATOM   625  C CA  . PHE A 1 88  ? -6.715  4.862   -7.195  1.00 14.34 ? 102 PHE A CA  1 
ATOM   626  C C   . PHE A 1 88  ? -7.680  5.332   -8.301  1.00 14.62 ? 102 PHE A C   1 
ATOM   627  O O   . PHE A 1 88  ? -8.041  4.549   -9.191  1.00 14.32 ? 102 PHE A O   1 
ATOM   628  C CB  . PHE A 1 88  ? -7.505  4.577   -5.937  1.00 13.02 ? 102 PHE A CB  1 
ATOM   629  C CG  . PHE A 1 88  ? -6.799  3.763   -4.874  1.00 14.32 ? 102 PHE A CG  1 
ATOM   630  C CD1 . PHE A 1 88  ? -6.312  2.499   -5.162  1.00 13.91 ? 102 PHE A CD1 1 
ATOM   631  C CD2 . PHE A 1 88  ? -6.726  4.277   -3.598  1.00 13.22 ? 102 PHE A CD2 1 
ATOM   632  C CE1 . PHE A 1 88  ? -5.759  1.766   -4.141  1.00 17.71 ? 102 PHE A CE1 1 
ATOM   633  C CE2 . PHE A 1 88  ? -6.172  3.526   -2.590  1.00 15.19 ? 102 PHE A CE2 1 
ATOM   634  C CZ  . PHE A 1 88  ? -5.686  2.273   -2.856  1.00 17.79 ? 102 PHE A CZ  1 
ATOM   635  N N   . GLN A 1 89  ? -8.065  6.626   -8.321  1.00 13.90 ? 103 GLN A N   1 
ATOM   636  C CA  . GLN A 1 89  ? -8.937  7.157   -9.353  1.00 18.89 ? 103 GLN A CA  1 
ATOM   637  C C   . GLN A 1 89  ? -8.305  7.062   -10.707 1.00 16.67 ? 103 GLN A C   1 
ATOM   638  O O   . GLN A 1 89  ? -8.950  6.645   -11.660 1.00 16.69 ? 103 GLN A O   1 
ATOM   639  C CB  . GLN A 1 89  ? -9.289  8.628   -9.174  1.00 23.05 ? 103 GLN A CB  1 
ATOM   640  C CG  . GLN A 1 89  ? -10.494 8.675   -8.277  1.00 32.79 ? 103 GLN A CG  1 
ATOM   641  C CD  . GLN A 1 89  ? -10.302 9.525   -7.032  1.00 38.29 ? 103 GLN A CD  1 
ATOM   642  O OE1 . GLN A 1 89  ? -9.686  10.605  -7.062  1.00 41.34 ? 103 GLN A OE1 1 
ATOM   643  N NE2 . GLN A 1 89  ? -10.822 9.070   -5.896  1.00 39.36 ? 103 GLN A NE2 1 
ATOM   644  N N   . GLN A 1 90  ? -7.034  7.419   -10.787 1.00 15.01 ? 104 GLN A N   1 
ATOM   645  C CA  . GLN A 1 90  ? -6.284  7.386   -12.022 1.00 15.97 ? 104 GLN A CA  1 
ATOM   646  C C   . GLN A 1 90  ? -6.125  5.946   -12.506 1.00 14.90 ? 104 GLN A C   1 
ATOM   647  O O   . GLN A 1 90  ? -6.239  5.726   -13.711 1.00 14.72 ? 104 GLN A O   1 
ATOM   648  C CB  . GLN A 1 90  ? -4.909  8.021   -11.794 1.00 17.08 ? 104 GLN A CB  1 
ATOM   649  C CG  . GLN A 1 90  ? -4.151  8.253   -13.059 1.00 18.78 ? 104 GLN A CG  1 
ATOM   650  C CD  . GLN A 1 90  ? -2.799  8.879   -12.838 1.00 19.91 ? 104 GLN A CD  1 
ATOM   651  O OE1 . GLN A 1 90  ? -1.849  8.529   -13.526 1.00 21.30 ? 104 GLN A OE1 1 
ATOM   652  N NE2 . GLN A 1 90  ? -2.555  9.786   -11.900 1.00 21.41 ? 104 GLN A NE2 1 
ATOM   653  N N   . ALA A 1 91  ? -5.832  4.976   -11.636 1.00 13.21 ? 105 ALA A N   1 
ATOM   654  C CA  . ALA A 1 91  ? -5.751  3.557   -12.034 1.00 14.36 ? 105 ALA A CA  1 
ATOM   655  C C   . ALA A 1 91  ? -7.070  3.104   -12.677 1.00 15.51 ? 105 ALA A C   1 
ATOM   656  O O   . ALA A 1 91  ? -7.101  2.537   -13.766 1.00 16.50 ? 105 ALA A O   1 
ATOM   657  C CB  . ALA A 1 91  ? -5.477  2.714   -10.812 1.00 9.64  ? 105 ALA A CB  1 
ATOM   658  N N   . ASN A 1 92  ? -8.173  3.463   -12.036 1.00 16.61 ? 106 ASN A N   1 
ATOM   659  C CA  . ASN A 1 92  ? -9.516  3.131   -12.457 1.00 20.14 ? 106 ASN A CA  1 
ATOM   660  C C   . ASN A 1 92  ? -9.876  3.756   -13.801 1.00 21.96 ? 106 ASN A C   1 
ATOM   661  O O   . ASN A 1 92  ? -10.555 3.140   -14.633 1.00 23.48 ? 106 ASN A O   1 
ATOM   662  C CB  . ASN A 1 92  ? -10.490 3.593   -11.368 1.00 20.56 ? 106 ASN A CB  1 
ATOM   663  C CG  . ASN A 1 92  ? -11.944 3.303   -11.736 1.00 22.69 ? 106 ASN A CG  1 
ATOM   664  O OD1 . ASN A 1 92  ? -12.360 2.157   -11.769 1.00 22.30 ? 106 ASN A OD1 1 
ATOM   665  N ND2 . ASN A 1 92  ? -12.795 4.289   -11.983 1.00 23.02 ? 106 ASN A ND2 1 
ATOM   666  N N   . THR A 1 93  ? -9.457  4.988   -14.050 1.00 20.57 ? 107 THR A N   1 
ATOM   667  C CA  . THR A 1 93  ? -9.707  5.655   -15.307 1.00 21.55 ? 107 THR A CA  1 
ATOM   668  C C   . THR A 1 93  ? -8.815  5.134   -16.407 1.00 20.65 ? 107 THR A C   1 
ATOM   669  O O   . THR A 1 93  ? -9.284  4.949   -17.528 1.00 21.64 ? 107 THR A O   1 
ATOM   670  C CB  . THR A 1 93  ? -9.476  7.148   -15.101 1.00 24.23 ? 107 THR A CB  1 
ATOM   671  O OG1 . THR A 1 93  ? -10.459 7.467   -14.135 1.00 29.94 ? 107 THR A OG1 1 
ATOM   672  C CG2 . THR A 1 93  ? -9.610  8.026   -16.313 1.00 26.57 ? 107 THR A CG2 1 
ATOM   673  N N   . LYS A 1 94  ? -7.512  4.962   -16.164 1.00 15.95 ? 108 LYS A N   1 
ATOM   674  C CA  . LYS A 1 94  ? -6.633  4.499   -17.203 1.00 13.54 ? 108 LYS A CA  1 
ATOM   675  C C   . LYS A 1 94  ? -6.898  3.055   -17.559 1.00 9.81  ? 108 LYS A C   1 
ATOM   676  O O   . LYS A 1 94  ? -6.867  2.702   -18.730 1.00 13.55 ? 108 LYS A O   1 
ATOM   677  C CB  . LYS A 1 94  ? -5.166  4.581   -16.814 1.00 13.80 ? 108 LYS A CB  1 
ATOM   678  C CG  . LYS A 1 94  ? -4.617  5.970   -16.915 1.00 14.21 ? 108 LYS A CG  1 
ATOM   679  C CD  . LYS A 1 94  ? -3.198  6.010   -16.419 1.00 14.11 ? 108 LYS A CD  1 
ATOM   680  C CE  . LYS A 1 94  ? -2.870  7.472   -16.504 1.00 14.91 ? 108 LYS A CE  1 
ATOM   681  N NZ  . LYS A 1 94  ? -1.471  7.701   -16.233 1.00 16.56 ? 108 LYS A NZ  1 
ATOM   682  N N   . CYS A 1 95  ? -7.192  2.238   -16.585 1.00 8.41  ? 109 CYS A N   1 
ATOM   683  C CA  . CYS A 1 95  ? -7.202  0.821   -16.829 1.00 10.95 ? 109 CYS A CA  1 
ATOM   684  C C   . CYS A 1 95  ? -8.332  0.221   -16.063 1.00 12.18 ? 109 CYS A C   1 
ATOM   685  O O   . CYS A 1 95  ? -8.135  -0.433  -15.036 1.00 13.71 ? 109 CYS A O   1 
ATOM   686  C CB  . CYS A 1 95  ? -5.915  0.198   -16.365 1.00 12.21 ? 109 CYS A CB  1 
ATOM   687  S SG  . CYS A 1 95  ? -4.378  0.786   -17.135 1.00 18.29 ? 109 CYS A SG  1 
ATOM   688  N N   . PRO A 1 96  ? -9.564  0.417   -16.538 1.00 13.42 ? 110 PRO A N   1 
ATOM   689  C CA  . PRO A 1 96  ? -10.799 0.059   -15.879 1.00 13.63 ? 110 PRO A CA  1 
ATOM   690  C C   . PRO A 1 96  ? -10.900 -1.410  -15.538 1.00 17.45 ? 110 PRO A C   1 
ATOM   691  O O   . PRO A 1 96  ? -11.649 -1.779  -14.630 1.00 19.05 ? 110 PRO A O   1 
ATOM   692  C CB  . PRO A 1 96  ? -11.893 0.416   -16.807 1.00 14.87 ? 110 PRO A CB  1 
ATOM   693  C CG  . PRO A 1 96  ? -11.268 1.387   -17.720 1.00 17.57 ? 110 PRO A CG  1 
ATOM   694  C CD  . PRO A 1 96  ? -9.841  0.890   -17.872 1.00 14.64 ? 110 PRO A CD  1 
ATOM   695  N N   . ASP A 1 97  ? -10.243 -2.250  -16.339 1.00 18.43 ? 111 ASP A N   1 
ATOM   696  C CA  . ASP A 1 97  ? -10.168 -3.673  -16.074 1.00 22.93 ? 111 ASP A CA  1 
ATOM   697  C C   . ASP A 1 97  ? -8.986  -4.189  -15.317 1.00 20.97 ? 111 ASP A C   1 
ATOM   698  O O   . ASP A 1 97  ? -8.847  -5.406  -15.217 1.00 20.36 ? 111 ASP A O   1 
ATOM   699  C CB  . ASP A 1 97  ? -10.190 -4.517  -17.329 1.00 28.79 ? 111 ASP A CB  1 
ATOM   700  C CG  . ASP A 1 97  ? -11.594 -5.052  -17.408 1.00 35.49 ? 111 ASP A CG  1 
ATOM   701  O OD1 . ASP A 1 97  ? -12.012 -5.972  -16.642 1.00 31.77 ? 111 ASP A OD1 1 
ATOM   702  O OD2 . ASP A 1 97  ? -12.251 -4.427  -18.257 1.00 42.78 ? 111 ASP A OD2 1 
ATOM   703  N N   . ALA A 1 98  ? -8.076  -3.354  -14.847 1.00 18.48 ? 112 ALA A N   1 
ATOM   704  C CA  . ALA A 1 98  ? -6.962  -3.906  -14.111 1.00 15.14 ? 112 ALA A CA  1 
ATOM   705  C C   . ALA A 1 98  ? -7.464  -4.259  -12.715 1.00 14.43 ? 112 ALA A C   1 
ATOM   706  O O   . ALA A 1 98  ? -8.426  -3.645  -12.218 1.00 17.16 ? 112 ALA A O   1 
ATOM   707  C CB  . ALA A 1 98  ? -5.867  -2.850  -14.038 1.00 11.11 ? 112 ALA A CB  1 
ATOM   708  N N   . THR A 1 99  ? -6.859  -5.244  -12.066 1.00 13.29 ? 113 THR A N   1 
ATOM   709  C CA  . THR A 1 99  ? -7.138  -5.565  -10.674 1.00 13.02 ? 113 THR A CA  1 
ATOM   710  C C   . THR A 1 99  ? -6.223  -4.648  -9.865  1.00 12.01 ? 113 THR A C   1 
ATOM   711  O O   . THR A 1 99  ? -5.077  -4.435  -10.256 1.00 12.66 ? 113 THR A O   1 
ATOM   712  C CB  . THR A 1 99  ? -6.801  -7.050  -10.395 1.00 12.09 ? 113 THR A CB  1 
ATOM   713  O OG1 . THR A 1 99  ? -7.757  -7.795  -11.112 1.00 14.79 ? 113 THR A OG1 1 
ATOM   714  C CG2 . THR A 1 99  ? -6.876  -7.468  -8.929  1.00 10.48 ? 113 THR A CG2 1 
ATOM   715  N N   . LEU A 1 100 ? -6.673  -4.061  -8.771  1.00 12.15 ? 114 LEU A N   1 
ATOM   716  C CA  . LEU A 1 100 ? -5.804  -3.187  -7.998  1.00 12.82 ? 114 LEU A CA  1 
ATOM   717  C C   . LEU A 1 100 ? -5.386  -3.934  -6.751  1.00 12.43 ? 114 LEU A C   1 
ATOM   718  O O   . LEU A 1 100 ? -6.153  -4.754  -6.203  1.00 12.19 ? 114 LEU A O   1 
ATOM   719  C CB  . LEU A 1 100 ? -6.533  -1.888  -7.564  1.00 13.88 ? 114 LEU A CB  1 
ATOM   720  C CG  . LEU A 1 100 ? -7.331  -1.093  -8.636  1.00 15.86 ? 114 LEU A CG  1 
ATOM   721  C CD1 . LEU A 1 100 ? -8.149  0.027   -8.066  1.00 13.83 ? 114 LEU A CD1 1 
ATOM   722  C CD2 . LEU A 1 100 ? -6.319  -0.612  -9.645  1.00 18.13 ? 114 LEU A CD2 1 
ATOM   723  N N   . ILE A 1 101 ? -4.146  -3.691  -6.294  1.00 13.22 ? 115 ILE A N   1 
ATOM   724  C CA  . ILE A 1 101 ? -3.709  -4.205  -4.983  1.00 11.31 ? 115 ILE A CA  1 
ATOM   725  C C   . ILE A 1 101 ? -2.979  -3.037  -4.296  1.00 10.05 ? 115 ILE A C   1 
ATOM   726  O O   . ILE A 1 101 ? -2.518  -2.107  -4.974  1.00 11.40 ? 115 ILE A O   1 
ATOM   727  C CB  . ILE A 1 101 ? -2.773  -5.437  -5.094  1.00 8.50  ? 115 ILE A CB  1 
ATOM   728  C CG1 . ILE A 1 101 ? -1.831  -5.320  -6.331  1.00 7.94  ? 115 ILE A CG1 1 
ATOM   729  C CG2 . ILE A 1 101 ? -3.696  -6.690  -4.996  1.00 9.47  ? 115 ILE A CG2 1 
ATOM   730  C CD1 . ILE A 1 101 ? -0.642  -6.296  -6.334  1.00 8.18  ? 115 ILE A CD1 1 
ATOM   731  N N   . ALA A 1 102 ? -2.861  -3.049  -2.967  1.00 11.86 ? 116 ALA A N   1 
ATOM   732  C CA  . ALA A 1 102 ? -2.363  -1.878  -2.258  1.00 10.62 ? 116 ALA A CA  1 
ATOM   733  C C   . ALA A 1 102 ? -1.523  -2.308  -1.100  1.00 9.73  ? 116 ALA A C   1 
ATOM   734  O O   . ALA A 1 102 ? -1.516  -3.476  -0.711  1.00 10.78 ? 116 ALA A O   1 
ATOM   735  C CB  . ALA A 1 102 ? -3.530  -1.010  -1.730  1.00 7.39  ? 116 ALA A CB  1 
ATOM   736  N N   . GLY A 1 103 ? -0.733  -1.372  -0.592  1.00 11.71 ? 117 GLY A N   1 
ATOM   737  C CA  . GLY A 1 103 ? 0.143   -1.679  0.542   1.00 12.39 ? 117 GLY A CA  1 
ATOM   738  C C   . GLY A 1 103 ? 0.671   -0.414  1.214   1.00 12.16 ? 117 GLY A C   1 
ATOM   739  O O   . GLY A 1 103 ? 0.609   0.687   0.635   1.00 6.82  ? 117 GLY A O   1 
ATOM   740  N N   . GLY A 1 104 ? 1.178   -0.580  2.446   1.00 10.90 ? 118 GLY A N   1 
ATOM   741  C CA  . GLY A 1 104 ? 1.720   0.566   3.135   1.00 13.06 ? 118 GLY A CA  1 
ATOM   742  C C   . GLY A 1 104 ? 2.442   0.127   4.391   1.00 14.54 ? 118 GLY A C   1 
ATOM   743  O O   . GLY A 1 104 ? 2.108   -0.899  5.001   1.00 13.69 ? 118 GLY A O   1 
ATOM   744  N N   . TYR A 1 105 ? 3.445   0.932   4.762   1.00 14.36 ? 119 TYR A N   1 
ATOM   745  C CA  . TYR A 1 105 ? 4.212   0.696   5.972   1.00 11.45 ? 119 TYR A CA  1 
ATOM   746  C C   . TYR A 1 105 ? 4.095   1.934   6.865   1.00 10.06 ? 119 TYR A C   1 
ATOM   747  O O   . TYR A 1 105 ? 4.205   3.091   6.440   1.00 8.50  ? 119 TYR A O   1 
ATOM   748  C CB  . TYR A 1 105 ? 5.650   0.410   5.564   1.00 13.39 ? 119 TYR A CB  1 
ATOM   749  C CG  . TYR A 1 105 ? 6.703   0.370   6.680   1.00 15.96 ? 119 TYR A CG  1 
ATOM   750  C CD1 . TYR A 1 105 ? 6.491   -0.289  7.876   1.00 16.61 ? 119 TYR A CD1 1 
ATOM   751  C CD2 . TYR A 1 105 ? 7.873   1.075   6.484   1.00 18.88 ? 119 TYR A CD2 1 
ATOM   752  C CE1 . TYR A 1 105 ? 7.435   -0.245  8.885   1.00 16.72 ? 119 TYR A CE1 1 
ATOM   753  C CE2 . TYR A 1 105 ? 8.832   1.130   7.489   1.00 19.42 ? 119 TYR A CE2 1 
ATOM   754  C CZ  . TYR A 1 105 ? 8.590   0.476   8.669   1.00 18.83 ? 119 TYR A CZ  1 
ATOM   755  O OH  . TYR A 1 105 ? 9.534   0.562   9.655   1.00 21.15 ? 119 TYR A OH  1 
ATOM   756  N N   . SER A 1 106 ? 3.772   1.657   8.134   1.00 11.23 ? 120 SER A N   1 
ATOM   757  C CA  . SER A 1 106 ? 3.762   2.628   9.205   1.00 10.81 ? 120 SER A CA  1 
ATOM   758  C C   . SER A 1 106 ? 2.798   3.757   8.858   1.00 11.43 ? 120 SER A C   1 
ATOM   759  O O   . SER A 1 106 ? 1.602   3.442   8.723   1.00 11.95 ? 120 SER A O   1 
ATOM   760  C CB  . SER A 1 106 ? 5.230   3.050   9.375   1.00 12.08 ? 120 SER A CB  1 
ATOM   761  O OG  . SER A 1 106 ? 5.456   3.713   10.617  1.00 15.95 ? 120 SER A OG  1 
ATOM   762  N N   . GLN A 1 107 ? 3.209   5.027   8.697   1.00 8.07  ? 121 GLN A N   1 
ATOM   763  C CA  . GLN A 1 107 ? 2.270   6.061   8.321   1.00 10.93 ? 121 GLN A CA  1 
ATOM   764  C C   . GLN A 1 107 ? 1.602   5.744   6.974   1.00 10.90 ? 121 GLN A C   1 
ATOM   765  O O   . GLN A 1 107 ? 0.439   6.104   6.768   1.00 10.96 ? 121 GLN A O   1 
ATOM   766  C CB  . GLN A 1 107 ? 2.976   7.415   8.199   1.00 12.56 ? 121 GLN A CB  1 
ATOM   767  C CG  . GLN A 1 107 ? 2.001   8.518   7.807   1.00 13.44 ? 121 GLN A CG  1 
ATOM   768  C CD  . GLN A 1 107 ? 2.533   9.936   7.671   1.00 15.56 ? 121 GLN A CD  1 
ATOM   769  O OE1 . GLN A 1 107 ? 1.823   10.835  7.195   1.00 12.36 ? 121 GLN A OE1 1 
ATOM   770  N NE2 . GLN A 1 107 ? 3.793   10.189  8.025   1.00 16.66 ? 121 GLN A NE2 1 
ATOM   771  N N   . GLY A 1 108 ? 2.315   5.127   6.036   1.00 12.73 ? 122 GLY A N   1 
ATOM   772  C CA  . GLY A 1 108 ? 1.757   4.699   4.742   1.00 12.77 ? 122 GLY A CA  1 
ATOM   773  C C   . GLY A 1 108 ? 0.667   3.621   4.907   1.00 10.95 ? 122 GLY A C   1 
ATOM   774  O O   . GLY A 1 108 ? -0.295  3.565   4.113   1.00 11.64 ? 122 GLY A O   1 
ATOM   775  N N   . ALA A 1 109 ? 0.753   2.793   5.972   1.00 10.25 ? 123 ALA A N   1 
ATOM   776  C CA  . ALA A 1 109 ? -0.306  1.837   6.290   1.00 13.05 ? 123 ALA A CA  1 
ATOM   777  C C   . ALA A 1 109 ? -1.536  2.577   6.814   1.00 11.07 ? 123 ALA A C   1 
ATOM   778  O O   . ALA A 1 109 ? -2.664  2.231   6.465   1.00 11.80 ? 123 ALA A O   1 
ATOM   779  C CB  . ALA A 1 109 ? 0.191   0.850   7.336   1.00 12.62 ? 123 ALA A CB  1 
ATOM   780  N N   . ALA A 1 110 ? -1.421  3.629   7.634   1.00 13.20 ? 124 ALA A N   1 
ATOM   781  C CA  . ALA A 1 110 ? -2.581  4.452   8.034   1.00 10.92 ? 124 ALA A CA  1 
ATOM   782  C C   . ALA A 1 110 ? -3.126  5.180   6.808   1.00 10.52 ? 124 ALA A C   1 
ATOM   783  O O   . ALA A 1 110 ? -4.329  5.345   6.632   1.00 14.22 ? 124 ALA A O   1 
ATOM   784  C CB  . ALA A 1 110 ? -2.214  5.565   9.046   1.00 12.26 ? 124 ALA A CB  1 
ATOM   785  N N   . LEU A 1 111 ? -2.270  5.674   5.922   1.00 10.97 ? 125 LEU A N   1 
ATOM   786  C CA  . LEU A 1 111 ? -2.673  6.348   4.698   1.00 12.12 ? 125 LEU A CA  1 
ATOM   787  C C   . LEU A 1 111 ? -3.463  5.375   3.812   1.00 12.09 ? 125 LEU A C   1 
ATOM   788  O O   . LEU A 1 111 ? -4.515  5.763   3.305   1.00 12.09 ? 125 LEU A O   1 
ATOM   789  C CB  . LEU A 1 111 ? -1.431  6.861   3.944   1.00 8.24  ? 125 LEU A CB  1 
ATOM   790  C CG  . LEU A 1 111 ? -1.578  7.478   2.555   1.00 8.51  ? 125 LEU A CG  1 
ATOM   791  C CD1 . LEU A 1 111 ? -2.582  8.615   2.621   1.00 8.81  ? 125 LEU A CD1 1 
ATOM   792  C CD2 . LEU A 1 111 ? -0.201  7.915   2.039   1.00 7.53  ? 125 LEU A CD2 1 
ATOM   793  N N   . ALA A 1 112 ? -2.983  4.134   3.611   1.00 12.18 ? 126 ALA A N   1 
ATOM   794  C CA  . ALA A 1 112 ? -3.678  3.157   2.773   1.00 12.55 ? 126 ALA A CA  1 
ATOM   795  C C   . ALA A 1 112 ? -5.070  2.941   3.341   1.00 13.01 ? 126 ALA A C   1 
ATOM   796  O O   . ALA A 1 112 ? -6.075  3.032   2.638   1.00 12.47 ? 126 ALA A O   1 
ATOM   797  C CB  . ALA A 1 112 ? -2.920  1.827   2.759   1.00 11.90 ? 126 ALA A CB  1 
ATOM   798  N N   . ALA A 1 113 ? -5.133  2.812   4.658   1.00 12.35 ? 127 ALA A N   1 
ATOM   799  C CA  . ALA A 1 113 ? -6.379  2.515   5.335   1.00 15.14 ? 127 ALA A CA  1 
ATOM   800  C C   . ALA A 1 113 ? -7.354  3.662   5.247   1.00 16.26 ? 127 ALA A C   1 
ATOM   801  O O   . ALA A 1 113 ? -8.508  3.379   4.967   1.00 16.13 ? 127 ALA A O   1 
ATOM   802  C CB  . ALA A 1 113 ? -6.170  2.199   6.811   1.00 11.06 ? 127 ALA A CB  1 
ATOM   803  N N   . ALA A 1 114 ? -6.932  4.930   5.375   1.00 16.30 ? 128 ALA A N   1 
ATOM   804  C CA  . ALA A 1 114 ? -7.830  6.054   5.307   1.00 14.50 ? 128 ALA A CA  1 
ATOM   805  C C   . ALA A 1 114 ? -8.277  6.257   3.872   1.00 11.81 ? 128 ALA A C   1 
ATOM   806  O O   . ALA A 1 114 ? -9.439  6.576   3.620   1.00 10.31 ? 128 ALA A O   1 
ATOM   807  C CB  . ALA A 1 114 ? -7.106  7.316   5.816   1.00 14.33 ? 128 ALA A CB  1 
ATOM   808  N N   . SER A 1 115 ? -7.378  6.012   2.919   1.00 12.15 ? 129 SER A N   1 
ATOM   809  C CA  . SER A 1 115 ? -7.705  6.144   1.500   1.00 13.30 ? 129 SER A CA  1 
ATOM   810  C C   . SER A 1 115 ? -8.728  5.116   1.063   1.00 12.56 ? 129 SER A C   1 
ATOM   811  O O   . SER A 1 115 ? -9.728  5.470   0.434   1.00 13.78 ? 129 SER A O   1 
ATOM   812  C CB  . SER A 1 115 ? -6.484  5.960   0.615   1.00 12.33 ? 129 SER A CB  1 
ATOM   813  O OG  . SER A 1 115 ? -5.631  7.052   0.894   1.00 18.71 ? 129 SER A OG  1 
ATOM   814  N N   . ILE A 1 116 ? -8.527  3.854   1.426   1.00 12.85 ? 130 ILE A N   1 
ATOM   815  C CA  . ILE A 1 116 ? -9.456  2.813   1.014   1.00 13.94 ? 130 ILE A CA  1 
ATOM   816  C C   . ILE A 1 116 ? -10.802 3.079   1.671   1.00 16.25 ? 130 ILE A C   1 
ATOM   817  O O   . ILE A 1 116 ? -11.837 2.988   1.007   1.00 15.94 ? 130 ILE A O   1 
ATOM   818  C CB  . ILE A 1 116 ? -8.831  1.460   1.398   1.00 13.26 ? 130 ILE A CB  1 
ATOM   819  C CG1 . ILE A 1 116 ? -7.599  1.214   0.524   1.00 12.23 ? 130 ILE A CG1 1 
ATOM   820  C CG2 . ILE A 1 116 ? -9.816  0.333   1.159   1.00 14.25 ? 130 ILE A CG2 1 
ATOM   821  C CD1 . ILE A 1 116 ? -6.686  0.045   0.931   1.00 11.14 ? 130 ILE A CD1 1 
ATOM   822  N N   . GLU A 1 117 ? -10.802 3.496   2.935   1.00 14.59 ? 131 GLU A N   1 
ATOM   823  C CA  . GLU A 1 117 ? -12.026 3.883   3.607   1.00 18.43 ? 131 GLU A CA  1 
ATOM   824  C C   . GLU A 1 117 ? -12.887 4.924   2.880   1.00 18.81 ? 131 GLU A C   1 
ATOM   825  O O   . GLU A 1 117 ? -14.123 4.800   2.794   1.00 19.01 ? 131 GLU A O   1 
ATOM   826  C CB  . GLU A 1 117 ? -11.661 4.387   4.999   1.00 19.70 ? 131 GLU A CB  1 
ATOM   827  C CG  . GLU A 1 117 ? -12.800 5.119   5.705   1.00 22.72 ? 131 GLU A CG  1 
ATOM   828  C CD  . GLU A 1 117 ? -12.570 5.321   7.181   1.00 24.65 ? 131 GLU A CD  1 
ATOM   829  O OE1 . GLU A 1 117 ? -11.413 5.415   7.613   1.00 27.04 ? 131 GLU A OE1 1 
ATOM   830  O OE2 . GLU A 1 117 ? -13.572 5.348   7.889   1.00 25.75 ? 131 GLU A OE2 1 
ATOM   831  N N   . ASP A 1 118 ? -12.218 5.942   2.351   1.00 17.54 ? 132 ASP A N   1 
ATOM   832  C CA  . ASP A 1 118 ? -12.884 7.033   1.683   1.00 17.99 ? 132 ASP A CA  1 
ATOM   833  C C   . ASP A 1 118 ? -13.183 6.803   0.204   1.00 16.35 ? 132 ASP A C   1 
ATOM   834  O O   . ASP A 1 118 ? -13.813 7.668   -0.427  1.00 16.00 ? 132 ASP A O   1 
ATOM   835  C CB  . ASP A 1 118 ? -12.044 8.313   1.798   1.00 18.07 ? 132 ASP A CB  1 
ATOM   836  C CG  . ASP A 1 118 ? -12.034 8.963   3.170   1.00 19.02 ? 132 ASP A CG  1 
ATOM   837  O OD1 . ASP A 1 118 ? -12.737 8.554   4.098   1.00 18.83 ? 132 ASP A OD1 1 
ATOM   838  O OD2 . ASP A 1 118 ? -11.285 9.916   3.289   1.00 20.49 ? 132 ASP A OD2 1 
ATOM   839  N N   . LEU A 1 119 ? -12.688 5.688   -0.330  1.00 16.03 ? 133 LEU A N   1 
ATOM   840  C CA  . LEU A 1 119 ? -12.786 5.437   -1.753  1.00 16.51 ? 133 LEU A CA  1 
ATOM   841  C C   . LEU A 1 119 ? -14.234 5.149   -2.158  1.00 16.03 ? 133 LEU A C   1 
ATOM   842  O O   . LEU A 1 119 ? -15.034 4.637   -1.369  1.00 15.41 ? 133 LEU A O   1 
ATOM   843  C CB  . LEU A 1 119 ? -11.950 4.237   -2.129  1.00 17.36 ? 133 LEU A CB  1 
ATOM   844  C CG  . LEU A 1 119 ? -10.828 4.308   -3.144  1.00 19.65 ? 133 LEU A CG  1 
ATOM   845  C CD1 . LEU A 1 119 ? -10.476 2.862   -3.493  1.00 17.55 ? 133 LEU A CD1 1 
ATOM   846  C CD2 . LEU A 1 119 ? -11.190 5.167   -4.349  1.00 16.86 ? 133 LEU A CD2 1 
ATOM   847  N N   . ASP A 1 120 ? -14.613 5.538   -3.377  1.00 15.91 ? 134 ASP A N   1 
ATOM   848  C CA  . ASP A 1 120 ? -15.890 5.087   -3.938  1.00 16.85 ? 134 ASP A CA  1 
ATOM   849  C C   . ASP A 1 120 ? -15.971 3.543   -3.886  1.00 15.32 ? 134 ASP A C   1 
ATOM   850  O O   . ASP A 1 120 ? -14.980 2.887   -4.242  1.00 16.79 ? 134 ASP A O   1 
ATOM   851  C CB  . ASP A 1 120 ? -15.983 5.581   -5.374  1.00 17.13 ? 134 ASP A CB  1 
ATOM   852  C CG  . ASP A 1 120 ? -17.334 5.221   -5.976  1.00 19.48 ? 134 ASP A CG  1 
ATOM   853  O OD1 . ASP A 1 120 ? -18.321 5.816   -5.613  1.00 23.20 ? 134 ASP A OD1 1 
ATOM   854  O OD2 . ASP A 1 120 ? -17.430 4.311   -6.759  1.00 19.82 ? 134 ASP A OD2 1 
ATOM   855  N N   . SER A 1 121 ? -17.078 2.910   -3.473  1.00 14.60 ? 135 SER A N   1 
ATOM   856  C CA  . SER A 1 121 ? -17.155 1.462   -3.360  1.00 15.99 ? 135 SER A CA  1 
ATOM   857  C C   . SER A 1 121 ? -16.860 0.730   -4.650  1.00 13.81 ? 135 SER A C   1 
ATOM   858  O O   . SER A 1 121 ? -16.231 -0.322  -4.633  1.00 13.34 ? 135 SER A O   1 
ATOM   859  C CB  . SER A 1 121 ? -18.529 1.039   -2.895  1.00 17.99 ? 135 SER A CB  1 
ATOM   860  O OG  . SER A 1 121 ? -19.488 1.665   -3.731  1.00 23.52 ? 135 SER A OG  1 
ATOM   861  N N   . ALA A 1 122 ? -17.251 1.281   -5.797  1.00 14.12 ? 136 ALA A N   1 
ATOM   862  C CA  . ALA A 1 122 ? -16.937 0.602   -7.027  1.00 17.22 ? 136 ALA A CA  1 
ATOM   863  C C   . ALA A 1 122 ? -15.441 0.490   -7.286  1.00 17.71 ? 136 ALA A C   1 
ATOM   864  O O   . ALA A 1 122 ? -14.971 -0.572  -7.742  1.00 19.75 ? 136 ALA A O   1 
ATOM   865  C CB  . ALA A 1 122 ? -17.572 1.298   -8.217  1.00 16.32 ? 136 ALA A CB  1 
ATOM   866  N N   . ILE A 1 123 ? -14.642 1.501   -6.944  1.00 16.82 ? 137 ILE A N   1 
ATOM   867  C CA  . ILE A 1 123 ? -13.205 1.372   -7.148  1.00 17.48 ? 137 ILE A CA  1 
ATOM   868  C C   . ILE A 1 123 ? -12.663 0.443   -6.061  1.00 16.34 ? 137 ILE A C   1 
ATOM   869  O O   . ILE A 1 123 ? -11.799 -0.407  -6.347  1.00 17.98 ? 137 ILE A O   1 
ATOM   870  C CB  . ILE A 1 123 ? -12.458 2.748   -7.066  1.00 17.52 ? 137 ILE A CB  1 
ATOM   871  C CG1 . ILE A 1 123 ? -13.007 3.690   -8.151  1.00 19.18 ? 137 ILE A CG1 1 
ATOM   872  C CG2 . ILE A 1 123 ? -10.928 2.533   -7.245  1.00 16.82 ? 137 ILE A CG2 1 
ATOM   873  C CD1 . ILE A 1 123 ? -12.422 5.129   -8.269  1.00 18.52 ? 137 ILE A CD1 1 
ATOM   874  N N   . ARG A 1 124 ? -13.189 0.588   -4.830  1.00 16.67 ? 138 ARG A N   1 
ATOM   875  C CA  . ARG A 1 124 ? -12.702 -0.148  -3.684  1.00 15.27 ? 138 ARG A CA  1 
ATOM   876  C C   . ARG A 1 124 ? -12.884 -1.630  -3.922  1.00 17.50 ? 138 ARG A C   1 
ATOM   877  O O   . ARG A 1 124 ? -12.029 -2.438  -3.537  1.00 15.58 ? 138 ARG A O   1 
ATOM   878  C CB  . ARG A 1 124 ? -13.457 0.304   -2.437  1.00 16.89 ? 138 ARG A CB  1 
ATOM   879  C CG  . ARG A 1 124 ? -12.863 -0.338  -1.188  1.00 18.99 ? 138 ARG A CG  1 
ATOM   880  C CD  . ARG A 1 124 ? -13.301 0.325   0.104   1.00 23.62 ? 138 ARG A CD  1 
ATOM   881  N NE  . ARG A 1 124 ? -14.744 0.404   0.161   1.00 25.93 ? 138 ARG A NE  1 
ATOM   882  C CZ  . ARG A 1 124 ? -15.413 1.488   0.486   1.00 26.59 ? 138 ARG A CZ  1 
ATOM   883  N NH1 . ARG A 1 124 ? -14.812 2.622   0.863   1.00 28.72 ? 138 ARG A NH1 1 
ATOM   884  N NH2 . ARG A 1 124 ? -16.730 1.384   0.466   1.00 27.91 ? 138 ARG A NH2 1 
ATOM   885  N N   . ASP A 1 125 ? -13.978 -1.993  -4.596  1.00 17.12 ? 139 ASP A N   1 
ATOM   886  C CA  . ASP A 1 125 ? -14.245 -3.388  -4.943  1.00 18.17 ? 139 ASP A CA  1 
ATOM   887  C C   . ASP A 1 125 ? -13.206 -4.053  -5.814  1.00 15.57 ? 139 ASP A C   1 
ATOM   888  O O   . ASP A 1 125 ? -13.009 -5.258  -5.789  1.00 13.54 ? 139 ASP A O   1 
ATOM   889  C CB  . ASP A 1 125 ? -15.568 -3.491  -5.677  1.00 26.28 ? 139 ASP A CB  1 
ATOM   890  C CG  . ASP A 1 125 ? -16.784 -3.369  -4.792  1.00 31.90 ? 139 ASP A CG  1 
ATOM   891  O OD1 . ASP A 1 125 ? -16.755 -3.872  -3.657  1.00 35.47 ? 139 ASP A OD1 1 
ATOM   892  O OD2 . ASP A 1 125 ? -17.759 -2.769  -5.266  1.00 36.55 ? 139 ASP A OD2 1 
ATOM   893  N N   . LYS A 1 126 ? -12.529 -3.248  -6.594  1.00 15.17 ? 140 LYS A N   1 
ATOM   894  C CA  . LYS A 1 126 ? -11.471 -3.692  -7.486  1.00 16.82 ? 140 LYS A CA  1 
ATOM   895  C C   . LYS A 1 126 ? -10.151 -3.957  -6.742  1.00 16.31 ? 140 LYS A C   1 
ATOM   896  O O   . LYS A 1 126 ? -9.206  -4.507  -7.331  1.00 12.85 ? 140 LYS A O   1 
ATOM   897  C CB  . LYS A 1 126 ? -11.242 -2.617  -8.546  1.00 18.64 ? 140 LYS A CB  1 
ATOM   898  C CG  . LYS A 1 126 ? -12.309 -2.276  -9.601  1.00 21.10 ? 140 LYS A CG  1 
ATOM   899  C CD  . LYS A 1 126 ? -11.731 -1.255  -10.646 1.00 25.67 ? 140 LYS A CD  1 
ATOM   900  C CE  . LYS A 1 126 ? -10.250 -1.573  -11.074 1.00 30.59 ? 140 LYS A CE  1 
ATOM   901  N NZ  . LYS A 1 126 ? -9.525  -0.651  -11.988 1.00 29.71 ? 140 LYS A NZ  1 
ATOM   902  N N   . ILE A 1 127 ? -10.006 -3.556  -5.467  1.00 12.36 ? 141 ILE A N   1 
ATOM   903  C CA  . ILE A 1 127 ? -8.749  -3.796  -4.765  1.00 13.41 ? 141 ILE A CA  1 
ATOM   904  C C   . ILE A 1 127 ? -8.867  -5.203  -4.170  1.00 11.21 ? 141 ILE A C   1 
ATOM   905  O O   . ILE A 1 127 ? -9.541  -5.431  -3.164  1.00 10.67 ? 141 ILE A O   1 
ATOM   906  C CB  . ILE A 1 127 ? -8.514  -2.698  -3.650  1.00 11.91 ? 141 ILE A CB  1 
ATOM   907  C CG1 . ILE A 1 127 ? -8.604  -1.269  -4.225  1.00 14.01 ? 141 ILE A CG1 1 
ATOM   908  C CG2 . ILE A 1 127 ? -7.135  -2.956  -3.017  1.00 10.86 ? 141 ILE A CG2 1 
ATOM   909  C CD1 . ILE A 1 127 ? -8.611  -0.193  -3.098  1.00 12.52 ? 141 ILE A CD1 1 
ATOM   910  N N   . ALA A 1 128 ? -8.219  -6.176  -4.856  1.00 13.33 ? 142 ALA A N   1 
ATOM   911  C CA  . ALA A 1 128 ? -8.261  -7.590  -4.506  1.00 11.98 ? 142 ALA A CA  1 
ATOM   912  C C   . ALA A 1 128 ? -7.573  -7.893  -3.164  1.00 12.41 ? 142 ALA A C   1 
ATOM   913  O O   . ALA A 1 128 ? -7.972  -8.802  -2.431  1.00 10.01 ? 142 ALA A O   1 
ATOM   914  C CB  . ALA A 1 128 ? -7.564  -8.468  -5.585  1.00 9.93  ? 142 ALA A CB  1 
ATOM   915  N N   . GLY A 1 129 ? -6.519  -7.129  -2.830  1.00 11.70 ? 143 GLY A N   1 
ATOM   916  C CA  . GLY A 1 129 ? -5.784  -7.332  -1.593  1.00 10.63 ? 143 GLY A CA  1 
ATOM   917  C C   . GLY A 1 129 ? -4.978  -6.088  -1.188  1.00 10.71 ? 143 GLY A C   1 
ATOM   918  O O   . GLY A 1 129 ? -4.480  -5.333  -2.039  1.00 10.66 ? 143 GLY A O   1 
ATOM   919  N N   . THR A 1 130 ? -4.853  -5.934  0.137   1.00 11.35 ? 144 THR A N   1 
ATOM   920  C CA  . THR A 1 130 ? -4.054  -4.890  0.751   1.00 9.99  ? 144 THR A CA  1 
ATOM   921  C C   . THR A 1 130 ? -3.140  -5.451  1.841   1.00 8.50  ? 144 THR A C   1 
ATOM   922  O O   . THR A 1 130 ? -3.595  -6.166  2.724   1.00 10.57 ? 144 THR A O   1 
ATOM   923  C CB  . THR A 1 130 ? -4.965  -3.797  1.358   1.00 10.52 ? 144 THR A CB  1 
ATOM   924  O OG1 . THR A 1 130 ? -5.778  -3.253  0.329   1.00 13.95 ? 144 THR A OG1 1 
ATOM   925  C CG2 . THR A 1 130 ? -4.128  -2.635  1.920   1.00 13.21 ? 144 THR A CG2 1 
ATOM   926  N N   . VAL A 1 131 ? -1.830  -5.206  1.796   1.00 11.25 ? 145 VAL A N   1 
ATOM   927  C CA  . VAL A 1 131 ? -0.920  -5.612  2.861   1.00 12.50 ? 145 VAL A CA  1 
ATOM   928  C C   . VAL A 1 131 ? -0.508  -4.352  3.634   1.00 13.52 ? 145 VAL A C   1 
ATOM   929  O O   . VAL A 1 131 ? -0.229  -3.300  3.028   1.00 12.27 ? 145 VAL A O   1 
ATOM   930  C CB  . VAL A 1 131 ? 0.356   -6.334  2.312   1.00 13.14 ? 145 VAL A CB  1 
ATOM   931  C CG1 . VAL A 1 131 ? -0.062  -7.760  1.857   1.00 13.82 ? 145 VAL A CG1 1 
ATOM   932  C CG2 . VAL A 1 131 ? 0.987   -5.575  1.166   1.00 12.50 ? 145 VAL A CG2 1 
ATOM   933  N N   . LEU A 1 132 ? -0.523  -4.417  4.971   1.00 14.03 ? 146 LEU A N   1 
ATOM   934  C CA  . LEU A 1 132 ? -0.183  -3.262  5.813   1.00 13.66 ? 146 LEU A CA  1 
ATOM   935  C C   . LEU A 1 132 ? 0.892   -3.717  6.758   1.00 13.40 ? 146 LEU A C   1 
ATOM   936  O O   . LEU A 1 132 ? 0.693   -4.752  7.382   1.00 13.99 ? 146 LEU A O   1 
ATOM   937  C CB  . LEU A 1 132 ? -1.379  -2.799  6.624   1.00 9.89  ? 146 LEU A CB  1 
ATOM   938  C CG  . LEU A 1 132 ? -2.578  -2.319  5.820   1.00 12.15 ? 146 LEU A CG  1 
ATOM   939  C CD1 . LEU A 1 132 ? -3.656  -2.054  6.818   1.00 10.91 ? 146 LEU A CD1 1 
ATOM   940  C CD2 . LEU A 1 132 ? -2.292  -1.097  4.967   1.00 10.43 ? 146 LEU A CD2 1 
ATOM   941  N N   . PHE A 1 133 ? 2.016   -3.023  6.893   1.00 13.67 ? 147 PHE A N   1 
ATOM   942  C CA  . PHE A 1 133 ? 3.129   -3.431  7.771   1.00 13.08 ? 147 PHE A CA  1 
ATOM   943  C C   . PHE A 1 133 ? 3.250   -2.346  8.835   1.00 13.27 ? 147 PHE A C   1 
ATOM   944  O O   . PHE A 1 133 ? 3.223   -1.160  8.481   1.00 10.75 ? 147 PHE A O   1 
ATOM   945  C CB  . PHE A 1 133 ? 4.490   -3.459  7.076   1.00 13.45 ? 147 PHE A CB  1 
ATOM   946  C CG  . PHE A 1 133 ? 4.522   -4.216  5.769   1.00 12.79 ? 147 PHE A CG  1 
ATOM   947  C CD1 . PHE A 1 133 ? 4.120   -3.575  4.609   1.00 14.47 ? 147 PHE A CD1 1 
ATOM   948  C CD2 . PHE A 1 133 ? 4.981   -5.514  5.767   1.00 14.29 ? 147 PHE A CD2 1 
ATOM   949  C CE1 . PHE A 1 133 ? 4.158   -4.227  3.393   1.00 15.13 ? 147 PHE A CE1 1 
ATOM   950  C CE2 . PHE A 1 133 ? 5.014   -6.165  4.547   1.00 16.44 ? 147 PHE A CE2 1 
ATOM   951  C CZ  . PHE A 1 133 ? 4.620   -5.522  3.374   1.00 15.52 ? 147 PHE A CZ  1 
ATOM   952  N N   . GLY A 1 134 ? 3.421   -2.747  10.108  1.00 13.57 ? 148 GLY A N   1 
ATOM   953  C CA  . GLY A 1 134 ? 3.595   -1.847  11.225  1.00 13.25 ? 148 GLY A CA  1 
ATOM   954  C C   . GLY A 1 134 ? 2.490   -0.832  11.161  1.00 12.73 ? 148 GLY A C   1 
ATOM   955  O O   . GLY A 1 134 ? 2.774   0.350   11.129  1.00 13.25 ? 148 GLY A O   1 
ATOM   956  N N   . TYR A 1 135 ? 1.250   -1.311  11.114  1.00 14.65 ? 149 TYR A N   1 
ATOM   957  C CA  . TYR A 1 135 ? 0.079   -0.487  10.908  1.00 14.40 ? 149 TYR A CA  1 
ATOM   958  C C   . TYR A 1 135 ? -0.142  0.335   12.164  1.00 14.88 ? 149 TYR A C   1 
ATOM   959  O O   . TYR A 1 135 ? -0.519  -0.220  13.205  1.00 13.23 ? 149 TYR A O   1 
ATOM   960  C CB  . TYR A 1 135 ? -1.075  -1.469  10.588  1.00 14.29 ? 149 TYR A CB  1 
ATOM   961  C CG  . TYR A 1 135 ? -2.482  -0.959  10.376  1.00 13.61 ? 149 TYR A CG  1 
ATOM   962  C CD1 . TYR A 1 135 ? -2.710  0.316   9.884   1.00 11.92 ? 149 TYR A CD1 1 
ATOM   963  C CD2 . TYR A 1 135 ? -3.547  -1.830  10.664  1.00 13.46 ? 149 TYR A CD2 1 
ATOM   964  C CE1 . TYR A 1 135 ? -4.007  0.723   9.668   1.00 12.54 ? 149 TYR A CE1 1 
ATOM   965  C CE2 . TYR A 1 135 ? -4.853  -1.432  10.458  1.00 12.77 ? 149 TYR A CE2 1 
ATOM   966  C CZ  . TYR A 1 135 ? -5.056  -0.158  9.958   1.00 13.83 ? 149 TYR A CZ  1 
ATOM   967  O OH  . TYR A 1 135 ? -6.340  0.279   9.763   1.00 13.25 ? 149 TYR A OH  1 
ATOM   968  N N   . THR A 1 136 ? -0.038  1.658   12.028  1.00 15.30 ? 150 THR A N   1 
ATOM   969  C CA  . THR A 1 136 ? -0.170  2.574   13.163  1.00 17.46 ? 150 THR A CA  1 
ATOM   970  C C   . THR A 1 136 ? -1.562  2.637   13.763  1.00 18.68 ? 150 THR A C   1 
ATOM   971  O O   . THR A 1 136 ? -1.737  3.119   14.881  1.00 17.89 ? 150 THR A O   1 
ATOM   972  C CB  . THR A 1 136 ? 0.235   3.999   12.751  1.00 15.49 ? 150 THR A CB  1 
ATOM   973  O OG1 . THR A 1 136 ? -0.458  4.318   11.548  1.00 16.17 ? 150 THR A OG1 1 
ATOM   974  C CG2 . THR A 1 136 ? 1.741   4.105   12.541  1.00 15.35 ? 150 THR A CG2 1 
ATOM   975  N N   . LYS A 1 137 ? -2.591  2.235   13.001  1.00 15.41 ? 151 LYS A N   1 
ATOM   976  C CA  . LYS A 1 137 ? -3.924  2.187   13.535  1.00 14.49 ? 151 LYS A CA  1 
ATOM   977  C C   . LYS A 1 137 ? -4.414  0.769   13.743  1.00 15.30 ? 151 LYS A C   1 
ATOM   978  O O   . LYS A 1 137 ? -5.605  0.534   13.882  1.00 17.58 ? 151 LYS A O   1 
ATOM   979  C CB  . LYS A 1 137 ? -4.874  2.953   12.606  1.00 15.93 ? 151 LYS A CB  1 
ATOM   980  C CG  . LYS A 1 137 ? -4.593  4.451   12.475  1.00 16.43 ? 151 LYS A CG  1 
ATOM   981  C CD  . LYS A 1 137 ? -4.696  5.090   13.857  1.00 18.17 ? 151 LYS A CD  1 
ATOM   982  C CE  . LYS A 1 137 ? -4.386  6.567   13.652  1.00 22.95 ? 151 LYS A CE  1 
ATOM   983  N NZ  . LYS A 1 137 ? -4.594  7.300   14.882  1.00 25.17 ? 151 LYS A NZ  1 
ATOM   984  N N   . ASN A 1 138 ? -3.518  -0.191  13.874  1.00 15.08 ? 152 ASN A N   1 
ATOM   985  C CA  . ASN A 1 138 ? -3.828  -1.580  14.113  1.00 15.29 ? 152 ASN A CA  1 
ATOM   986  C C   . ASN A 1 138 ? -4.723  -1.769  15.321  1.00 19.98 ? 152 ASN A C   1 
ATOM   987  O O   . ASN A 1 138 ? -5.789  -2.379  15.211  1.00 15.53 ? 152 ASN A O   1 
ATOM   988  C CB  . ASN A 1 138 ? -2.533  -2.312  14.295  1.00 15.17 ? 152 ASN A CB  1 
ATOM   989  C CG  . ASN A 1 138 ? -2.733  -3.813  14.379  1.00 20.62 ? 152 ASN A CG  1 
ATOM   990  O OD1 . ASN A 1 138 ? -2.258  -4.499  15.281  1.00 21.09 ? 152 ASN A OD1 1 
ATOM   991  N ND2 . ASN A 1 138 ? -3.425  -4.441  13.452  1.00 17.12 ? 152 ASN A ND2 1 
ATOM   992  N N   . LEU A 1 139 ? -4.384  -1.150  16.462  1.00 22.94 ? 153 LEU A N   1 
ATOM   993  C CA  . LEU A 1 139 ? -5.199  -1.311  17.658  1.00 24.40 ? 153 LEU A CA  1 
ATOM   994  C C   . LEU A 1 139 ? -6.528  -0.584  17.531  1.00 22.64 ? 153 LEU A C   1 
ATOM   995  O O   . LEU A 1 139 ? -7.596  -1.137  17.789  1.00 22.50 ? 153 LEU A O   1 
ATOM   996  C CB  . LEU A 1 139 ? -4.417  -0.807  18.897  1.00 26.48 ? 153 LEU A CB  1 
ATOM   997  C CG  . LEU A 1 139 ? -5.119  -0.945  20.243  1.00 29.15 ? 153 LEU A CG  1 
ATOM   998  C CD1 . LEU A 1 139 ? -4.123  -1.427  21.292  1.00 30.59 ? 153 LEU A CD1 1 
ATOM   999  C CD2 . LEU A 1 139 ? -5.799  0.386   20.581  1.00 30.21 ? 153 LEU A CD2 1 
ATOM   1000 N N   . GLN A 1 140 ? -6.490  0.654   17.089  1.00 20.85 ? 154 GLN A N   1 
ATOM   1001 C CA  . GLN A 1 140 ? -7.644  1.509   17.010  1.00 19.78 ? 154 GLN A CA  1 
ATOM   1002 C C   . GLN A 1 140 ? -8.631  0.927   16.040  1.00 22.23 ? 154 GLN A C   1 
ATOM   1003 O O   . GLN A 1 140 ? -9.820  0.942   16.309  1.00 26.33 ? 154 GLN A O   1 
ATOM   1004 C CB  . GLN A 1 140 ? -7.237  2.895   16.542  1.00 21.09 ? 154 GLN A CB  1 
ATOM   1005 C CG  . GLN A 1 140 ? -6.240  3.533   17.539  1.00 22.59 ? 154 GLN A CG  1 
ATOM   1006 C CD  . GLN A 1 140 ? -4.763  3.281   17.307  1.00 22.03 ? 154 GLN A CD  1 
ATOM   1007 O OE1 . GLN A 1 140 ? -4.322  2.205   16.909  1.00 22.36 ? 154 GLN A OE1 1 
ATOM   1008 N NE2 . GLN A 1 140 ? -3.927  4.273   17.504  1.00 21.22 ? 154 GLN A NE2 1 
ATOM   1009 N N   . ASN A 1 141 ? -8.167  0.327   14.957  1.00 19.69 ? 155 ASN A N   1 
ATOM   1010 C CA  . ASN A 1 141 ? -9.071  -0.255  13.984  1.00 20.20 ? 155 ASN A CA  1 
ATOM   1011 C C   . ASN A 1 141 ? -9.204  -1.734  14.154  1.00 19.05 ? 155 ASN A C   1 
ATOM   1012 O O   . ASN A 1 141 ? -9.793  -2.400  13.312  1.00 19.23 ? 155 ASN A O   1 
ATOM   1013 C CB  . ASN A 1 141 ? -8.601  0.002   12.563  1.00 20.30 ? 155 ASN A CB  1 
ATOM   1014 C CG  . ASN A 1 141 ? -8.870  1.408   12.097  1.00 22.89 ? 155 ASN A CG  1 
ATOM   1015 O OD1 . ASN A 1 141 ? -9.841  2.038   12.502  1.00 24.68 ? 155 ASN A OD1 1 
ATOM   1016 N ND2 . ASN A 1 141 ? -8.033  1.970   11.238  1.00 25.03 ? 155 ASN A ND2 1 
ATOM   1017 N N   . ARG A 1 142 ? -8.676  -2.312  15.219  1.00 20.86 ? 156 ARG A N   1 
ATOM   1018 C CA  . ARG A 1 142 ? -8.727  -3.746  15.485  1.00 24.26 ? 156 ARG A CA  1 
ATOM   1019 C C   . ARG A 1 142 ? -8.342  -4.604  14.292  1.00 22.66 ? 156 ARG A C   1 
ATOM   1020 O O   . ARG A 1 142 ? -9.016  -5.560  13.901  1.00 21.77 ? 156 ARG A O   1 
ATOM   1021 C CB  . ARG A 1 142 ? -10.130 -4.181  15.973  1.00 27.27 ? 156 ARG A CB  1 
ATOM   1022 C CG  . ARG A 1 142 ? -10.360 -3.803  17.419  1.00 34.44 ? 156 ARG A CG  1 
ATOM   1023 C CD  . ARG A 1 142 ? -11.512 -4.655  17.919  1.00 40.72 ? 156 ARG A CD  1 
ATOM   1024 N NE  . ARG A 1 142 ? -11.187 -5.127  19.259  1.00 45.14 ? 156 ARG A NE  1 
ATOM   1025 C CZ  . ARG A 1 142 ? -11.944 -6.036  19.870  1.00 47.84 ? 156 ARG A CZ  1 
ATOM   1026 N NH1 . ARG A 1 142 ? -13.021 -6.545  19.257  1.00 47.90 ? 156 ARG A NH1 1 
ATOM   1027 N NH2 . ARG A 1 142 ? -11.653 -6.404  21.123  1.00 49.65 ? 156 ARG A NH2 1 
ATOM   1028 N N   . GLY A 1 143 ? -7.225  -4.213  13.703  1.00 19.16 ? 157 GLY A N   1 
ATOM   1029 C CA  . GLY A 1 143 ? -6.583  -4.953  12.641  1.00 19.21 ? 157 GLY A CA  1 
ATOM   1030 C C   . GLY A 1 143 ? -7.288  -4.934  11.292  1.00 19.39 ? 157 GLY A C   1 
ATOM   1031 O O   . GLY A 1 143 ? -7.008  -5.766  10.424  1.00 18.35 ? 157 GLY A O   1 
ATOM   1032 N N   . ARG A 1 144 ? -8.135  -3.960  11.079  1.00 20.49 ? 158 ARG A N   1 
ATOM   1033 C CA  . ARG A 1 144 ? -8.963  -3.882  9.892   1.00 22.90 ? 158 ARG A CA  1 
ATOM   1034 C C   . ARG A 1 144 ? -8.769  -2.547  9.233   1.00 20.12 ? 158 ARG A C   1 
ATOM   1035 O O   . ARG A 1 144 ? -8.299  -1.605  9.869   1.00 17.79 ? 158 ARG A O   1 
ATOM   1036 C CB  . ARG A 1 144 ? -10.446 -4.008  10.265  1.00 25.13 ? 158 ARG A CB  1 
ATOM   1037 C CG  . ARG A 1 144 ? -10.855 -5.397  10.720  1.00 30.07 ? 158 ARG A CG  1 
ATOM   1038 C CD  . ARG A 1 144 ? -11.232 -6.268  9.546   1.00 33.70 ? 158 ARG A CD  1 
ATOM   1039 N NE  . ARG A 1 144 ? -12.559 -6.772  9.807   1.00 40.65 ? 158 ARG A NE  1 
ATOM   1040 C CZ  . ARG A 1 144 ? -13.572 -6.602  8.943   1.00 42.48 ? 158 ARG A CZ  1 
ATOM   1041 N NH1 . ARG A 1 144 ? -13.427 -6.002  7.759   1.00 43.72 ? 158 ARG A NH1 1 
ATOM   1042 N NH2 . ARG A 1 144 ? -14.771 -7.082  9.266   1.00 45.86 ? 158 ARG A NH2 1 
ATOM   1043 N N   . ILE A 1 145 ? -9.186  -2.495  7.967   1.00 18.77 ? 159 ILE A N   1 
ATOM   1044 C CA  . ILE A 1 145 ? -9.314  -1.269  7.222   1.00 16.32 ? 159 ILE A CA  1 
ATOM   1045 C C   . ILE A 1 145 ? -10.828 -1.079  7.171   1.00 17.65 ? 159 ILE A C   1 
ATOM   1046 O O   . ILE A 1 145 ? -11.589 -1.944  6.724   1.00 15.47 ? 159 ILE A O   1 
ATOM   1047 C CB  . ILE A 1 145 ? -8.762  -1.396  5.799   1.00 15.29 ? 159 ILE A CB  1 
ATOM   1048 C CG1 . ILE A 1 145 ? -7.253  -1.588  5.855   1.00 15.33 ? 159 ILE A CG1 1 
ATOM   1049 C CG2 . ILE A 1 145 ? -9.175  -0.150  4.994   1.00 13.58 ? 159 ILE A CG2 1 
ATOM   1050 C CD1 . ILE A 1 145 ? -6.633  -2.069  4.514   1.00 15.89 ? 159 ILE A CD1 1 
ATOM   1051 N N   . PRO A 1 146 ? -11.313 0.050   7.656   1.00 21.06 ? 160 PRO A N   1 
ATOM   1052 C CA  . PRO A 1 146 ? -12.705 0.446   7.566   1.00 22.72 ? 160 PRO A CA  1 
ATOM   1053 C C   . PRO A 1 146 ? -13.266 0.368   6.150   1.00 21.06 ? 160 PRO A C   1 
ATOM   1054 O O   . PRO A 1 146 ? -12.669 0.844   5.181   1.00 21.47 ? 160 PRO A O   1 
ATOM   1055 C CB  . PRO A 1 146 ? -12.704 1.863   8.160   1.00 23.03 ? 160 PRO A CB  1 
ATOM   1056 C CG  . PRO A 1 146 ? -11.542 1.804   9.138   1.00 23.16 ? 160 PRO A CG  1 
ATOM   1057 C CD  . PRO A 1 146 ? -10.513 1.117   8.281   1.00 22.96 ? 160 PRO A CD  1 
ATOM   1058 N N   . ASN A 1 147 ? -14.442 -0.251  6.100   1.00 19.96 ? 161 ASN A N   1 
ATOM   1059 C CA  . ASN A 1 147 ? -15.220 -0.460  4.873   1.00 21.30 ? 161 ASN A CA  1 
ATOM   1060 C C   . ASN A 1 147 ? -14.543 -1.403  3.892   1.00 18.45 ? 161 ASN A C   1 
ATOM   1061 O O   . ASN A 1 147 ? -14.883 -1.445  2.691   1.00 18.65 ? 161 ASN A O   1 
ATOM   1062 C CB  . ASN A 1 147 ? -15.472 0.806   4.069   1.00 23.28 ? 161 ASN A CB  1 
ATOM   1063 C CG  . ASN A 1 147 ? -16.114 1.908   4.825   1.00 25.83 ? 161 ASN A CG  1 
ATOM   1064 O OD1 . ASN A 1 147 ? -16.739 1.675   5.859   1.00 29.55 ? 161 ASN A OD1 1 
ATOM   1065 N ND2 . ASN A 1 147 ? -15.974 3.119   4.324   1.00 26.60 ? 161 ASN A ND2 1 
ATOM   1066 N N   . TYR A 1 148 ? -13.605 -2.191  4.405   1.00 15.64 ? 162 TYR A N   1 
ATOM   1067 C CA  . TYR A 1 148 ? -12.953 -3.113  3.516   1.00 16.09 ? 162 TYR A CA  1 
ATOM   1068 C C   . TYR A 1 148 ? -12.932 -4.509  4.146   1.00 16.94 ? 162 TYR A C   1 
ATOM   1069 O O   . TYR A 1 148 ? -12.709 -4.643  5.357   1.00 17.68 ? 162 TYR A O   1 
ATOM   1070 C CB  . TYR A 1 148 ? -11.580 -2.527  3.243   1.00 13.01 ? 162 TYR A CB  1 
ATOM   1071 C CG  . TYR A 1 148 ? -10.757 -3.224  2.163   1.00 12.79 ? 162 TYR A CG  1 
ATOM   1072 C CD1 . TYR A 1 148 ? -11.107 -3.140  0.828   1.00 10.02 ? 162 TYR A CD1 1 
ATOM   1073 C CD2 . TYR A 1 148 ? -9.627  -3.929  2.554   1.00 12.34 ? 162 TYR A CD2 1 
ATOM   1074 C CE1 . TYR A 1 148 ? -10.321 -3.766  -0.111  1.00 10.91 ? 162 TYR A CE1 1 
ATOM   1075 C CE2 . TYR A 1 148 ? -8.830  -4.557  1.610   1.00 12.11 ? 162 TYR A CE2 1 
ATOM   1076 C CZ  . TYR A 1 148 ? -9.199  -4.458  0.295   1.00 10.89 ? 162 TYR A CZ  1 
ATOM   1077 O OH  . TYR A 1 148 ? -8.402  -5.076  -0.625  1.00 13.49 ? 162 TYR A OH  1 
ATOM   1078 N N   . PRO A 1 149 ? -13.186 -5.595  3.371   1.00 17.87 ? 163 PRO A N   1 
ATOM   1079 C CA  . PRO A 1 149 ? -13.249 -6.954  3.860   1.00 17.45 ? 163 PRO A CA  1 
ATOM   1080 C C   . PRO A 1 149 ? -12.002 -7.473  4.523   1.00 16.88 ? 163 PRO A C   1 
ATOM   1081 O O   . PRO A 1 149 ? -10.892 -7.289  4.060   1.00 15.81 ? 163 PRO A O   1 
ATOM   1082 C CB  . PRO A 1 149 ? -13.626 -7.790  2.662   1.00 17.99 ? 163 PRO A CB  1 
ATOM   1083 C CG  . PRO A 1 149 ? -13.278 -6.960  1.503   1.00 19.09 ? 163 PRO A CG  1 
ATOM   1084 C CD  . PRO A 1 149 ? -13.551 -5.557  1.964   1.00 18.54 ? 163 PRO A CD  1 
ATOM   1085 N N   . ALA A 1 150 ? -12.190 -8.208  5.599   1.00 18.43 ? 164 ALA A N   1 
ATOM   1086 C CA  . ALA A 1 150 ? -11.130 -8.813  6.376   1.00 17.81 ? 164 ALA A CA  1 
ATOM   1087 C C   . ALA A 1 150 ? -10.359 -9.783  5.525   1.00 16.85 ? 164 ALA A C   1 
ATOM   1088 O O   . ALA A 1 150 ? -9.140  -9.926  5.607   1.00 15.71 ? 164 ALA A O   1 
ATOM   1089 C CB  . ALA A 1 150 ? -11.719 -9.566  7.539   1.00 17.57 ? 164 ALA A CB  1 
ATOM   1090 N N   . ASP A 1 151 ? -11.047 -10.509 4.654   1.00 18.79 ? 165 ASP A N   1 
ATOM   1091 C CA  . ASP A 1 151 ? -10.378 -11.515 3.824   1.00 17.74 ? 165 ASP A CA  1 
ATOM   1092 C C   . ASP A 1 151 ? -9.453  -10.901 2.792   1.00 15.06 ? 165 ASP A C   1 
ATOM   1093 O O   . ASP A 1 151 ? -8.662  -11.616 2.194   1.00 13.16 ? 165 ASP A O   1 
ATOM   1094 C CB  . ASP A 1 151 ? -11.438 -12.399 3.121   1.00 22.84 ? 165 ASP A CB  1 
ATOM   1095 C CG  . ASP A 1 151 ? -12.373 -11.626 2.184   1.00 24.90 ? 165 ASP A CG  1 
ATOM   1096 O OD1 . ASP A 1 151 ? -13.369 -11.058 2.598   1.00 28.63 ? 165 ASP A OD1 1 
ATOM   1097 O OD2 . ASP A 1 151 ? -12.087 -11.562 0.998   1.00 31.47 ? 165 ASP A OD2 1 
ATOM   1098 N N   . ARG A 1 152 ? -9.592  -9.607  2.520   1.00 13.19 ? 166 ARG A N   1 
ATOM   1099 C CA  . ARG A 1 152 ? -8.691  -8.976  1.582   1.00 16.61 ? 166 ARG A CA  1 
ATOM   1100 C C   . ARG A 1 152 ? -7.554  -8.177  2.246   1.00 15.85 ? 166 ARG A C   1 
ATOM   1101 O O   . ARG A 1 152 ? -6.720  -7.609  1.542   1.00 13.05 ? 166 ARG A O   1 
ATOM   1102 C CB  . ARG A 1 152 ? -9.482  -8.085  0.710   1.00 15.70 ? 166 ARG A CB  1 
ATOM   1103 C CG  . ARG A 1 152 ? -10.510 -8.789  -0.127  1.00 19.68 ? 166 ARG A CG  1 
ATOM   1104 C CD  . ARG A 1 152 ? -10.877 -7.756  -1.173  1.00 23.62 ? 166 ARG A CD  1 
ATOM   1105 N NE  . ARG A 1 152 ? -12.186 -8.026  -1.715  1.00 25.90 ? 166 ARG A NE  1 
ATOM   1106 C CZ  . ARG A 1 152 ? -12.783 -7.255  -2.617  1.00 31.11 ? 166 ARG A CZ  1 
ATOM   1107 N NH1 . ARG A 1 152 ? -12.239 -6.139  -3.138  1.00 31.17 ? 166 ARG A NH1 1 
ATOM   1108 N NH2 . ARG A 1 152 ? -13.996 -7.641  -3.014  1.00 33.74 ? 166 ARG A NH2 1 
ATOM   1109 N N   . THR A 1 153 ? -7.469  -8.228  3.584   1.00 17.58 ? 167 THR A N   1 
ATOM   1110 C CA  . THR A 1 153 ? -6.549  -7.446  4.389   1.00 16.03 ? 167 THR A CA  1 
ATOM   1111 C C   . THR A 1 153 ? -5.516  -8.361  5.016   1.00 15.56 ? 167 THR A C   1 
ATOM   1112 O O   . THR A 1 153 ? -5.896  -9.375  5.595   1.00 16.64 ? 167 THR A O   1 
ATOM   1113 C CB  . THR A 1 153 ? -7.369  -6.741  5.473   1.00 15.54 ? 167 THR A CB  1 
ATOM   1114 O OG1 . THR A 1 153 ? -8.320  -5.996  4.760   1.00 17.07 ? 167 THR A OG1 1 
ATOM   1115 C CG2 . THR A 1 153 ? -6.590  -5.808  6.388   1.00 17.16 ? 167 THR A CG2 1 
ATOM   1116 N N   . LYS A 1 154 ? -4.221  -8.101  4.936   1.00 15.51 ? 168 LYS A N   1 
ATOM   1117 C CA  . LYS A 1 154 ? -3.237  -8.848  5.691   1.00 15.74 ? 168 LYS A CA  1 
ATOM   1118 C C   . LYS A 1 154 ? -2.370  -7.778  6.348   1.00 15.87 ? 168 LYS A C   1 
ATOM   1119 O O   . LYS A 1 154 ? -1.734  -6.963  5.667   1.00 13.91 ? 168 LYS A O   1 
ATOM   1120 C CB  . LYS A 1 154 ? -2.362  -9.705  4.814   1.00 15.44 ? 168 LYS A CB  1 
ATOM   1121 C CG  . LYS A 1 154 ? -1.515  -10.627 5.683   1.00 19.40 ? 168 LYS A CG  1 
ATOM   1122 C CD  . LYS A 1 154 ? -1.643  -12.014 5.093   1.00 26.01 ? 168 LYS A CD  1 
ATOM   1123 C CE  . LYS A 1 154 ? -0.714  -13.102 5.600   1.00 30.64 ? 168 LYS A CE  1 
ATOM   1124 N NZ  . LYS A 1 154 ? -0.812  -13.318 7.040   1.00 34.99 ? 168 LYS A NZ  1 
ATOM   1125 N N   . VAL A 1 155 ? -2.401  -7.768  7.683   1.00 16.39 ? 169 VAL A N   1 
ATOM   1126 C CA  . VAL A 1 155 ? -1.596  -6.858  8.519   1.00 16.31 ? 169 VAL A CA  1 
ATOM   1127 C C   . VAL A 1 155 ? -0.385  -7.598  9.065   1.00 14.18 ? 169 VAL A C   1 
ATOM   1128 O O   . VAL A 1 155 ? -0.511  -8.689  9.636   1.00 14.18 ? 169 VAL A O   1 
ATOM   1129 C CB  . VAL A 1 155 ? -2.399  -6.305  9.728   1.00 14.70 ? 169 VAL A CB  1 
ATOM   1130 C CG1 . VAL A 1 155 ? -1.488  -5.337  10.479  1.00 14.83 ? 169 VAL A CG1 1 
ATOM   1131 C CG2 . VAL A 1 155 ? -3.655  -5.567  9.281   1.00 16.89 ? 169 VAL A CG2 1 
ATOM   1132 N N   . PHE A 1 156 ? 0.803   -7.057  8.911   1.00 15.39 ? 170 PHE A N   1 
ATOM   1133 C CA  . PHE A 1 156 ? 1.975   -7.643  9.482   1.00 15.57 ? 170 PHE A CA  1 
ATOM   1134 C C   . PHE A 1 156 ? 2.304   -6.652  10.592  1.00 17.74 ? 170 PHE A C   1 
ATOM   1135 O O   . PHE A 1 156 ? 2.587   -5.469  10.380  1.00 16.26 ? 170 PHE A O   1 
ATOM   1136 C CB  . PHE A 1 156 ? 3.079   -7.718  8.457   1.00 17.73 ? 170 PHE A CB  1 
ATOM   1137 C CG  . PHE A 1 156 ? 2.756   -8.637  7.276   1.00 18.63 ? 170 PHE A CG  1 
ATOM   1138 C CD1 . PHE A 1 156 ? 2.096   -8.141  6.156   1.00 18.97 ? 170 PHE A CD1 1 
ATOM   1139 C CD2 . PHE A 1 156 ? 3.093   -9.992  7.346   1.00 21.47 ? 170 PHE A CD2 1 
ATOM   1140 C CE1 . PHE A 1 156 ? 1.762   -9.011  5.115   1.00 20.69 ? 170 PHE A CE1 1 
ATOM   1141 C CE2 . PHE A 1 156 ? 2.759   -10.857 6.302   1.00 22.86 ? 170 PHE A CE2 1 
ATOM   1142 C CZ  . PHE A 1 156 ? 2.088   -10.362 5.181   1.00 20.97 ? 170 PHE A CZ  1 
ATOM   1143 N N   . CYS A 1 157 ? 2.181   -7.093  11.822  1.00 17.40 ? 171 CYS A N   1 
ATOM   1144 C CA  . CYS A 1 157 ? 2.472   -6.274  12.978  1.00 20.53 ? 171 CYS A CA  1 
ATOM   1145 C C   . CYS A 1 157 ? 3.290   -7.186  13.880  1.00 22.08 ? 171 CYS A C   1 
ATOM   1146 O O   . CYS A 1 157 ? 2.748   -8.150  14.449  1.00 24.35 ? 171 CYS A O   1 
ATOM   1147 C CB  . CYS A 1 157 ? 1.166   -5.858  13.658  1.00 16.20 ? 171 CYS A CB  1 
ATOM   1148 S SG  . CYS A 1 157 ? 0.712   -4.144  13.309  1.00 19.68 ? 171 CYS A SG  1 
ATOM   1149 N N   . ASN A 1 158 ? 4.603   -7.003  13.913  1.00 20.75 ? 172 ASN A N   1 
ATOM   1150 C CA  . ASN A 1 158 ? 5.498   -7.769  14.762  1.00 17.58 ? 172 ASN A CA  1 
ATOM   1151 C C   . ASN A 1 158 ? 5.205   -7.684  16.231  1.00 19.96 ? 172 ASN A C   1 
ATOM   1152 O O   . ASN A 1 158 ? 4.689   -6.665  16.723  1.00 17.38 ? 172 ASN A O   1 
ATOM   1153 C CB  . ASN A 1 158 ? 6.894   -7.296  14.575  1.00 18.35 ? 172 ASN A CB  1 
ATOM   1154 C CG  . ASN A 1 158 ? 7.402   -7.755  13.230  1.00 21.78 ? 172 ASN A CG  1 
ATOM   1155 O OD1 . ASN A 1 158 ? 6.855   -8.708  12.662  1.00 26.06 ? 172 ASN A OD1 1 
ATOM   1156 N ND2 . ASN A 1 158 ? 8.403   -7.125  12.612  1.00 21.92 ? 172 ASN A ND2 1 
ATOM   1157 N N   . THR A 1 159 ? 5.527   -8.726  16.995  1.00 20.35 ? 173 THR A N   1 
ATOM   1158 C CA  . THR A 1 159 ? 5.318   -8.624  18.431  1.00 25.54 ? 173 THR A CA  1 
ATOM   1159 C C   . THR A 1 159 ? 6.410   -7.640  18.897  1.00 24.39 ? 173 THR A C   1 
ATOM   1160 O O   . THR A 1 159 ? 7.542   -7.649  18.386  1.00 24.30 ? 173 THR A O   1 
ATOM   1161 C CB  . THR A 1 159 ? 5.434   -10.049 19.109  1.00 25.62 ? 173 THR A CB  1 
ATOM   1162 O OG1 . THR A 1 159 ? 4.276   -10.819 18.751  1.00 29.80 ? 173 THR A OG1 1 
ATOM   1163 C CG2 . THR A 1 159 ? 5.395   -9.974  20.629  1.00 26.27 ? 173 THR A CG2 1 
ATOM   1164 N N   . GLY A 1 160 ? 6.018   -6.694  19.754  1.00 24.98 ? 174 GLY A N   1 
ATOM   1165 C CA  . GLY A 1 160 ? 6.982   -5.716  20.244  1.00 24.45 ? 174 GLY A CA  1 
ATOM   1166 C C   . GLY A 1 160 ? 7.046   -4.477  19.353  1.00 25.37 ? 174 GLY A C   1 
ATOM   1167 O O   . GLY A 1 160 ? 7.693   -3.474  19.693  1.00 23.11 ? 174 GLY A O   1 
ATOM   1168 N N   . ASP A 1 161 ? 6.467   -4.517  18.148  1.00 21.52 ? 175 ASP A N   1 
ATOM   1169 C CA  . ASP A 1 161 ? 6.341   -3.291  17.427  1.00 19.95 ? 175 ASP A CA  1 
ATOM   1170 C C   . ASP A 1 161 ? 5.203   -2.515  18.115  1.00 18.41 ? 175 ASP A C   1 
ATOM   1171 O O   . ASP A 1 161 ? 4.004   -2.695  17.877  1.00 19.36 ? 175 ASP A O   1 
ATOM   1172 C CB  . ASP A 1 161 ? 6.023   -3.599  15.980  1.00 19.45 ? 175 ASP A CB  1 
ATOM   1173 C CG  . ASP A 1 161 ? 5.884   -2.333  15.145  1.00 21.67 ? 175 ASP A CG  1 
ATOM   1174 O OD1 . ASP A 1 161 ? 5.977   -1.219  15.677  1.00 20.37 ? 175 ASP A OD1 1 
ATOM   1175 O OD2 . ASP A 1 161 ? 5.706   -2.442  13.930  1.00 20.77 ? 175 ASP A OD2 1 
ATOM   1176 N N   . LEU A 1 162 ? 5.578   -1.530  18.924  1.00 18.37 ? 176 LEU A N   1 
ATOM   1177 C CA  . LEU A 1 162 ? 4.616   -0.756  19.687  1.00 16.72 ? 176 LEU A CA  1 
ATOM   1178 C C   . LEU A 1 162 ? 3.658   0.105   18.911  1.00 15.13 ? 176 LEU A C   1 
ATOM   1179 O O   . LEU A 1 162 ? 2.626   0.501   19.460  1.00 17.10 ? 176 LEU A O   1 
ATOM   1180 C CB  . LEU A 1 162 ? 5.372   0.113   20.698  1.00 19.02 ? 176 LEU A CB  1 
ATOM   1181 C CG  . LEU A 1 162 ? 6.196   -0.636  21.759  1.00 20.44 ? 176 LEU A CG  1 
ATOM   1182 C CD1 . LEU A 1 162 ? 7.028   0.415   22.491  1.00 21.29 ? 176 LEU A CD1 1 
ATOM   1183 C CD2 . LEU A 1 162 ? 5.304   -1.443  22.708  1.00 18.14 ? 176 LEU A CD2 1 
ATOM   1184 N N   . VAL A 1 163 ? 3.918   0.418   17.639  1.00 16.67 ? 177 VAL A N   1 
ATOM   1185 C CA  . VAL A 1 163 ? 2.940   1.200   16.847  1.00 17.15 ? 177 VAL A CA  1 
ATOM   1186 C C   . VAL A 1 163 ? 1.648   0.415   16.551  1.00 16.07 ? 177 VAL A C   1 
ATOM   1187 O O   . VAL A 1 163 ? 0.606   0.993   16.288  1.00 16.18 ? 177 VAL A O   1 
ATOM   1188 C CB  . VAL A 1 163 ? 3.549   1.716   15.482  1.00 19.65 ? 177 VAL A CB  1 
ATOM   1189 C CG1 . VAL A 1 163 ? 4.881   2.408   15.820  1.00 16.21 ? 177 VAL A CG1 1 
ATOM   1190 C CG2 . VAL A 1 163 ? 3.624   0.608   14.413  1.00 19.07 ? 177 VAL A CG2 1 
ATOM   1191 N N   . CYS A 1 164 ? 1.696   -0.915  16.645  1.00 17.51 ? 178 CYS A N   1 
ATOM   1192 C CA  . CYS A 1 164 ? 0.578   -1.813  16.410  1.00 17.99 ? 178 CYS A CA  1 
ATOM   1193 C C   . CYS A 1 164 ? -0.254  -1.861  17.674  1.00 22.64 ? 178 CYS A C   1 
ATOM   1194 O O   . CYS A 1 164 ? -1.373  -2.411  17.716  1.00 25.29 ? 178 CYS A O   1 
ATOM   1195 C CB  . CYS A 1 164 ? 1.122   -3.188  16.093  1.00 19.12 ? 178 CYS A CB  1 
ATOM   1196 S SG  . CYS A 1 164 ? 2.044   -3.212  14.531  1.00 22.73 ? 178 CYS A SG  1 
ATOM   1197 N N   . THR A 1 165 ? 0.273   -1.306  18.782  1.00 23.34 ? 179 THR A N   1 
ATOM   1198 C CA  . THR A 1 165 ? -0.494  -1.369  20.001  1.00 24.31 ? 179 THR A CA  1 
ATOM   1199 C C   . THR A 1 165 ? -0.873  -0.004  20.527  1.00 24.30 ? 179 THR A C   1 
ATOM   1200 O O   . THR A 1 165 ? -0.962  0.172   21.739  1.00 26.38 ? 179 THR A O   1 
ATOM   1201 C CB  . THR A 1 165 ? 0.294   -2.211  21.060  1.00 24.35 ? 179 THR A CB  1 
ATOM   1202 O OG1 . THR A 1 165 ? 1.654   -1.826  21.209  1.00 24.37 ? 179 THR A OG1 1 
ATOM   1203 C CG2 . THR A 1 165 ? 0.290   -3.635  20.594  1.00 27.20 ? 179 THR A CG2 1 
ATOM   1204 N N   . GLY A 1 166 ? -1.142  0.951   19.638  1.00 20.88 ? 180 GLY A N   1 
ATOM   1205 C CA  . GLY A 1 166 ? -1.684  2.216   20.061  1.00 20.59 ? 180 GLY A CA  1 
ATOM   1206 C C   . GLY A 1 166 ? -0.641  3.268   20.346  1.00 20.46 ? 180 GLY A C   1 
ATOM   1207 O O   . GLY A 1 166 ? -1.028  4.353   20.719  1.00 23.95 ? 180 GLY A O   1 
ATOM   1208 N N   . SER A 1 167 ? 0.652   3.089   20.207  1.00 22.47 ? 181 SER A N   1 
ATOM   1209 C CA  . SER A 1 167 ? 1.524   4.206   20.471  1.00 25.51 ? 181 SER A CA  1 
ATOM   1210 C C   . SER A 1 167 ? 2.279   4.515   19.201  1.00 25.54 ? 181 SER A C   1 
ATOM   1211 O O   . SER A 1 167 ? 2.062   3.890   18.149  1.00 24.65 ? 181 SER A O   1 
ATOM   1212 C CB  . SER A 1 167 ? 2.488   3.862   21.615  1.00 26.87 ? 181 SER A CB  1 
ATOM   1213 O OG  . SER A 1 167 ? 3.540   2.966   21.284  1.00 31.94 ? 181 SER A OG  1 
ATOM   1214 N N   . LEU A 1 168 ? 3.161   5.505   19.308  1.00 24.68 ? 182 LEU A N   1 
ATOM   1215 C CA  . LEU A 1 168 ? 3.984   5.911   18.209  1.00 22.13 ? 182 LEU A CA  1 
ATOM   1216 C C   . LEU A 1 168 ? 5.432   5.689   18.610  1.00 22.29 ? 182 LEU A C   1 
ATOM   1217 O O   . LEU A 1 168 ? 6.350   6.178   17.947  1.00 22.05 ? 182 LEU A O   1 
ATOM   1218 C CB  . LEU A 1 168 ? 3.616   7.369   17.911  1.00 21.38 ? 182 LEU A CB  1 
ATOM   1219 C CG  . LEU A 1 168 ? 2.276   7.552   17.158  1.00 24.02 ? 182 LEU A CG  1 
ATOM   1220 C CD1 . LEU A 1 168 ? 2.036   9.021   16.827  1.00 24.76 ? 182 LEU A CD1 1 
ATOM   1221 C CD2 . LEU A 1 168 ? 2.321   6.812   15.814  1.00 24.44 ? 182 LEU A CD2 1 
ATOM   1222 N N   . ILE A 1 169 ? 5.686   4.892   19.653  1.00 21.13 ? 183 ILE A N   1 
ATOM   1223 C CA  . ILE A 1 169 ? 7.070   4.618   19.975  1.00 22.22 ? 183 ILE A CA  1 
ATOM   1224 C C   . ILE A 1 169 ? 7.631   3.649   18.951  1.00 22.56 ? 183 ILE A C   1 
ATOM   1225 O O   . ILE A 1 169 ? 7.050   2.580   18.701  1.00 23.13 ? 183 ILE A O   1 
ATOM   1226 C CB  . ILE A 1 169 ? 7.273   3.968   21.355  1.00 22.13 ? 183 ILE A CB  1 
ATOM   1227 C CG1 . ILE A 1 169 ? 6.636   4.803   22.447  1.00 24.08 ? 183 ILE A CG1 1 
ATOM   1228 C CG2 . ILE A 1 169 ? 8.777   3.819   21.610  1.00 21.04 ? 183 ILE A CG2 1 
ATOM   1229 C CD1 . ILE A 1 169 ? 7.117   6.250   22.362  1.00 26.68 ? 183 ILE A CD1 1 
ATOM   1230 N N   . VAL A 1 170 ? 8.778   4.000   18.377  1.00 20.37 ? 184 VAL A N   1 
ATOM   1231 C CA  . VAL A 1 170 ? 9.485   3.104   17.495  1.00 21.72 ? 184 VAL A CA  1 
ATOM   1232 C C   . VAL A 1 170 ? 10.488  2.219   18.233  1.00 25.46 ? 184 VAL A C   1 
ATOM   1233 O O   . VAL A 1 170 ? 11.460  2.653   18.851  1.00 25.76 ? 184 VAL A O   1 
ATOM   1234 C CB  . VAL A 1 170 ? 10.207  3.893   16.406  1.00 18.67 ? 184 VAL A CB  1 
ATOM   1235 C CG1 . VAL A 1 170 ? 10.844  2.926   15.429  1.00 19.34 ? 184 VAL A CG1 1 
ATOM   1236 C CG2 . VAL A 1 170 ? 9.207   4.765   15.644  1.00 18.02 ? 184 VAL A CG2 1 
ATOM   1237 N N   . ALA A 1 171 ? 10.228  0.921   18.115  1.00 26.65 ? 185 ALA A N   1 
ATOM   1238 C CA  . ALA A 1 171 ? 11.034  -0.121  18.713  1.00 25.93 ? 185 ALA A CA  1 
ATOM   1239 C C   . ALA A 1 171 ? 11.644  -0.937  17.580  1.00 24.54 ? 185 ALA A C   1 
ATOM   1240 O O   . ALA A 1 171 ? 11.144  -0.931  16.444  1.00 23.27 ? 185 ALA A O   1 
ATOM   1241 C CB  . ALA A 1 171 ? 10.136  -0.998  19.564  1.00 27.14 ? 185 ALA A CB  1 
ATOM   1242 N N   . ALA A 1 172 ? 12.685  -1.714  17.882  1.00 23.10 ? 186 ALA A N   1 
ATOM   1243 C CA  . ALA A 1 172 ? 13.353  -2.541  16.897  1.00 23.70 ? 186 ALA A CA  1 
ATOM   1244 C C   . ALA A 1 172 ? 12.448  -3.450  16.046  1.00 24.31 ? 186 ALA A C   1 
ATOM   1245 O O   . ALA A 1 172 ? 12.720  -3.508  14.839  1.00 23.32 ? 186 ALA A O   1 
ATOM   1246 C CB  . ALA A 1 172 ? 14.384  -3.424  17.575  1.00 25.42 ? 186 ALA A CB  1 
ATOM   1247 N N   . PRO A 1 173 ? 11.355  -4.107  16.505  1.00 25.32 ? 187 PRO A N   1 
ATOM   1248 C CA  . PRO A 1 173 ? 10.433  -4.907  15.679  1.00 25.72 ? 187 PRO A CA  1 
ATOM   1249 C C   . PRO A 1 173 ? 9.826   -4.096  14.550  1.00 26.37 ? 187 PRO A C   1 
ATOM   1250 O O   . PRO A 1 173 ? 9.505   -4.643  13.488  1.00 26.92 ? 187 PRO A O   1 
ATOM   1251 C CB  . PRO A 1 173 ? 9.347   -5.412  16.612  1.00 26.24 ? 187 PRO A CB  1 
ATOM   1252 C CG  . PRO A 1 173 ? 9.999   -5.404  17.974  1.00 26.86 ? 187 PRO A CG  1 
ATOM   1253 C CD  . PRO A 1 173 ? 10.854  -4.140  17.891  1.00 27.67 ? 187 PRO A CD  1 
ATOM   1254 N N   . HIS A 1 174 ? 9.688   -2.773  14.749  1.00 23.78 ? 188 HIS A N   1 
ATOM   1255 C CA  . HIS A 1 174 ? 9.100   -1.931  13.726  1.00 21.70 ? 188 HIS A CA  1 
ATOM   1256 C C   . HIS A 1 174 ? 9.970   -1.862  12.489  1.00 19.23 ? 188 HIS A C   1 
ATOM   1257 O O   . HIS A 1 174 ? 9.452   -1.581  11.416  1.00 18.54 ? 188 HIS A O   1 
ATOM   1258 C CB  . HIS A 1 174 ? 8.881   -0.494  14.227  1.00 21.09 ? 188 HIS A CB  1 
ATOM   1259 C CG  . HIS A 1 174 ? 7.997   0.327   13.273  1.00 19.99 ? 188 HIS A CG  1 
ATOM   1260 N ND1 . HIS A 1 174 ? 6.735   0.078   12.904  1.00 18.81 ? 188 HIS A ND1 1 
ATOM   1261 C CD2 . HIS A 1 174 ? 8.365   1.521   12.691  1.00 20.83 ? 188 HIS A CD2 1 
ATOM   1262 C CE1 . HIS A 1 174 ? 6.329   1.065   12.148  1.00 19.48 ? 188 HIS A CE1 1 
ATOM   1263 N NE2 . HIS A 1 174 ? 7.311   1.927   12.025  1.00 19.85 ? 188 HIS A NE2 1 
ATOM   1264 N N   . LEU A 1 175 ? 11.258  -2.102  12.682  1.00 17.09 ? 189 LEU A N   1 
ATOM   1265 C CA  . LEU A 1 175 ? 12.226  -2.054  11.644  1.00 18.59 ? 189 LEU A CA  1 
ATOM   1266 C C   . LEU A 1 175 ? 12.469  -3.456  11.122  1.00 16.67 ? 189 LEU A C   1 
ATOM   1267 O O   . LEU A 1 175 ? 13.417  -3.690  10.386  1.00 18.37 ? 189 LEU A O   1 
ATOM   1268 C CB  . LEU A 1 175 ? 13.537  -1.430  12.203  1.00 22.54 ? 189 LEU A CB  1 
ATOM   1269 C CG  . LEU A 1 175 ? 13.717  0.074   12.591  1.00 27.40 ? 189 LEU A CG  1 
ATOM   1270 C CD1 . LEU A 1 175 ? 12.928  0.960   11.632  1.00 29.44 ? 189 LEU A CD1 1 
ATOM   1271 C CD2 . LEU A 1 175 ? 13.132  0.380   13.951  1.00 31.80 ? 189 LEU A CD2 1 
ATOM   1272 N N   . ALA A 1 176 ? 11.665  -4.443  11.432  1.00 17.11 ? 190 ALA A N   1 
ATOM   1273 C CA  . ALA A 1 176 ? 12.007  -5.795  11.055  1.00 18.43 ? 190 ALA A CA  1 
ATOM   1274 C C   . ALA A 1 176 ? 11.043  -6.403  10.022  1.00 20.91 ? 190 ALA A C   1 
ATOM   1275 O O   . ALA A 1 176 ? 10.738  -7.610  10.066  1.00 24.51 ? 190 ALA A O   1 
ATOM   1276 C CB  . ALA A 1 176 ? 11.982  -6.551  12.342  1.00 19.71 ? 190 ALA A CB  1 
ATOM   1277 N N   . TYR A 1 177 ? 10.468  -5.631  9.114   1.00 20.81 ? 191 TYR A N   1 
ATOM   1278 C CA  . TYR A 1 177 ? 9.491   -6.165  8.181   1.00 19.25 ? 191 TYR A CA  1 
ATOM   1279 C C   . TYR A 1 177 ? 10.070  -6.640  6.858   1.00 19.18 ? 191 TYR A C   1 
ATOM   1280 O O   . TYR A 1 177 ? 9.322   -7.170  6.044   1.00 19.50 ? 191 TYR A O   1 
ATOM   1281 C CB  . TYR A 1 177 ? 8.398   -5.099  7.955   1.00 16.67 ? 191 TYR A CB  1 
ATOM   1282 C CG  . TYR A 1 177 ? 7.534   -4.955  9.200   1.00 16.56 ? 191 TYR A CG  1 
ATOM   1283 C CD1 . TYR A 1 177 ? 6.765   -6.025  9.638   1.00 14.92 ? 191 TYR A CD1 1 
ATOM   1284 C CD2 . TYR A 1 177 ? 7.538   -3.761  9.899   1.00 13.43 ? 191 TYR A CD2 1 
ATOM   1285 C CE1 . TYR A 1 177 ? 6.011   -5.907  10.796  1.00 14.73 ? 191 TYR A CE1 1 
ATOM   1286 C CE2 . TYR A 1 177 ? 6.784   -3.626  11.056  1.00 13.88 ? 191 TYR A CE2 1 
ATOM   1287 C CZ  . TYR A 1 177 ? 6.032   -4.703  11.489  1.00 12.55 ? 191 TYR A CZ  1 
ATOM   1288 O OH  . TYR A 1 177 ? 5.299   -4.617  12.646  1.00 12.36 ? 191 TYR A OH  1 
ATOM   1289 N N   . GLY A 1 178 ? 11.372  -6.518  6.638   1.00 17.94 ? 192 GLY A N   1 
ATOM   1290 C CA  . GLY A 1 178 ? 12.070  -6.961  5.458   1.00 18.30 ? 192 GLY A CA  1 
ATOM   1291 C C   . GLY A 1 178 ? 11.703  -8.379  5.068   1.00 21.75 ? 192 GLY A C   1 
ATOM   1292 O O   . GLY A 1 178 ? 11.329  -8.600  3.909   1.00 21.64 ? 192 GLY A O   1 
ATOM   1293 N N   . PRO A 1 179 ? 11.755  -9.389  5.926   1.00 24.06 ? 193 PRO A N   1 
ATOM   1294 C CA  . PRO A 1 179 ? 11.353  -10.755 5.573   1.00 26.13 ? 193 PRO A CA  1 
ATOM   1295 C C   . PRO A 1 179 ? 9.945   -10.834 4.996   1.00 26.00 ? 193 PRO A C   1 
ATOM   1296 O O   . PRO A 1 179 ? 9.775   -11.366 3.898   1.00 29.43 ? 193 PRO A O   1 
ATOM   1297 C CB  . PRO A 1 179 ? 11.523  -11.542 6.855   1.00 25.29 ? 193 PRO A CB  1 
ATOM   1298 C CG  . PRO A 1 179 ? 12.774  -10.871 7.413   1.00 26.57 ? 193 PRO A CG  1 
ATOM   1299 C CD  . PRO A 1 179 ? 12.504  -9.387  7.185   1.00 25.65 ? 193 PRO A CD  1 
ATOM   1300 N N   . ASP A 1 180 ? 8.973   -10.189 5.657   1.00 24.79 ? 194 ASP A N   1 
ATOM   1301 C CA  . ASP A 1 180 ? 7.592   -10.164 5.225   1.00 23.85 ? 194 ASP A CA  1 
ATOM   1302 C C   . ASP A 1 180 ? 7.380   -9.586  3.855   1.00 21.24 ? 194 ASP A C   1 
ATOM   1303 O O   . ASP A 1 180 ? 6.599   -10.158 3.118   1.00 19.17 ? 194 ASP A O   1 
ATOM   1304 C CB  . ASP A 1 180 ? 6.736   -9.367  6.201   1.00 25.68 ? 194 ASP A CB  1 
ATOM   1305 C CG  . ASP A 1 180 ? 6.630   -10.022 7.559   1.00 26.70 ? 194 ASP A CG  1 
ATOM   1306 O OD1 . ASP A 1 180 ? 6.815   -11.235 7.658   1.00 28.24 ? 194 ASP A OD1 1 
ATOM   1307 O OD2 . ASP A 1 180 ? 6.334   -9.309  8.507   1.00 27.30 ? 194 ASP A OD2 1 
ATOM   1308 N N   . ALA A 1 181 ? 8.043   -8.481  3.525   1.00 20.66 ? 195 ALA A N   1 
ATOM   1309 C CA  . ALA A 1 181 ? 7.920   -7.869  2.220   1.00 21.78 ? 195 ALA A CA  1 
ATOM   1310 C C   . ALA A 1 181 ? 8.535   -8.729  1.107   1.00 22.05 ? 195 ALA A C   1 
ATOM   1311 O O   . ALA A 1 181 ? 8.181   -8.596  -0.066  1.00 22.35 ? 195 ALA A O   1 
ATOM   1312 C CB  . ALA A 1 181 ? 8.598   -6.488  2.245   1.00 18.26 ? 195 ALA A CB  1 
ATOM   1313 N N   . ARG A 1 182 ? 9.484   -9.604  1.434   1.00 22.01 ? 196 ARG A N   1 
ATOM   1314 C CA  . ARG A 1 182 ? 10.084  -10.532 0.474   1.00 25.37 ? 196 ARG A CA  1 
ATOM   1315 C C   . ARG A 1 182 ? 9.268   -11.808 0.243   1.00 21.68 ? 196 ARG A C   1 
ATOM   1316 O O   . ARG A 1 182 ? 9.449   -12.514 -0.741  1.00 22.66 ? 196 ARG A O   1 
ATOM   1317 C CB  . ARG A 1 182 ? 11.479  -10.945 0.972   1.00 29.24 ? 196 ARG A CB  1 
ATOM   1318 C CG  . ARG A 1 182 ? 12.414  -9.755  1.070   1.00 34.27 ? 196 ARG A CG  1 
ATOM   1319 C CD  . ARG A 1 182 ? 13.803  -10.120 1.610   1.00 40.53 ? 196 ARG A CD  1 
ATOM   1320 N NE  . ARG A 1 182 ? 14.332  -8.920  2.241   1.00 43.33 ? 196 ARG A NE  1 
ATOM   1321 C CZ  . ARG A 1 182 ? 14.707  -8.836  3.516   1.00 43.96 ? 196 ARG A CZ  1 
ATOM   1322 N NH1 . ARG A 1 182 ? 14.638  -9.864  4.370   1.00 44.88 ? 196 ARG A NH1 1 
ATOM   1323 N NH2 . ARG A 1 182 ? 15.145  -7.655  3.931   1.00 45.79 ? 196 ARG A NH2 1 
ATOM   1324 N N   . GLY A 1 183 ? 8.442   -12.186 1.201   1.00 21.58 ? 197 GLY A N   1 
ATOM   1325 C CA  . GLY A 1 183 ? 7.774   -13.463 1.119   1.00 21.80 ? 197 GLY A CA  1 
ATOM   1326 C C   . GLY A 1 183 ? 6.281   -13.390 1.271   1.00 18.62 ? 197 GLY A C   1 
ATOM   1327 O O   . GLY A 1 183 ? 5.543   -13.283 0.278   1.00 19.17 ? 197 GLY A O   1 
ATOM   1328 N N   . PRO A 1 184 ? 5.757   -13.457 2.485   1.00 19.54 ? 198 PRO A N   1 
ATOM   1329 C CA  . PRO A 1 184 ? 4.318   -13.600 2.724   1.00 19.00 ? 198 PRO A CA  1 
ATOM   1330 C C   . PRO A 1 184 ? 3.496   -12.479 2.168   1.00 17.79 ? 198 PRO A C   1 
ATOM   1331 O O   . PRO A 1 184 ? 2.469   -12.786 1.573   1.00 17.43 ? 198 PRO A O   1 
ATOM   1332 C CB  . PRO A 1 184 ? 4.116   -13.717 4.219   1.00 18.97 ? 198 PRO A CB  1 
ATOM   1333 C CG  . PRO A 1 184 ? 5.437   -13.228 4.762   1.00 21.75 ? 198 PRO A CG  1 
ATOM   1334 C CD  . PRO A 1 184 ? 6.499   -13.665 3.721   1.00 20.41 ? 198 PRO A CD  1 
ATOM   1335 N N   . ALA A 1 185 ? 3.917   -11.217 2.282   1.00 16.84 ? 199 ALA A N   1 
ATOM   1336 C CA  . ALA A 1 185 ? 3.122   -10.115 1.747   1.00 17.61 ? 199 ALA A CA  1 
ATOM   1337 C C   . ALA A 1 185 ? 2.903   -10.182 0.224   1.00 14.09 ? 199 ALA A C   1 
ATOM   1338 O O   . ALA A 1 185 ? 1.728   -10.222 -0.162  1.00 14.12 ? 199 ALA A O   1 
ATOM   1339 C CB  . ALA A 1 185 ? 3.779   -8.761  2.125   1.00 13.24 ? 199 ALA A CB  1 
ATOM   1340 N N   . PRO A 1 186 ? 3.895   -10.242 -0.691  1.00 15.94 ? 200 PRO A N   1 
ATOM   1341 C CA  . PRO A 1 186 ? 3.644   -10.481 -2.118  1.00 17.34 ? 200 PRO A CA  1 
ATOM   1342 C C   . PRO A 1 186 ? 2.906   -11.801 -2.411  1.00 18.72 ? 200 PRO A C   1 
ATOM   1343 O O   . PRO A 1 186 ? 2.001   -11.776 -3.230  1.00 15.61 ? 200 PRO A O   1 
ATOM   1344 C CB  . PRO A 1 186 ? 5.033   -10.383 -2.754  1.00 17.57 ? 200 PRO A CB  1 
ATOM   1345 C CG  . PRO A 1 186 ? 6.052   -10.671 -1.686  1.00 16.29 ? 200 PRO A CG  1 
ATOM   1346 C CD  . PRO A 1 186 ? 5.345   -10.189 -0.428  1.00 14.94 ? 200 PRO A CD  1 
ATOM   1347 N N   . GLU A 1 187 ? 3.191   -12.933 -1.757  1.00 19.49 ? 201 GLU A N   1 
ATOM   1348 C CA  . GLU A 1 187 ? 2.436   -14.146 -1.954  1.00 22.55 ? 201 GLU A CA  1 
ATOM   1349 C C   . GLU A 1 187 ? 0.969   -13.918 -1.696  1.00 20.88 ? 201 GLU A C   1 
ATOM   1350 O O   . GLU A 1 187 ? 0.157   -14.451 -2.450  1.00 18.67 ? 201 GLU A O   1 
ATOM   1351 C CB  . GLU A 1 187 ? 2.852   -15.222 -1.018  1.00 28.51 ? 201 GLU A CB  1 
ATOM   1352 C CG  . GLU A 1 187 ? 4.113   -15.937 -1.414  1.00 39.14 ? 201 GLU A CG  1 
ATOM   1353 C CD  . GLU A 1 187 ? 4.308   -17.216 -0.580  1.00 45.99 ? 201 GLU A CD  1 
ATOM   1354 O OE1 . GLU A 1 187 ? 4.605   -17.148 0.634   1.00 48.28 ? 201 GLU A OE1 1 
ATOM   1355 O OE2 . GLU A 1 187 ? 4.146   -18.294 -1.170  1.00 50.10 ? 201 GLU A OE2 1 
ATOM   1356 N N   . PHE A 1 188 ? 0.607   -13.133 -0.660  1.00 18.26 ? 202 PHE A N   1 
ATOM   1357 C CA  . PHE A 1 188 ? -0.771  -12.879 -0.322  1.00 14.98 ? 202 PHE A CA  1 
ATOM   1358 C C   . PHE A 1 188 ? -1.436  -12.092 -1.424  1.00 14.80 ? 202 PHE A C   1 
ATOM   1359 O O   . PHE A 1 188 ? -2.560  -12.417 -1.815  1.00 12.96 ? 202 PHE A O   1 
ATOM   1360 C CB  . PHE A 1 188 ? -0.873  -12.089 0.978   1.00 17.29 ? 202 PHE A CB  1 
ATOM   1361 C CG  . PHE A 1 188 ? -2.295  -11.617 1.323   1.00 17.65 ? 202 PHE A CG  1 
ATOM   1362 C CD1 . PHE A 1 188 ? -3.197  -12.488 1.943   1.00 17.28 ? 202 PHE A CD1 1 
ATOM   1363 C CD2 . PHE A 1 188 ? -2.673  -10.312 1.012   1.00 16.61 ? 202 PHE A CD2 1 
ATOM   1364 C CE1 . PHE A 1 188 ? -4.462  -12.053 2.283   1.00 16.75 ? 202 PHE A CE1 1 
ATOM   1365 C CE2 . PHE A 1 188 ? -3.944  -9.903  1.360   1.00 16.45 ? 202 PHE A CE2 1 
ATOM   1366 C CZ  . PHE A 1 188 ? -4.834  -10.764 1.978   1.00 17.08 ? 202 PHE A CZ  1 
ATOM   1367 N N   . LEU A 1 189 ? -0.778  -11.025 -1.876  1.00 14.01 ? 203 LEU A N   1 
ATOM   1368 C CA  . LEU A 1 189 ? -1.311  -10.203 -2.963  1.00 14.22 ? 203 LEU A CA  1 
ATOM   1369 C C   . LEU A 1 189 ? -1.468  -11.011 -4.279  1.00 16.08 ? 203 LEU A C   1 
ATOM   1370 O O   . LEU A 1 189 ? -2.481  -10.856 -4.972  1.00 14.84 ? 203 LEU A O   1 
ATOM   1371 C CB  . LEU A 1 189 ? -0.394  -9.004  -3.213  1.00 13.00 ? 203 LEU A CB  1 
ATOM   1372 C CG  . LEU A 1 189 ? -0.256  -8.009  -2.075  1.00 10.27 ? 203 LEU A CG  1 
ATOM   1373 C CD1 . LEU A 1 189 ? 0.784   -6.984  -2.465  1.00 9.68  ? 203 LEU A CD1 1 
ATOM   1374 C CD2 . LEU A 1 189 ? -1.621  -7.404  -1.733  1.00 6.72  ? 203 LEU A CD2 1 
ATOM   1375 N N   . ILE A 1 190 ? -0.526  -11.922 -4.599  1.00 14.16 ? 204 ILE A N   1 
ATOM   1376 C CA  . ILE A 1 190 ? -0.581  -12.716 -5.824  1.00 15.22 ? 204 ILE A CA  1 
ATOM   1377 C C   . ILE A 1 190 ? -1.760  -13.661 -5.729  1.00 15.80 ? 204 ILE A C   1 
ATOM   1378 O O   . ILE A 1 190 ? -2.500  -13.802 -6.702  1.00 16.06 ? 204 ILE A O   1 
ATOM   1379 C CB  . ILE A 1 190 ? 0.730   -13.476 -5.982  1.00 13.55 ? 204 ILE A CB  1 
ATOM   1380 C CG1 . ILE A 1 190 ? 1.801   -12.475 -6.389  1.00 13.55 ? 204 ILE A CG1 1 
ATOM   1381 C CG2 . ILE A 1 190 ? 0.648   -14.541 -7.085  1.00 15.73 ? 204 ILE A CG2 1 
ATOM   1382 C CD1 . ILE A 1 190 ? 3.244   -12.928 -6.116  1.00 9.94  ? 204 ILE A CD1 1 
ATOM   1383 N N   . GLU A 1 191 ? -1.952  -14.292 -4.572  1.00 14.98 ? 205 GLU A N   1 
ATOM   1384 C CA  . GLU A 1 191 ? -3.040  -15.213 -4.349  1.00 16.51 ? 205 GLU A CA  1 
ATOM   1385 C C   . GLU A 1 191 ? -4.359  -14.469 -4.468  1.00 17.13 ? 205 GLU A C   1 
ATOM   1386 O O   . GLU A 1 191 ? -5.313  -14.961 -5.102  1.00 15.24 ? 205 GLU A O   1 
ATOM   1387 C CB  . GLU A 1 191 ? -2.834  -15.817 -2.986  1.00 21.35 ? 205 GLU A CB  1 
ATOM   1388 C CG  . GLU A 1 191 ? -4.054  -16.365 -2.257  1.00 33.61 ? 205 GLU A CG  1 
ATOM   1389 C CD  . GLU A 1 191 ? -3.891  -16.361 -0.723  1.00 40.15 ? 205 GLU A CD  1 
ATOM   1390 O OE1 . GLU A 1 191 ? -3.239  -17.269 -0.186  1.00 43.10 ? 205 GLU A OE1 1 
ATOM   1391 O OE2 . GLU A 1 191 ? -4.406  -15.442 -0.061  1.00 43.16 ? 205 GLU A OE2 1 
ATOM   1392 N N   . LYS A 1 192 ? -4.459  -13.260 -3.908  1.00 13.38 ? 206 LYS A N   1 
ATOM   1393 C CA  . LYS A 1 192 ? -5.685  -12.491 -4.071  1.00 14.55 ? 206 LYS A CA  1 
ATOM   1394 C C   . LYS A 1 192 ? -5.926  -12.077 -5.525  1.00 13.60 ? 206 LYS A C   1 
ATOM   1395 O O   . LYS A 1 192 ? -7.069  -12.111 -5.990  1.00 15.64 ? 206 LYS A O   1 
ATOM   1396 C CB  . LYS A 1 192 ? -5.641  -11.248 -3.157  1.00 14.26 ? 206 LYS A CB  1 
ATOM   1397 C CG  . LYS A 1 192 ? -5.696  -11.595 -1.651  1.00 18.43 ? 206 LYS A CG  1 
ATOM   1398 C CD  . LYS A 1 192 ? -6.944  -12.404 -1.364  1.00 20.56 ? 206 LYS A CD  1 
ATOM   1399 C CE  . LYS A 1 192 ? -6.787  -13.207 -0.110  1.00 22.69 ? 206 LYS A CE  1 
ATOM   1400 N NZ  . LYS A 1 192 ? -7.811  -14.233 -0.095  1.00 26.15 ? 206 LYS A NZ  1 
ATOM   1401 N N   . VAL A 1 193 ? -4.916  -11.713 -6.304  1.00 12.00 ? 207 VAL A N   1 
ATOM   1402 C CA  . VAL A 1 193 ? -5.114  -11.383 -7.707  1.00 13.25 ? 207 VAL A CA  1 
ATOM   1403 C C   . VAL A 1 193 ? -5.551  -12.612 -8.485  1.00 15.28 ? 207 VAL A C   1 
ATOM   1404 O O   . VAL A 1 193 ? -6.534  -12.536 -9.233  1.00 13.72 ? 207 VAL A O   1 
ATOM   1405 C CB  . VAL A 1 193 ? -3.822  -10.812 -8.295  1.00 13.49 ? 207 VAL A CB  1 
ATOM   1406 C CG1 . VAL A 1 193 ? -3.835  -10.642 -9.799  1.00 13.92 ? 207 VAL A CG1 1 
ATOM   1407 C CG2 . VAL A 1 193 ? -3.694  -9.387  -7.713  1.00 14.19 ? 207 VAL A CG2 1 
ATOM   1408 N N   . ARG A 1 194 ? -4.913  -13.765 -8.240  1.00 15.37 ? 208 ARG A N   1 
ATOM   1409 C CA  . ARG A 1 194 ? -5.216  -14.979 -8.973  1.00 16.04 ? 208 ARG A CA  1 
ATOM   1410 C C   . ARG A 1 194 ? -6.616  -15.460 -8.678  1.00 17.68 ? 208 ARG A C   1 
ATOM   1411 O O   . ARG A 1 194 ? -7.300  -15.909 -9.591  1.00 19.23 ? 208 ARG A O   1 
ATOM   1412 C CB  . ARG A 1 194 ? -4.218  -16.047 -8.622  1.00 17.40 ? 208 ARG A CB  1 
ATOM   1413 C CG  . ARG A 1 194 ? -2.947  -15.761 -9.400  1.00 20.88 ? 208 ARG A CG  1 
ATOM   1414 C CD  . ARG A 1 194 ? -1.903  -16.775 -8.961  1.00 24.95 ? 208 ARG A CD  1 
ATOM   1415 N NE  . ARG A 1 194 ? -0.720  -16.607 -9.793  1.00 29.76 ? 208 ARG A NE  1 
ATOM   1416 C CZ  . ARG A 1 194 ? 0.487   -17.121 -9.497  1.00 31.73 ? 208 ARG A CZ  1 
ATOM   1417 N NH1 . ARG A 1 194 ? 0.768   -17.855 -8.411  1.00 31.54 ? 208 ARG A NH1 1 
ATOM   1418 N NH2 . ARG A 1 194 ? 1.454   -16.877 -10.359 1.00 34.82 ? 208 ARG A NH2 1 
ATOM   1419 N N   . ALA A 1 195 ? -7.125  -15.267 -7.463  1.00 17.22 ? 209 ALA A N   1 
ATOM   1420 C CA  . ALA A 1 195 ? -8.484  -15.638 -7.131  1.00 16.72 ? 209 ALA A CA  1 
ATOM   1421 C C   . ALA A 1 195 ? -9.510  -14.789 -7.895  1.00 17.85 ? 209 ALA A C   1 
ATOM   1422 O O   . ALA A 1 195 ? -10.688 -15.186 -7.979  1.00 18.72 ? 209 ALA A O   1 
ATOM   1423 C CB  . ALA A 1 195 ? -8.745  -15.447 -5.639  1.00 14.53 ? 209 ALA A CB  1 
ATOM   1424 N N   . VAL A 1 196 ? -9.146  -13.605 -8.426  1.00 17.91 ? 210 VAL A N   1 
ATOM   1425 C CA  . VAL A 1 196 ? -10.113 -12.813 -9.172  1.00 18.19 ? 210 VAL A CA  1 
ATOM   1426 C C   . VAL A 1 196 ? -9.898  -13.024 -10.668 1.00 18.45 ? 210 VAL A C   1 
ATOM   1427 O O   . VAL A 1 196 ? -10.848 -13.171 -11.442 1.00 16.79 ? 210 VAL A O   1 
ATOM   1428 C CB  . VAL A 1 196 ? -10.055 -11.238 -8.895  1.00 18.98 ? 210 VAL A CB  1 
ATOM   1429 C CG1 . VAL A 1 196 ? -10.144 -10.955 -7.425  1.00 20.81 ? 210 VAL A CG1 1 
ATOM   1430 C CG2 . VAL A 1 196 ? -8.755  -10.621 -9.253  1.00 23.04 ? 210 VAL A CG2 1 
ATOM   1431 N N   . ARG A 1 197 ? -8.642  -13.063 -11.092 1.00 19.21 ? 211 ARG A N   1 
ATOM   1432 C CA  . ARG A 1 197 ? -8.298  -13.047 -12.497 1.00 19.81 ? 211 ARG A CA  1 
ATOM   1433 C C   . ARG A 1 197 ? -7.984  -14.402 -13.080 1.00 21.71 ? 211 ARG A C   1 
ATOM   1434 O O   . ARG A 1 197 ? -7.999  -14.498 -14.307 1.00 24.41 ? 211 ARG A O   1 
ATOM   1435 C CB  . ARG A 1 197 ? -7.069  -12.182 -12.790 1.00 18.28 ? 211 ARG A CB  1 
ATOM   1436 C CG  . ARG A 1 197 ? -7.131  -10.768 -12.328 1.00 19.27 ? 211 ARG A CG  1 
ATOM   1437 C CD  . ARG A 1 197 ? -5.977  -9.940  -12.872 1.00 19.17 ? 211 ARG A CD  1 
ATOM   1438 N NE  . ARG A 1 197 ? -6.110  -9.742  -14.313 1.00 20.60 ? 211 ARG A NE  1 
ATOM   1439 C CZ  . ARG A 1 197 ? -6.894  -8.795  -14.849 1.00 20.00 ? 211 ARG A CZ  1 
ATOM   1440 N NH1 . ARG A 1 197 ? -7.636  -7.963  -14.123 1.00 19.28 ? 211 ARG A NH1 1 
ATOM   1441 N NH2 . ARG A 1 197 ? -6.958  -8.673  -16.167 1.00 24.87 ? 211 ARG A NH2 1 
ATOM   1442 N N   . GLY A 1 198 ? -7.677  -15.419 -12.281 1.00 20.72 ? 212 GLY A N   1 
ATOM   1443 C CA  . GLY A 1 198 ? -7.190  -16.654 -12.843 1.00 24.04 ? 212 GLY A CA  1 
ATOM   1444 C C   . GLY A 1 198 ? -5.700  -16.545 -13.110 1.00 29.71 ? 212 GLY A C   1 
ATOM   1445 O O   . GLY A 1 198 ? -5.012  -15.663 -12.591 1.00 29.05 ? 212 GLY A O   1 
ATOM   1446 O OXT . GLY A 1 198 ? -5.184  -17.357 -13.869 1.00 37.60 ? 212 GLY A OXT 1 
HETATM 1447 C C1  . DEP B 2 .   ? 6.155   5.391   13.389  1.00 22.88 ? 401 DEP A C1  1 
HETATM 1448 C C2  . DEP B 2 .   ? 5.562   6.292   14.449  1.00 22.03 ? 401 DEP A C2  1 
HETATM 1449 C C3  . DEP B 2 .   ? 8.531   4.470   9.565   1.00 29.03 ? 401 DEP A C3  1 
HETATM 1450 C C4  . DEP B 2 .   ? 9.766   3.798   10.168  1.00 33.29 ? 401 DEP A C4  1 
HETATM 1451 O O1  . DEP B 2 .   ? 5.744   5.865   12.082  1.00 22.78 ? 401 DEP A O1  1 
HETATM 1452 O O2  . DEP B 2 .   ? 7.749   4.826   10.703  1.00 25.34 ? 401 DEP A O2  1 
HETATM 1453 O O3  . DEP B 2 .   ? 5.741   6.027   9.597   1.00 18.17 ? 401 DEP A O3  1 
HETATM 1454 P P   . DEP B 2 .   ? 6.176   5.141   10.691  1.00 18.57 ? 401 DEP A P   1 
HETATM 1455 O O   . HOH C 3 .   ? 12.193  -3.356  -7.215  1.00 27.12 ? 501 HOH A O   1 
HETATM 1456 O O   . HOH C 3 .   ? 7.018   -14.020 -7.152  1.00 36.74 ? 502 HOH A O   1 
HETATM 1457 O O   . HOH C 3 .   ? 3.150   12.823  5.879   1.00 25.05 ? 503 HOH A O   1 
HETATM 1458 O O   . HOH C 3 .   ? -0.607  10.513  -16.996 1.00 55.96 ? 504 HOH A O   1 
HETATM 1459 O O   . HOH C 3 .   ? -13.993 -10.233 -0.436  1.00 34.40 ? 505 HOH A O   1 
HETATM 1460 O O   . HOH C 3 .   ? -10.307 -4.867  6.644   1.00 15.62 ? 506 HOH A O   1 
HETATM 1461 O O   . HOH C 3 .   ? 7.654   0.222   17.525  1.00 17.72 ? 507 HOH A O   1 
HETATM 1462 O O   . HOH C 3 .   ? 5.124   6.460   -0.552  1.00 14.55 ? 508 HOH A O   1 
HETATM 1463 O O   . HOH C 3 .   ? 8.641   0.976   2.455   1.00 10.19 ? 509 HOH A O   1 
HETATM 1464 O O   . HOH C 3 .   ? -2.990  11.791  -6.824  1.00 20.58 ? 510 HOH A O   1 
HETATM 1465 O O   . HOH C 3 .   ? -2.177  0.706   17.005  1.00 16.79 ? 511 HOH A O   1 
HETATM 1466 O O   . HOH C 3 .   ? -0.617  3.792   17.288  1.00 16.87 ? 512 HOH A O   1 
HETATM 1467 O O   . HOH C 3 .   ? 0.920   -14.482 3.085   1.00 53.60 ? 513 HOH A O   1 
HETATM 1468 O O   . HOH C 3 .   ? 11.425  -0.750  -7.906  1.00 20.61 ? 514 HOH A O   1 
HETATM 1469 O O   . HOH C 3 .   ? 14.488  7.333   -5.584  1.00 36.40 ? 515 HOH A O   1 
HETATM 1470 O O   . HOH C 3 .   ? 8.494   4.030   -12.814 1.00 34.68 ? 516 HOH A O   1 
HETATM 1471 O O   . HOH C 3 .   ? 5.327   9.580   -7.236  1.00 17.12 ? 517 HOH A O   1 
HETATM 1472 O O   . HOH C 3 .   ? 7.689   10.660  -8.113  1.00 70.24 ? 518 HOH A O   1 
HETATM 1473 O O   . HOH C 3 .   ? 9.370   8.462   -12.313 1.00 61.52 ? 519 HOH A O   1 
HETATM 1474 O O   . HOH C 3 .   ? 0.808   9.181   -19.025 1.00 33.51 ? 520 HOH A O   1 
HETATM 1475 O O   . HOH C 3 .   ? -2.971  5.992   -25.284 1.00 19.50 ? 521 HOH A O   1 
HETATM 1476 O O   . HOH C 3 .   ? -4.442  6.967   -21.202 1.00 39.23 ? 522 HOH A O   1 
HETATM 1477 O O   . HOH C 3 .   ? -8.212  -2.111  -18.086 1.00 21.25 ? 523 HOH A O   1 
HETATM 1478 O O   . HOH C 3 .   ? -5.998  -3.727  -17.217 1.00 50.23 ? 524 HOH A O   1 
HETATM 1479 O O   . HOH C 3 .   ? 1.877   14.417  3.754   1.00 32.87 ? 525 HOH A O   1 
HETATM 1480 O O   . HOH C 3 .   ? -0.734  7.496   13.856  1.00 15.70 ? 526 HOH A O   1 
HETATM 1481 O O   . HOH C 3 .   ? 0.417   6.960   11.188  1.00 19.07 ? 527 HOH A O   1 
HETATM 1482 O O   . HOH C 3 .   ? -3.340  9.853   15.321  1.00 27.08 ? 528 HOH A O   1 
HETATM 1483 O O   . HOH C 3 .   ? -1.636  6.299   16.238  1.00 30.76 ? 529 HOH A O   1 
HETATM 1484 O O   . HOH C 3 .   ? -5.949  5.686   8.914   1.00 18.29 ? 530 HOH A O   1 
HETATM 1485 O O   . HOH C 3 .   ? -8.198  4.468   9.710   1.00 36.57 ? 531 HOH A O   1 
HETATM 1486 O O   . HOH C 3 .   ? -5.909  -17.822 -5.633  1.00 29.28 ? 532 HOH A O   1 
HETATM 1487 O O   . HOH C 3 .   ? 12.908  2.497   7.089   1.00 33.94 ? 533 HOH A O   1 
HETATM 1488 O O   . HOH C 3 .   ? 9.781   12.100  5.268   1.00 43.50 ? 534 HOH A O   1 
HETATM 1489 O O   . HOH C 3 .   ? 13.903  4.485   2.831   1.00 28.80 ? 535 HOH A O   1 
HETATM 1490 O O   . HOH C 3 .   ? 12.260  -1.066  7.147   1.00 38.31 ? 536 HOH A O   1 
HETATM 1491 O O   . HOH C 3 .   ? 6.491   -3.081  -14.251 1.00 26.97 ? 537 HOH A O   1 
HETATM 1492 O O   . HOH C 3 .   ? 2.311   9.899   -6.379  1.00 24.81 ? 538 HOH A O   1 
HETATM 1493 O O   . HOH C 3 .   ? -5.874  13.189  9.718   1.00 32.20 ? 539 HOH A O   1 
HETATM 1494 O O   . HOH C 3 .   ? -3.564  18.397  4.732   1.00 22.87 ? 540 HOH A O   1 
HETATM 1495 O O   . HOH C 3 .   ? -4.261  17.421  7.341   1.00 33.33 ? 541 HOH A O   1 
HETATM 1496 O O   . HOH C 3 .   ? -9.057  13.178  5.496   1.00 35.98 ? 542 HOH A O   1 
HETATM 1497 O O   . HOH C 3 .   ? -6.357  18.534  0.971   1.00 20.70 ? 543 HOH A O   1 
HETATM 1498 O O   . HOH C 3 .   ? -10.725 12.320  2.002   1.00 34.12 ? 544 HOH A O   1 
HETATM 1499 O O   . HOH C 3 .   ? -2.766  16.059  -2.366  1.00 48.34 ? 545 HOH A O   1 
HETATM 1500 O O   . HOH C 3 .   ? -2.874  15.388  -5.249  1.00 49.38 ? 546 HOH A O   1 
HETATM 1501 O O   . HOH C 3 .   ? -6.999  11.399  -9.996  1.00 56.23 ? 547 HOH A O   1 
HETATM 1502 O O   . HOH C 3 .   ? -13.329 8.097   -4.885  1.00 25.38 ? 548 HOH A O   1 
HETATM 1503 O O   . HOH C 3 .   ? -9.571  -11.179 -3.836  1.00 44.91 ? 549 HOH A O   1 
HETATM 1504 O O   . HOH C 3 .   ? -13.510 -3.302  7.926   1.00 33.64 ? 550 HOH A O   1 
HETATM 1505 O O   . HOH C 3 .   ? 4.960   -9.585  10.940  1.00 28.91 ? 551 HOH A O   1 
HETATM 1506 O O   . HOH C 3 .   ? 14.116  -0.985  20.364  1.00 43.66 ? 552 HOH A O   1 
HETATM 1507 O O   . HOH C 3 .   ? 14.385  2.151   17.994  1.00 47.80 ? 553 HOH A O   1 
HETATM 1508 O O   . HOH C 3 .   ? 3.054   7.229   21.580  1.00 43.55 ? 554 HOH A O   1 
HETATM 1509 O O   . HOH C 3 .   ? 8.919   -2.291  -15.566 1.00 57.83 ? 555 HOH A O   1 
HETATM 1510 O O   . HOH C 3 .   ? 4.178   2.674   -17.042 1.00 23.06 ? 556 HOH A O   1 
HETATM 1511 O O   . HOH C 3 .   ? 10.620  -2.834  8.608   1.00 20.93 ? 557 HOH A O   1 
HETATM 1512 O O   . HOH C 3 .   ? 13.593  -5.349  8.010   1.00 34.62 ? 558 HOH A O   1 
HETATM 1513 O O   . HOH C 3 .   ? 10.390  -14.048 3.602   1.00 61.12 ? 559 HOH A O   1 
HETATM 1514 O O   . HOH C 3 .   ? 1.026   -16.775 -4.136  1.00 35.64 ? 560 HOH A O   1 
HETATM 1515 O O   . HOH C 3 .   ? -0.887  -17.909 -5.871  1.00 37.63 ? 561 HOH A O   1 
HETATM 1516 O O   . HOH C 3 .   ? 2.053   18.026  1.083   1.00 50.47 ? 562 HOH A O   1 
HETATM 1517 O O   . HOH C 3 .   ? 9.426   -3.686  21.815  1.00 33.95 ? 563 HOH A O   1 
HETATM 1518 O O   . HOH C 3 .   ? 10.282  11.057  2.609   1.00 64.40 ? 564 HOH A O   1 
HETATM 1519 O O   . HOH C 3 .   ? 15.308  9.430   -4.056  1.00 63.71 ? 565 HOH A O   1 
HETATM 1520 O O   . HOH C 3 .   ? 10.941  9.789   -5.252  1.00 36.50 ? 566 HOH A O   1 
HETATM 1521 O O   . HOH C 3 .   ? 13.600  -4.341  3.370   1.00 69.44 ? 567 HOH A O   1 
HETATM 1522 O O   . HOH C 3 .   ? 13.939  -3.421  5.969   1.00 54.54 ? 568 HOH A O   1 
HETATM 1523 O O   . HOH C 3 .   ? 12.785  2.445   -10.657 1.00 28.14 ? 569 HOH A O   1 
HETATM 1524 O O   . HOH C 3 .   ? 3.141   17.187  5.602   1.00 75.12 ? 570 HOH A O   1 
HETATM 1525 O O   . HOH C 3 .   ? -12.539 11.764  -0.041  1.00 46.23 ? 571 HOH A O   1 
HETATM 1526 O O   . HOH C 3 .   ? 15.282  -7.521  8.191   1.00 49.86 ? 572 HOH A O   1 
HETATM 1527 O O   . HOH C 3 .   ? -8.457  13.758  2.733   1.00 34.39 ? 573 HOH A O   1 
HETATM 1528 O O   . HOH C 3 .   ? -3.110  -13.738 -12.756 1.00 48.04 ? 574 HOH A O   1 
HETATM 1529 O O   . HOH C 3 .   ? -13.170 3.689   -15.617 1.00 33.13 ? 575 HOH A O   1 
HETATM 1530 O O   . HOH C 3 .   ? -14.005 0.211   -14.184 1.00 88.90 ? 576 HOH A O   1 
HETATM 1531 O O   . HOH C 3 .   ? -13.416 9.478   -2.566  1.00 45.49 ? 577 HOH A O   1 
HETATM 1532 O O   . HOH C 3 .   ? -15.580 2.694   -10.519 1.00 43.44 ? 578 HOH A O   1 
HETATM 1533 O O   . HOH C 3 .   ? -8.598  -7.517  9.131   1.00 44.46 ? 579 HOH A O   1 
HETATM 1534 O O   . HOH C 3 .   ? 17.339  6.365   -12.736 1.00 47.41 ? 580 HOH A O   1 
HETATM 1535 O O   . HOH C 3 .   ? 13.256  -0.803  -10.297 1.00 36.86 ? 581 HOH A O   1 
HETATM 1536 O O   . HOH C 3 .   ? 15.027  1.022   -0.008  1.00 43.44 ? 582 HOH A O   1 
HETATM 1537 O O   . HOH C 3 .   ? 6.880   11.306  -14.380 1.00 74.47 ? 583 HOH A O   1 
HETATM 1538 O O   . HOH C 3 .   ? 2.621   6.743   -21.106 1.00 24.07 ? 584 HOH A O   1 
HETATM 1539 O O   . HOH C 3 .   ? -7.761  0.848   -21.025 1.00 37.29 ? 585 HOH A O   1 
HETATM 1540 O O   . HOH C 3 .   ? -5.058  -11.363 -16.784 1.00 31.75 ? 586 HOH A O   1 
HETATM 1541 O O   . HOH C 3 .   ? 14.219  -4.270  -5.738  1.00 44.96 ? 587 HOH A O   1 
HETATM 1542 O O   . HOH C 3 .   ? 12.474  -6.637  2.157   1.00 35.73 ? 588 HOH A O   1 
HETATM 1543 O O   . HOH C 3 .   ? 1.878   17.530  -4.861  1.00 55.41 ? 589 HOH A O   1 
HETATM 1544 O O   . HOH C 3 .   ? -9.751  16.214  2.355   1.00 29.86 ? 590 HOH A O   1 
HETATM 1545 O O   . HOH C 3 .   ? -3.222  -18.397 -12.337 1.00 47.05 ? 591 HOH A O   1 
HETATM 1546 O O   . HOH C 3 .   ? -5.258  7.589   -24.529 1.00 44.04 ? 592 HOH A O   1 
HETATM 1547 O O   . HOH C 3 .   ? 1.712   17.350  11.723  1.00 50.70 ? 593 HOH A O   1 
HETATM 1548 O O   . HOH C 3 .   ? -2.338  16.397  16.578  1.00 51.33 ? 594 HOH A O   1 
HETATM 1549 O O   . HOH C 3 .   ? -8.401  12.728  -4.766  1.00 59.97 ? 595 HOH A O   1 
HETATM 1550 O O   . HOH C 3 .   ? -19.712 5.124   -2.319  1.00 55.21 ? 596 HOH A O   1 
HETATM 1551 O O   . HOH C 3 .   ? -16.367 -1.499  -1.713  1.00 30.37 ? 597 HOH A O   1 
HETATM 1552 O O   . HOH C 3 .   ? -15.220 -3.155  -0.131  1.00 43.15 ? 598 HOH A O   1 
HETATM 1553 O O   . HOH C 3 .   ? -16.480 -2.336  -9.391  1.00 32.87 ? 599 HOH A O   1 
HETATM 1554 O O   . HOH C 3 .   ? -11.392 -7.781  -6.765  1.00 55.15 ? 600 HOH A O   1 
HETATM 1555 O O   . HOH C 3 .   ? -14.816 -8.915  5.882   1.00 58.46 ? 601 HOH A O   1 
HETATM 1556 O O   . HOH C 3 .   ? -7.424  -14.244 3.069   1.00 47.64 ? 602 HOH A O   1 
HETATM 1557 O O   . HOH C 3 .   ? -4.550  -9.292  9.037   1.00 27.84 ? 603 HOH A O   1 
HETATM 1558 O O   . HOH C 3 .   ? 2.554   -10.080 11.633  1.00 28.97 ? 604 HOH A O   1 
HETATM 1559 O O   . HOH C 3 .   ? 3.455   -11.419 14.615  1.00 57.31 ? 605 HOH A O   1 
HETATM 1560 O O   . HOH C 3 .   ? 7.395   8.545   16.436  1.00 29.26 ? 606 HOH A O   1 
HETATM 1561 O O   . HOH C 3 .   ? 15.182  -5.001  14.066  1.00 98.39 ? 607 HOH A O   1 
HETATM 1562 O O   . HOH C 3 .   ? 4.595   -13.081 8.707   1.00 89.83 ? 608 HOH A O   1 
HETATM 1563 O O   . HOH C 3 .   ? -10.211 -12.464 -0.878  1.00 41.86 ? 609 HOH A O   1 
HETATM 1564 O O   . HOH C 3 .   ? -1.645  15.191  -7.833  1.00 69.93 ? 610 HOH A O   1 
HETATM 1565 O O   . HOH C 3 .   ? 12.140  -4.754  -9.677  1.00 43.12 ? 611 HOH A O   1 
HETATM 1566 O O   . HOH C 3 .   ? 1.335   9.764   -21.688 1.00 40.88 ? 612 HOH A O   1 
HETATM 1567 O O   . HOH C 3 .   ? 5.864   12.251  -6.712  1.00 73.03 ? 613 HOH A O   1 
HETATM 1568 O O   . HOH C 3 .   ? -7.062  19.293  7.808   1.00 38.28 ? 614 HOH A O   1 
HETATM 1569 O O   . HOH C 3 .   ? -3.663  20.908  7.394   1.00 78.92 ? 615 HOH A O   1 
HETATM 1570 O O   . HOH C 3 .   ? -3.177  11.195  -9.483  1.00 70.04 ? 616 HOH A O   1 
HETATM 1571 O O   . HOH C 3 .   ? 6.831   8.721   19.580  1.00 47.43 ? 617 HOH A O   1 
HETATM 1572 O O   . HOH C 3 .   ? 7.283   -4.704  23.032  1.00 53.98 ? 618 HOH A O   1 
HETATM 1573 O O   . HOH C 3 .   ? -9.419  3.084   -20.967 1.00 73.75 ? 619 HOH A O   1 
# 
